data_2CE8
#
_entry.id   2CE8
#
_cell.length_a   107.585
_cell.length_b   56.352
_cell.length_c   125.245
_cell.angle_alpha   90.00
_cell.angle_beta   112.32
_cell.angle_gamma   90.00
#
_symmetry.space_group_name_H-M   'P 1 21 1'
#
loop_
_entity.id
_entity.type
_entity.pdbx_description
1 polymer 'TRANSDUCIN-LIKE ENHANCER PROTEIN 1'
2 polymer 'EH1 PEPTIDE'
3 water water
#
loop_
_entity_poly.entity_id
_entity_poly.type
_entity_poly.pdbx_seq_one_letter_code
_entity_poly.pdbx_strand_id
1 'polypeptide(L)'
;DYFQGAMGSKPAYSFHVTADGQMQPVPFPPDALIGPGIPRHARQINTLNHGEVVCAVTISNPTRHVYTGGKGCVKVWDIS
HPGNKSPVSQLDCLNRDNYIRSCKLLPDGCTLIVGGEASTLSIWDLAAPTPRIKAELTSSAPACYALAISPDSKVCFSCC
SDGNIAVWDLHNQTLVRQFQGHTDGASCIDISNDGTKLWTGGLDNTVRSWDLREGRQLQQHDFTSQIFSLGYCPTGEWLA
VGMESSNVEVLHVNKPDKYQLHLHESCVLSLKFAYCGKWFVSTGKDNLLNAWRTPYGASIFQSKESSSVLSCDISVDDKY
IVTGSGDKKATVYEVIY
;
A,B,C,D
2 'polypeptide(L)' MFSIDNILA X,Y
#
# COMPACT_ATOMS: atom_id res chain seq x y z
N ASP A 1 15.71 17.49 -42.34
CA ASP A 1 14.59 17.55 -41.33
C ASP A 1 14.07 18.98 -41.02
N TYR A 2 14.97 19.95 -40.83
CA TYR A 2 14.73 21.38 -40.34
C TYR A 2 14.50 21.64 -38.81
N PHE A 3 13.52 20.97 -38.24
CA PHE A 3 13.54 20.57 -36.83
C PHE A 3 13.77 19.06 -36.75
N GLN A 4 14.49 18.62 -35.74
CA GLN A 4 14.73 17.19 -35.52
C GLN A 4 14.18 16.83 -34.14
N GLY A 5 13.69 15.61 -34.01
CA GLY A 5 13.32 15.03 -32.70
C GLY A 5 14.49 15.09 -31.75
N ALA A 6 14.16 15.18 -30.46
CA ALA A 6 15.11 15.13 -29.36
C ALA A 6 14.30 14.57 -28.21
N MET A 7 14.75 13.48 -27.59
CA MET A 7 13.94 12.80 -26.63
C MET A 7 14.09 13.51 -25.28
N GLY A 8 12.97 13.69 -24.59
CA GLY A 8 12.97 14.14 -23.17
C GLY A 8 12.34 13.07 -22.30
N SER A 9 12.25 13.32 -21.00
CA SER A 9 11.66 12.34 -20.10
C SER A 9 11.13 13.09 -18.90
N LYS A 10 10.23 12.40 -18.18
CA LYS A 10 9.53 12.98 -17.01
C LYS A 10 9.32 11.85 -16.03
N PRO A 11 9.06 12.21 -14.74
CA PRO A 11 8.49 11.25 -13.80
C PRO A 11 7.21 10.70 -14.45
N ALA A 12 6.96 9.41 -14.26
CA ALA A 12 5.82 8.72 -14.93
C ALA A 12 4.57 9.57 -14.77
N TYR A 13 3.87 9.82 -15.90
CA TYR A 13 2.70 10.72 -15.97
C TYR A 13 1.50 9.97 -16.54
N SER A 14 1.73 8.80 -17.15
CA SER A 14 0.67 8.02 -17.79
C SER A 14 0.53 6.64 -17.13
N PHE A 15 -0.68 6.29 -16.67
CA PHE A 15 -0.93 5.08 -15.85
C PHE A 15 -2.12 4.27 -16.38
N HIS A 16 -1.99 2.96 -16.33
CA HIS A 16 -3.11 2.09 -16.62
C HIS A 16 -3.77 1.67 -15.32
N VAL A 17 -5.08 1.86 -15.23
CA VAL A 17 -5.87 1.56 -14.06
C VAL A 17 -6.76 0.34 -14.40
N THR A 18 -6.55 -0.78 -13.71
CA THR A 18 -7.33 -2.01 -13.97
C THR A 18 -8.64 -2.00 -13.19
N ALA A 19 -9.51 -2.98 -13.42
CA ALA A 19 -10.83 -3.04 -12.74
C ALA A 19 -10.78 -2.70 -11.22
N ASP A 20 -9.84 -3.33 -10.49
CA ASP A 20 -9.58 -2.97 -9.08
C ASP A 20 -8.90 -1.59 -9.01
N GLY A 21 -8.36 -1.19 -7.86
CA GLY A 21 -7.72 0.14 -7.82
C GLY A 21 -6.30 0.26 -8.40
N GLN A 22 -5.85 -0.76 -9.13
CA GLN A 22 -4.41 -0.91 -9.43
C GLN A 22 -3.92 -0.03 -10.58
N MET A 23 -2.75 0.58 -10.38
CA MET A 23 -2.28 1.70 -11.19
C MET A 23 -0.86 1.42 -11.58
N GLN A 24 -0.63 1.14 -12.86
CA GLN A 24 0.72 0.83 -13.30
C GLN A 24 1.17 1.87 -14.35
N PRO A 25 2.38 2.42 -14.19
CA PRO A 25 2.96 3.29 -15.21
C PRO A 25 3.00 2.54 -16.54
N VAL A 26 2.54 3.18 -17.62
CA VAL A 26 2.50 2.53 -18.94
C VAL A 26 3.89 2.33 -19.56
N PRO A 27 4.22 1.06 -19.93
CA PRO A 27 5.46 0.89 -20.72
C PRO A 27 5.11 1.17 -22.20
N PHE A 28 5.70 2.18 -22.81
CA PHE A 28 5.29 2.64 -24.14
C PHE A 28 5.75 1.67 -25.23
N PRO A 29 4.85 1.30 -26.16
CA PRO A 29 5.29 0.51 -27.32
C PRO A 29 6.23 1.33 -28.23
N PRO A 30 6.94 0.66 -29.17
CA PRO A 30 7.88 1.37 -30.07
C PRO A 30 7.27 2.50 -30.89
N ASP A 31 5.99 2.43 -31.19
CA ASP A 31 5.34 3.50 -31.99
C ASP A 31 4.51 4.46 -31.13
N ALA A 32 4.86 4.60 -29.86
CA ALA A 32 4.19 5.55 -28.97
C ALA A 32 4.46 7.03 -29.34
N LEU A 33 5.69 7.33 -29.73
CA LEU A 33 6.12 8.72 -29.82
C LEU A 33 6.54 9.07 -31.21
N ILE A 34 6.46 8.08 -32.09
CA ILE A 34 6.98 8.19 -33.43
C ILE A 34 6.34 7.12 -34.32
N GLY A 35 5.97 7.53 -35.53
CA GLY A 35 5.30 6.63 -36.47
C GLY A 35 4.48 7.34 -37.50
N PRO A 36 3.98 6.59 -38.51
CA PRO A 36 3.08 7.18 -39.50
C PRO A 36 1.85 7.86 -38.87
N GLY A 37 1.60 9.07 -39.31
CA GLY A 37 0.46 9.83 -38.80
C GLY A 37 0.68 10.37 -37.38
N ILE A 38 1.89 10.21 -36.86
CA ILE A 38 2.20 10.72 -35.54
C ILE A 38 3.01 12.00 -35.73
N PRO A 39 2.53 13.13 -35.17
CA PRO A 39 3.31 14.38 -35.31
C PRO A 39 4.71 14.31 -34.71
N ARG A 40 5.63 15.07 -35.31
CA ARG A 40 6.95 15.27 -34.76
C ARG A 40 6.94 16.53 -33.91
N HIS A 41 6.22 17.56 -34.35
CA HIS A 41 6.10 18.78 -33.59
C HIS A 41 5.08 19.73 -34.24
N ALA A 42 4.85 20.85 -33.55
CA ALA A 42 3.84 21.80 -33.99
C ALA A 42 4.46 23.21 -33.98
N ARG A 43 4.16 23.97 -35.02
CA ARG A 43 4.82 25.24 -35.29
C ARG A 43 3.73 26.29 -35.32
N GLN A 44 3.89 27.31 -34.49
CA GLN A 44 2.93 28.39 -34.50
C GLN A 44 3.09 29.20 -35.78
N ILE A 45 1.99 29.47 -36.48
CA ILE A 45 2.07 30.13 -37.80
C ILE A 45 1.19 31.40 -37.89
N ASN A 46 0.22 31.53 -37.01
CA ASN A 46 -0.60 32.76 -36.93
C ASN A 46 -1.04 33.01 -35.50
N THR A 47 -1.36 34.29 -35.24
CA THR A 47 -2.04 34.75 -34.03
C THR A 47 -3.23 35.59 -34.51
N LEU A 48 -4.42 35.33 -33.98
CA LEU A 48 -5.66 35.94 -34.45
C LEU A 48 -6.13 36.82 -33.28
N ASN A 49 -5.97 38.13 -33.43
CA ASN A 49 -6.14 39.05 -32.30
C ASN A 49 -7.60 39.41 -32.10
N HIS A 50 -8.42 38.44 -31.60
CA HIS A 50 -9.86 38.67 -31.35
C HIS A 50 -10.11 39.87 -30.42
N GLY A 51 -9.33 39.95 -29.35
CA GLY A 51 -9.45 41.05 -28.39
C GLY A 51 -10.43 40.77 -27.23
N GLU A 52 -11.06 39.59 -27.26
CA GLU A 52 -11.83 39.03 -26.13
C GLU A 52 -11.38 37.61 -25.94
N VAL A 53 -11.54 37.07 -24.72
CA VAL A 53 -11.16 35.69 -24.41
C VAL A 53 -11.86 34.75 -25.45
N VAL A 54 -11.06 33.90 -26.11
CA VAL A 54 -11.58 32.98 -27.12
C VAL A 54 -12.02 31.63 -26.51
N CYS A 55 -13.33 31.54 -26.27
CA CYS A 55 -13.94 30.39 -25.63
C CYS A 55 -14.31 29.28 -26.59
N ALA A 56 -14.29 29.60 -27.88
CA ALA A 56 -14.63 28.63 -28.89
C ALA A 56 -13.81 28.92 -30.16
N VAL A 57 -13.37 27.86 -30.85
CA VAL A 57 -12.64 28.02 -32.13
C VAL A 57 -13.00 26.88 -33.11
N THR A 58 -13.10 27.20 -34.41
CA THR A 58 -13.23 26.15 -35.42
C THR A 58 -12.58 26.57 -36.70
N ILE A 59 -12.17 25.58 -37.47
CA ILE A 59 -11.45 25.83 -38.70
C ILE A 59 -12.30 25.31 -39.83
N SER A 60 -12.32 26.02 -40.97
CA SER A 60 -13.15 25.63 -42.09
C SER A 60 -12.60 24.36 -42.80
N ASN A 61 -13.45 23.73 -43.59
CA ASN A 61 -12.96 22.75 -44.60
C ASN A 61 -13.40 23.17 -46.02
N PRO A 62 -12.44 23.45 -46.93
CA PRO A 62 -10.99 23.41 -46.78
C PRO A 62 -10.54 24.45 -45.77
N THR A 63 -9.37 24.21 -45.21
CA THR A 63 -8.77 25.09 -44.23
C THR A 63 -8.43 26.35 -44.99
N ARG A 64 -9.09 27.43 -44.65
CA ARG A 64 -8.72 28.77 -45.12
C ARG A 64 -9.25 29.84 -44.18
N HIS A 65 -10.34 29.54 -43.47
CA HIS A 65 -10.85 30.45 -42.46
C HIS A 65 -10.88 29.81 -41.12
N VAL A 66 -10.66 30.64 -40.11
CA VAL A 66 -10.86 30.24 -38.72
C VAL A 66 -11.95 31.12 -38.08
N TYR A 67 -12.80 30.50 -37.23
CA TYR A 67 -13.89 31.18 -36.54
C TYR A 67 -13.52 31.22 -35.07
N THR A 68 -13.45 32.42 -34.49
CA THR A 68 -13.16 32.58 -33.07
C THR A 68 -14.38 33.16 -32.34
N GLY A 69 -14.87 32.44 -31.32
CA GLY A 69 -15.98 32.94 -30.51
C GLY A 69 -15.46 33.72 -29.31
N GLY A 70 -15.85 34.98 -29.18
CA GLY A 70 -15.47 35.75 -27.99
C GLY A 70 -16.70 36.24 -27.24
N LYS A 71 -16.78 37.55 -27.05
CA LYS A 71 -17.84 38.15 -26.25
C LYS A 71 -18.77 38.76 -27.30
N GLY A 72 -19.96 38.17 -27.45
CA GLY A 72 -21.01 38.65 -28.37
C GLY A 72 -20.86 38.29 -29.85
N CYS A 73 -19.65 38.03 -30.31
CA CYS A 73 -19.46 37.85 -31.76
C CYS A 73 -18.50 36.73 -32.08
N VAL A 74 -18.69 36.17 -33.27
CA VAL A 74 -17.72 35.29 -33.89
C VAL A 74 -16.95 36.12 -34.94
N LYS A 75 -15.63 36.11 -34.86
CA LYS A 75 -14.84 36.72 -35.90
C LYS A 75 -14.34 35.67 -36.90
N VAL A 76 -14.24 36.06 -38.17
CA VAL A 76 -13.84 35.14 -39.25
C VAL A 76 -12.56 35.67 -39.79
N TRP A 77 -11.57 34.78 -39.87
CA TRP A 77 -10.20 35.16 -40.24
C TRP A 77 -9.80 34.34 -41.46
N ASP A 78 -9.23 35.02 -42.47
CA ASP A 78 -8.65 34.36 -43.62
C ASP A 78 -7.15 34.06 -43.39
N ILE A 79 -6.84 32.81 -43.04
CA ILE A 79 -5.48 32.42 -42.75
C ILE A 79 -4.73 31.99 -44.01
N SER A 80 -5.41 31.93 -45.14
CA SER A 80 -4.74 31.65 -46.41
C SER A 80 -4.10 32.94 -46.96
N HIS A 81 -4.38 34.08 -46.31
CA HIS A 81 -3.64 35.34 -46.55
C HIS A 81 -2.88 35.71 -45.27
N PRO A 82 -1.67 35.15 -45.13
CA PRO A 82 -0.87 35.27 -43.89
C PRO A 82 -0.64 36.70 -43.35
N GLY A 83 -0.57 37.69 -44.25
CA GLY A 83 -0.47 39.10 -43.85
C GLY A 83 -1.68 39.79 -43.17
N ASN A 84 -2.88 39.21 -43.28
CA ASN A 84 -4.07 39.82 -42.68
C ASN A 84 -3.89 39.97 -41.19
N LYS A 85 -4.26 41.12 -40.66
CA LYS A 85 -4.17 41.34 -39.20
C LYS A 85 -5.55 41.48 -38.54
N SER A 86 -6.60 41.58 -39.34
CA SER A 86 -7.94 41.71 -38.81
C SER A 86 -8.90 40.70 -39.47
N PRO A 87 -10.10 40.48 -38.87
CA PRO A 87 -11.07 39.54 -39.46
C PRO A 87 -11.53 40.02 -40.83
N VAL A 88 -12.05 39.10 -41.62
CA VAL A 88 -12.67 39.40 -42.91
C VAL A 88 -14.17 39.55 -42.71
N SER A 89 -14.70 38.93 -41.64
CA SER A 89 -16.14 39.04 -41.30
C SER A 89 -16.30 39.03 -39.80
N GLN A 90 -17.44 39.53 -39.32
CA GLN A 90 -17.81 39.43 -37.93
C GLN A 90 -19.28 39.10 -37.84
N LEU A 91 -19.59 38.10 -37.03
CA LEU A 91 -20.96 37.58 -36.88
C LEU A 91 -21.44 37.97 -35.51
N ASP A 92 -22.32 38.96 -35.46
CA ASP A 92 -22.87 39.44 -34.19
C ASP A 92 -23.99 38.53 -33.68
N CYS A 93 -23.71 37.75 -32.62
CA CYS A 93 -24.50 36.58 -32.20
C CYS A 93 -25.30 36.78 -30.93
N LEU A 94 -24.63 37.26 -29.88
CA LEU A 94 -25.28 37.44 -28.56
C LEU A 94 -25.15 38.89 -28.13
N ASN A 95 -25.74 39.21 -26.99
CA ASN A 95 -25.45 40.46 -26.29
C ASN A 95 -23.93 40.59 -26.09
N ARG A 96 -23.45 41.81 -26.34
CA ARG A 96 -22.04 42.16 -26.35
C ARG A 96 -21.32 41.75 -25.09
N ASP A 97 -22.05 41.49 -24.02
CA ASP A 97 -21.44 41.14 -22.71
C ASP A 97 -21.50 39.62 -22.43
N ASN A 98 -22.17 38.87 -23.32
CA ASN A 98 -22.26 37.40 -23.21
C ASN A 98 -21.27 36.65 -24.11
N TYR A 99 -20.54 35.71 -23.50
CA TYR A 99 -19.61 34.84 -24.23
C TYR A 99 -20.28 33.78 -25.09
N ILE A 100 -19.76 33.67 -26.32
CA ILE A 100 -19.92 32.50 -27.17
C ILE A 100 -19.21 31.34 -26.44
N ARG A 101 -19.83 30.15 -26.44
CA ARG A 101 -19.25 28.97 -25.78
C ARG A 101 -18.93 27.84 -26.73
N SER A 102 -19.55 27.86 -27.91
CA SER A 102 -19.40 26.80 -28.90
C SER A 102 -19.73 27.33 -30.32
N CYS A 103 -18.96 26.89 -31.29
CA CYS A 103 -19.36 27.11 -32.67
C CYS A 103 -18.99 25.96 -33.57
N LYS A 104 -19.98 25.52 -34.33
CA LYS A 104 -19.83 24.30 -35.12
C LYS A 104 -20.22 24.54 -36.58
N LEU A 105 -19.39 24.01 -37.47
CA LEU A 105 -19.65 24.11 -38.89
C LEU A 105 -20.39 22.84 -39.26
N LEU A 106 -21.41 22.96 -40.10
CA LEU A 106 -21.99 21.78 -40.71
C LEU A 106 -20.97 21.10 -41.64
N PRO A 107 -21.06 19.76 -41.78
CA PRO A 107 -20.13 18.96 -42.60
C PRO A 107 -19.83 19.54 -43.98
N ASP A 108 -20.78 20.24 -44.58
CA ASP A 108 -20.59 20.79 -45.91
C ASP A 108 -20.00 22.20 -45.98
N GLY A 109 -19.87 22.88 -44.82
CA GLY A 109 -19.17 24.18 -44.72
C GLY A 109 -20.02 25.41 -45.04
N CYS A 110 -21.27 25.16 -45.39
CA CYS A 110 -22.20 26.24 -45.74
C CYS A 110 -22.83 26.95 -44.56
N THR A 111 -22.82 26.31 -43.40
CA THR A 111 -23.57 26.74 -42.21
C THR A 111 -22.73 26.65 -40.91
N LEU A 112 -22.82 27.69 -40.09
CA LEU A 112 -22.27 27.74 -38.74
C LEU A 112 -23.37 27.86 -37.68
N ILE A 113 -23.34 26.99 -36.68
CA ILE A 113 -24.26 27.08 -35.53
C ILE A 113 -23.45 27.61 -34.32
N VAL A 114 -23.99 28.63 -33.64
CA VAL A 114 -23.32 29.30 -32.53
C VAL A 114 -24.19 29.29 -31.23
N GLY A 115 -23.60 28.90 -30.10
CA GLY A 115 -24.34 28.96 -28.85
C GLY A 115 -23.43 29.52 -27.78
N GLY A 116 -24.02 30.04 -26.72
CA GLY A 116 -23.21 30.48 -25.62
C GLY A 116 -24.07 30.90 -24.45
N GLU A 117 -23.64 31.97 -23.80
CA GLU A 117 -24.29 32.35 -22.57
C GLU A 117 -25.57 33.18 -22.85
N ALA A 118 -26.55 32.52 -23.47
CA ALA A 118 -27.80 33.14 -23.84
C ALA A 118 -28.73 31.99 -24.22
N SER A 119 -30.02 32.26 -24.26
CA SER A 119 -31.03 31.29 -24.69
C SER A 119 -31.11 30.96 -26.18
N THR A 120 -30.45 31.72 -27.03
CA THR A 120 -30.65 31.48 -28.46
C THR A 120 -29.38 30.92 -29.14
N LEU A 121 -29.59 29.95 -30.03
CA LEU A 121 -28.52 29.41 -30.87
C LEU A 121 -28.78 30.10 -32.20
N SER A 122 -27.74 30.65 -32.83
CA SER A 122 -27.89 31.31 -34.13
C SER A 122 -27.34 30.42 -35.24
N ILE A 123 -28.08 30.30 -36.33
CA ILE A 123 -27.68 29.55 -37.51
C ILE A 123 -27.32 30.52 -38.63
N TRP A 124 -26.05 30.43 -39.08
CA TRP A 124 -25.48 31.36 -40.09
C TRP A 124 -25.26 30.74 -41.45
N ASP A 125 -25.83 31.36 -42.49
CA ASP A 125 -25.54 31.02 -43.88
C ASP A 125 -24.17 31.60 -44.25
N LEU A 126 -23.23 30.74 -44.65
CA LEU A 126 -21.89 31.20 -45.02
C LEU A 126 -21.64 31.37 -46.54
N ALA A 127 -22.58 30.90 -47.38
CA ALA A 127 -22.60 31.23 -48.83
C ALA A 127 -22.76 32.74 -49.13
N ALA A 128 -21.88 33.26 -50.00
CA ALA A 128 -21.52 34.71 -50.11
C ALA A 128 -22.71 35.66 -50.37
N PRO A 129 -22.57 37.00 -50.07
CA PRO A 129 -21.44 37.90 -49.72
C PRO A 129 -20.48 37.65 -48.51
N THR A 130 -20.60 38.26 -47.31
CA THR A 130 -21.81 38.52 -46.48
C THR A 130 -22.37 37.21 -45.87
N PRO A 131 -21.71 36.72 -44.80
CA PRO A 131 -22.33 35.74 -43.90
C PRO A 131 -23.52 36.36 -43.17
N ARG A 132 -24.67 35.72 -43.31
CA ARG A 132 -25.94 36.21 -42.75
C ARG A 132 -26.63 35.14 -41.90
N ILE A 133 -27.41 35.63 -40.93
CA ILE A 133 -28.20 34.83 -40.04
C ILE A 133 -29.41 34.27 -40.79
N LYS A 134 -29.58 32.97 -40.66
CA LYS A 134 -30.51 32.20 -41.44
C LYS A 134 -31.68 31.80 -40.54
N ALA A 135 -31.38 31.41 -39.29
CA ALA A 135 -32.41 31.07 -38.30
C ALA A 135 -31.88 31.19 -36.86
N GLU A 136 -32.81 31.18 -35.91
CA GLU A 136 -32.47 31.07 -34.49
C GLU A 136 -33.25 29.95 -33.81
N LEU A 137 -32.59 29.25 -32.92
CA LEU A 137 -33.26 28.25 -32.10
C LEU A 137 -33.30 28.84 -30.71
N THR A 138 -34.50 28.99 -30.14
CA THR A 138 -34.64 29.60 -28.80
C THR A 138 -34.97 28.52 -27.78
N SER A 139 -34.06 28.31 -26.83
CA SER A 139 -34.30 27.33 -25.79
C SER A 139 -34.85 28.05 -24.54
N SER A 140 -35.31 27.30 -23.54
CA SER A 140 -35.63 27.88 -22.24
C SER A 140 -34.54 27.65 -21.20
N ALA A 141 -33.47 26.94 -21.58
CA ALA A 141 -32.25 26.90 -20.77
C ALA A 141 -31.51 28.25 -20.90
N PRO A 142 -30.98 28.79 -19.80
CA PRO A 142 -30.23 30.05 -19.81
C PRO A 142 -29.00 30.09 -20.69
N ALA A 143 -28.30 28.95 -20.87
CA ALA A 143 -27.04 28.96 -21.65
C ALA A 143 -26.78 27.66 -22.35
N CYS A 144 -26.03 27.77 -23.46
CA CYS A 144 -25.45 26.61 -24.12
C CYS A 144 -23.93 26.54 -23.81
N TYR A 145 -23.44 25.39 -23.37
CA TYR A 145 -22.00 25.23 -23.09
C TYR A 145 -21.23 24.46 -24.16
N ALA A 146 -21.94 23.70 -25.01
CA ALA A 146 -21.29 22.86 -26.04
C ALA A 146 -22.33 22.42 -27.10
N LEU A 147 -21.87 22.22 -28.33
CA LEU A 147 -22.73 21.77 -29.45
C LEU A 147 -22.10 20.58 -30.19
N ALA A 148 -22.93 19.78 -30.86
CA ALA A 148 -22.50 18.67 -31.72
C ALA A 148 -23.53 18.51 -32.80
N ILE A 149 -23.09 18.20 -34.01
CA ILE A 149 -23.99 18.10 -35.16
C ILE A 149 -24.05 16.60 -35.50
N SER A 150 -25.20 16.07 -35.87
CA SER A 150 -25.31 14.66 -36.28
C SER A 150 -24.52 14.45 -37.57
N PRO A 151 -24.00 13.22 -37.78
CA PRO A 151 -23.17 13.05 -39.00
C PRO A 151 -23.97 13.21 -40.32
N ASP A 152 -25.27 12.95 -40.28
CA ASP A 152 -26.13 13.29 -41.41
C ASP A 152 -26.52 14.79 -41.51
N SER A 153 -25.99 15.65 -40.63
CA SER A 153 -26.34 17.08 -40.68
C SER A 153 -27.79 17.49 -40.32
N LYS A 154 -28.65 16.60 -39.85
CA LYS A 154 -30.08 16.94 -39.67
C LYS A 154 -30.38 17.57 -38.30
N VAL A 155 -29.55 17.24 -37.32
CA VAL A 155 -29.84 17.56 -35.93
C VAL A 155 -28.64 18.25 -35.30
N CYS A 156 -28.93 19.20 -34.44
CA CYS A 156 -27.94 19.80 -33.59
C CYS A 156 -28.25 19.41 -32.13
N PHE A 157 -27.22 18.96 -31.39
CA PHE A 157 -27.33 18.65 -29.96
C PHE A 157 -26.74 19.81 -29.16
N SER A 158 -27.49 20.35 -28.20
CA SER A 158 -26.99 21.45 -27.38
C SER A 158 -26.94 21.06 -25.88
N CYS A 159 -25.77 21.22 -25.28
CA CYS A 159 -25.54 20.97 -23.86
C CYS A 159 -25.99 22.22 -23.10
N CYS A 160 -27.07 22.08 -22.33
CA CYS A 160 -27.69 23.19 -21.60
C CYS A 160 -27.11 23.34 -20.20
N SER A 161 -27.15 24.56 -19.67
CA SER A 161 -26.62 24.89 -18.36
C SER A 161 -27.45 24.26 -17.22
N ASP A 162 -28.64 23.80 -17.53
CA ASP A 162 -29.46 23.10 -16.54
C ASP A 162 -29.20 21.58 -16.56
N GLY A 163 -28.26 21.13 -17.41
CA GLY A 163 -27.90 19.74 -17.52
C GLY A 163 -28.62 18.94 -18.60
N ASN A 164 -29.66 19.50 -19.18
CA ASN A 164 -30.36 18.86 -20.31
C ASN A 164 -29.53 18.89 -21.61
N ILE A 165 -29.73 17.89 -22.46
CA ILE A 165 -29.20 17.90 -23.84
C ILE A 165 -30.37 18.08 -24.80
N ALA A 166 -30.45 19.25 -25.43
CA ALA A 166 -31.48 19.58 -26.40
C ALA A 166 -31.14 19.01 -27.77
N VAL A 167 -32.12 18.40 -28.41
CA VAL A 167 -31.94 17.87 -29.76
C VAL A 167 -32.81 18.70 -30.70
N TRP A 168 -32.18 19.44 -31.60
CA TRP A 168 -32.84 20.36 -32.51
C TRP A 168 -32.90 19.79 -33.94
N ASP A 169 -34.09 19.68 -34.49
CA ASP A 169 -34.29 19.39 -35.91
C ASP A 169 -33.99 20.72 -36.60
N LEU A 170 -32.92 20.74 -37.38
CA LEU A 170 -32.44 21.98 -37.99
C LEU A 170 -33.36 22.52 -39.11
N HIS A 171 -33.91 21.63 -39.94
CA HIS A 171 -34.83 22.01 -41.02
C HIS A 171 -36.02 22.85 -40.55
N ASN A 172 -36.73 22.38 -39.51
CA ASN A 172 -37.87 23.12 -39.02
C ASN A 172 -37.71 23.84 -37.65
N GLN A 173 -36.48 23.90 -37.16
CA GLN A 173 -36.17 24.62 -35.92
C GLN A 173 -37.05 24.20 -34.74
N THR A 174 -37.17 22.91 -34.52
CA THR A 174 -37.99 22.42 -33.43
C THR A 174 -37.15 21.53 -32.55
N LEU A 175 -37.29 21.69 -31.24
CA LEU A 175 -36.66 20.83 -30.26
C LEU A 175 -37.41 19.52 -30.28
N VAL A 176 -36.78 18.47 -30.81
CA VAL A 176 -37.48 17.21 -30.99
C VAL A 176 -37.30 16.24 -29.83
N ARG A 177 -36.24 16.42 -29.06
CA ARG A 177 -35.96 15.53 -27.93
C ARG A 177 -35.16 16.25 -26.87
N GLN A 178 -35.23 15.78 -25.64
CA GLN A 178 -34.40 16.30 -24.60
C GLN A 178 -33.90 15.13 -23.76
N PHE A 179 -32.57 14.96 -23.67
CA PHE A 179 -31.96 13.96 -22.80
C PHE A 179 -31.84 14.53 -21.38
N GLN A 180 -32.59 13.94 -20.44
CA GLN A 180 -32.60 14.42 -19.06
C GLN A 180 -31.86 13.43 -18.20
N GLY A 181 -31.06 13.96 -17.28
CA GLY A 181 -30.13 13.15 -16.52
C GLY A 181 -29.17 13.99 -15.72
N HIS A 182 -28.26 14.70 -16.40
CA HIS A 182 -27.30 15.58 -15.72
C HIS A 182 -28.02 16.49 -14.71
N THR A 183 -27.48 16.57 -13.48
CA THR A 183 -28.11 17.34 -12.40
C THR A 183 -27.40 18.66 -12.16
N ASP A 184 -26.45 18.95 -13.03
CA ASP A 184 -25.81 20.27 -13.11
C ASP A 184 -25.49 20.39 -14.62
N GLY A 185 -24.87 21.50 -15.03
CA GLY A 185 -24.69 21.81 -16.43
C GLY A 185 -23.97 20.73 -17.23
N ALA A 186 -24.42 20.49 -18.46
CA ALA A 186 -23.71 19.63 -19.35
C ALA A 186 -22.67 20.49 -20.09
N SER A 187 -21.42 20.10 -19.96
CA SER A 187 -20.29 20.93 -20.33
C SER A 187 -19.63 20.53 -21.66
N CYS A 188 -19.85 19.29 -22.09
CA CYS A 188 -19.19 18.78 -23.27
C CYS A 188 -19.92 17.58 -23.84
N ILE A 189 -19.53 17.18 -25.04
CA ILE A 189 -20.37 16.25 -25.83
C ILE A 189 -19.61 15.72 -27.03
N ASP A 190 -19.85 14.44 -27.34
CA ASP A 190 -19.38 13.90 -28.59
C ASP A 190 -20.32 12.77 -28.99
N ILE A 191 -20.16 12.30 -30.22
CA ILE A 191 -20.97 11.18 -30.78
C ILE A 191 -20.02 9.99 -31.00
N SER A 192 -20.51 8.75 -30.81
CA SER A 192 -19.66 7.57 -30.98
C SER A 192 -19.28 7.41 -32.45
N ASN A 193 -18.18 6.70 -32.73
CA ASN A 193 -17.73 6.56 -34.12
C ASN A 193 -18.78 5.83 -35.01
N ASP A 194 -19.63 4.97 -34.45
CA ASP A 194 -20.70 4.34 -35.29
C ASP A 194 -21.97 5.18 -35.39
N GLY A 195 -21.91 6.39 -34.80
CA GLY A 195 -23.00 7.34 -34.81
C GLY A 195 -24.28 7.02 -34.05
N THR A 196 -24.24 6.00 -33.19
CA THR A 196 -25.47 5.50 -32.58
C THR A 196 -25.65 5.97 -31.16
N LYS A 197 -24.55 6.44 -30.55
CA LYS A 197 -24.55 6.81 -29.16
C LYS A 197 -24.01 8.22 -28.96
N LEU A 198 -24.63 8.92 -28.02
CA LEU A 198 -24.14 10.23 -27.60
C LEU A 198 -23.39 10.07 -26.30
N TRP A 199 -22.33 10.85 -26.13
CA TRP A 199 -21.54 10.86 -24.88
C TRP A 199 -21.44 12.29 -24.35
N THR A 200 -21.75 12.50 -23.07
CA THR A 200 -21.81 13.84 -22.53
C THR A 200 -21.09 13.88 -21.18
N GLY A 201 -20.54 15.04 -20.83
CA GLY A 201 -19.89 15.18 -19.58
C GLY A 201 -20.51 16.31 -18.80
N GLY A 202 -20.44 16.20 -17.48
CA GLY A 202 -21.15 17.15 -16.66
C GLY A 202 -20.44 17.74 -15.47
N LEU A 203 -21.00 18.85 -15.01
CA LEU A 203 -20.54 19.57 -13.89
C LEU A 203 -21.12 18.88 -12.65
N ASP A 204 -21.94 17.84 -12.87
CA ASP A 204 -22.36 16.93 -11.80
C ASP A 204 -21.38 15.74 -11.60
N ASN A 205 -20.16 15.85 -12.15
CA ASN A 205 -19.12 14.81 -12.05
C ASN A 205 -19.43 13.50 -12.78
N THR A 206 -20.29 13.55 -13.79
CA THR A 206 -20.60 12.30 -14.51
C THR A 206 -20.25 12.40 -15.97
N VAL A 207 -19.96 11.25 -16.56
CA VAL A 207 -20.07 11.06 -17.98
C VAL A 207 -21.25 10.12 -18.20
N ARG A 208 -22.09 10.46 -19.17
CA ARG A 208 -23.27 9.65 -19.53
C ARG A 208 -23.22 9.29 -21.02
N SER A 209 -23.61 8.06 -21.33
CA SER A 209 -23.86 7.62 -22.71
C SER A 209 -25.39 7.49 -22.92
N TRP A 210 -25.84 7.75 -24.14
CA TRP A 210 -27.26 7.83 -24.44
C TRP A 210 -27.44 7.14 -25.75
N ASP A 211 -28.50 6.33 -25.83
CA ASP A 211 -28.92 5.80 -27.09
C ASP A 211 -29.66 6.84 -27.98
N LEU A 212 -29.07 7.19 -29.11
CA LEU A 212 -29.69 8.14 -30.06
C LEU A 212 -31.02 7.70 -30.70
N ARG A 213 -31.21 6.39 -30.91
CA ARG A 213 -32.49 5.87 -31.45
C ARG A 213 -33.63 5.91 -30.42
N GLU A 214 -33.40 5.34 -29.23
CA GLU A 214 -34.43 5.22 -28.18
C GLU A 214 -34.55 6.46 -27.27
N GLY A 215 -33.45 7.19 -27.10
CA GLY A 215 -33.41 8.35 -26.23
C GLY A 215 -33.02 8.15 -24.77
N ARG A 216 -32.65 6.93 -24.38
CA ARG A 216 -32.47 6.59 -22.95
C ARG A 216 -30.99 6.63 -22.52
N GLN A 217 -30.74 7.02 -21.27
CA GLN A 217 -29.39 6.93 -20.71
C GLN A 217 -29.01 5.47 -20.62
N LEU A 218 -27.80 5.16 -21.08
CA LEU A 218 -27.25 3.80 -21.06
C LEU A 218 -26.22 3.55 -19.91
N GLN A 219 -25.15 4.34 -19.85
CA GLN A 219 -24.11 4.16 -18.83
C GLN A 219 -24.02 5.46 -18.01
N GLN A 220 -23.39 5.39 -16.85
CA GLN A 220 -22.99 6.55 -16.09
C GLN A 220 -21.66 6.25 -15.40
N HIS A 221 -20.73 7.19 -15.55
CA HIS A 221 -19.45 7.13 -14.89
C HIS A 221 -19.38 8.32 -13.97
N ASP A 222 -19.16 8.01 -12.69
CA ASP A 222 -19.13 8.98 -11.59
C ASP A 222 -17.66 9.20 -11.32
N PHE A 223 -17.24 10.45 -11.31
CA PHE A 223 -15.86 10.83 -10.97
C PHE A 223 -15.84 11.68 -9.73
N THR A 224 -14.64 12.00 -9.25
CA THR A 224 -14.48 12.79 -8.04
C THR A 224 -14.36 14.28 -8.35
N SER A 225 -14.43 14.64 -9.63
CA SER A 225 -14.41 16.07 -9.99
C SER A 225 -15.23 16.30 -11.23
N GLN A 226 -15.43 17.58 -11.56
CA GLN A 226 -16.23 17.96 -12.69
C GLN A 226 -15.55 17.67 -14.00
N ILE A 227 -16.35 17.34 -15.01
CA ILE A 227 -15.88 17.14 -16.36
C ILE A 227 -16.05 18.44 -17.15
N PHE A 228 -14.98 18.87 -17.83
CA PHE A 228 -15.03 20.05 -18.71
C PHE A 228 -14.99 19.76 -20.20
N SER A 229 -14.38 18.63 -20.57
CA SER A 229 -14.19 18.30 -21.97
C SER A 229 -14.18 16.79 -22.19
N LEU A 230 -14.50 16.41 -23.42
CA LEU A 230 -14.53 15.00 -23.80
C LEU A 230 -14.45 14.83 -25.30
N GLY A 231 -13.97 13.65 -25.67
CA GLY A 231 -13.79 13.33 -27.06
C GLY A 231 -13.88 11.84 -27.27
N TYR A 232 -14.58 11.39 -28.32
CA TYR A 232 -14.67 9.96 -28.67
C TYR A 232 -13.69 9.63 -29.78
N CYS A 233 -12.83 8.64 -29.56
CA CYS A 233 -11.86 8.27 -30.56
C CYS A 233 -12.57 7.90 -31.88
N PRO A 234 -12.23 8.59 -32.99
CA PRO A 234 -12.95 8.26 -34.26
C PRO A 234 -12.73 6.85 -34.79
N THR A 235 -11.74 6.12 -34.30
CA THR A 235 -11.63 4.71 -34.74
C THR A 235 -12.22 3.77 -33.66
N GLY A 236 -12.81 4.35 -32.61
CA GLY A 236 -13.54 3.56 -31.64
C GLY A 236 -12.80 3.25 -30.35
N GLU A 237 -13.53 2.61 -29.42
CA GLU A 237 -12.95 1.93 -28.27
C GLU A 237 -12.61 2.78 -27.04
N TRP A 238 -12.26 4.06 -27.26
CA TRP A 238 -11.70 4.93 -26.24
C TRP A 238 -12.40 6.27 -26.18
N LEU A 239 -12.70 6.71 -24.96
CA LEU A 239 -13.25 8.04 -24.71
C LEU A 239 -12.29 8.79 -23.81
N ALA A 240 -11.80 9.94 -24.29
CA ALA A 240 -10.98 10.80 -23.43
C ALA A 240 -11.80 11.90 -22.75
N VAL A 241 -11.52 12.15 -21.48
CA VAL A 241 -12.33 13.04 -20.63
C VAL A 241 -11.36 13.95 -19.88
N GLY A 242 -11.57 15.25 -20.00
CA GLY A 242 -10.73 16.26 -19.34
C GLY A 242 -11.40 16.71 -18.06
N MET A 243 -10.67 16.61 -16.94
CA MET A 243 -11.24 16.80 -15.62
C MET A 243 -10.77 18.12 -15.02
N GLU A 244 -11.65 18.67 -14.21
CA GLU A 244 -11.31 19.77 -13.34
C GLU A 244 -10.10 19.42 -12.46
N SER A 245 -9.96 18.13 -12.10
CA SER A 245 -8.84 17.68 -11.22
C SER A 245 -7.44 17.84 -11.86
N SER A 246 -7.43 18.11 -13.16
CA SER A 246 -6.19 18.20 -14.02
C SER A 246 -5.84 16.91 -14.78
N ASN A 247 -6.55 15.83 -14.47
CA ASN A 247 -6.37 14.54 -15.16
C ASN A 247 -7.00 14.60 -16.54
N VAL A 248 -6.44 13.84 -17.47
CA VAL A 248 -7.18 13.30 -18.60
C VAL A 248 -7.42 11.80 -18.27
N GLU A 249 -8.66 11.34 -18.40
CA GLU A 249 -9.00 9.95 -18.17
C GLU A 249 -9.37 9.41 -19.56
N VAL A 250 -8.71 8.33 -19.96
CA VAL A 250 -9.01 7.66 -21.21
C VAL A 250 -9.71 6.37 -20.91
N LEU A 251 -11.04 6.40 -21.02
CA LEU A 251 -11.93 5.31 -20.66
C LEU A 251 -12.01 4.29 -21.79
N HIS A 252 -11.87 3.03 -21.42
CA HIS A 252 -12.06 1.91 -22.35
C HIS A 252 -13.57 1.68 -22.50
N VAL A 253 -14.13 1.98 -23.66
CA VAL A 253 -15.58 2.05 -23.82
C VAL A 253 -16.20 0.64 -23.48
N ASN A 254 -17.14 0.61 -22.53
CA ASN A 254 -17.79 -0.63 -22.06
C ASN A 254 -17.01 -1.54 -21.11
N LYS A 255 -15.78 -1.18 -20.80
CA LYS A 255 -14.85 -2.06 -20.11
C LYS A 255 -14.32 -1.40 -18.83
N PRO A 256 -13.92 -2.19 -17.83
CA PRO A 256 -13.58 -1.51 -16.56
C PRO A 256 -12.22 -0.78 -16.46
N ASP A 257 -11.33 -0.93 -17.44
CA ASP A 257 -10.01 -0.33 -17.31
C ASP A 257 -9.92 1.04 -18.02
N LYS A 258 -8.87 1.80 -17.71
CA LYS A 258 -8.70 3.14 -18.29
C LYS A 258 -7.25 3.53 -18.16
N TYR A 259 -6.92 4.69 -18.75
CA TYR A 259 -5.62 5.33 -18.60
C TYR A 259 -5.86 6.65 -17.88
N GLN A 260 -4.94 7.00 -16.99
CA GLN A 260 -4.96 8.32 -16.32
C GLN A 260 -3.68 9.00 -16.62
N LEU A 261 -3.81 10.22 -17.13
CA LEU A 261 -2.72 11.00 -17.72
C LEU A 261 -2.60 12.29 -16.90
N HIS A 262 -1.39 12.60 -16.48
CA HIS A 262 -1.12 13.71 -15.56
C HIS A 262 -0.05 14.67 -16.11
N LEU A 263 -0.42 15.57 -17.01
CA LEU A 263 0.54 16.57 -17.54
C LEU A 263 -0.06 18.00 -17.51
N HIS A 264 -1.14 18.16 -16.76
CA HIS A 264 -1.70 19.49 -16.48
C HIS A 264 -1.60 19.79 -15.02
N GLU A 265 -1.47 21.07 -14.67
CA GLU A 265 -1.45 21.52 -13.27
C GLU A 265 -2.79 22.10 -12.85
N SER A 266 -3.66 22.33 -13.83
CA SER A 266 -5.00 22.81 -13.55
C SER A 266 -6.09 22.11 -14.39
N CYS A 267 -7.33 22.60 -14.31
CA CYS A 267 -8.46 22.10 -15.09
C CYS A 267 -8.11 21.85 -16.54
N VAL A 268 -8.53 20.71 -17.08
CA VAL A 268 -8.48 20.43 -18.52
C VAL A 268 -9.76 21.00 -19.24
N LEU A 269 -9.58 22.14 -19.90
CA LEU A 269 -10.71 22.90 -20.43
C LEU A 269 -11.27 22.44 -21.76
N SER A 270 -10.40 21.81 -22.56
CA SER A 270 -10.79 21.32 -23.88
C SER A 270 -9.95 20.12 -24.35
N LEU A 271 -10.53 19.34 -25.23
CA LEU A 271 -9.77 18.27 -25.83
C LEU A 271 -10.32 17.95 -27.18
N LYS A 272 -9.48 17.38 -28.02
CA LYS A 272 -9.91 17.01 -29.37
C LYS A 272 -9.00 15.91 -29.96
N PHE A 273 -9.65 14.85 -30.47
CA PHE A 273 -8.98 13.80 -31.22
C PHE A 273 -8.63 14.28 -32.61
N ALA A 274 -7.45 13.89 -33.07
CA ALA A 274 -7.12 13.96 -34.50
C ALA A 274 -8.13 13.12 -35.22
N TYR A 275 -8.39 13.48 -36.47
CA TYR A 275 -9.33 12.72 -37.30
C TYR A 275 -8.85 11.29 -37.59
N CYS A 276 -7.55 11.05 -37.60
CA CYS A 276 -7.07 9.67 -37.79
C CYS A 276 -7.26 8.84 -36.48
N GLY A 277 -7.46 9.55 -35.36
CA GLY A 277 -7.68 8.89 -34.06
C GLY A 277 -6.46 8.43 -33.32
N LYS A 278 -5.29 8.49 -33.95
CA LYS A 278 -4.07 7.95 -33.38
C LYS A 278 -3.45 8.84 -32.30
N TRP A 279 -3.95 10.06 -32.19
CA TRP A 279 -3.44 11.02 -31.20
C TRP A 279 -4.59 12.02 -30.93
N PHE A 280 -4.42 12.80 -29.86
CA PHE A 280 -5.36 13.85 -29.43
C PHE A 280 -4.61 14.92 -28.68
N VAL A 281 -5.26 16.06 -28.49
CA VAL A 281 -4.70 17.15 -27.69
C VAL A 281 -5.65 17.50 -26.60
N SER A 282 -5.09 18.04 -25.51
CA SER A 282 -5.84 18.59 -24.39
C SER A 282 -5.25 19.98 -24.08
N THR A 283 -6.11 20.85 -23.52
CA THR A 283 -5.69 22.20 -23.19
C THR A 283 -6.09 22.48 -21.79
N GLY A 284 -5.29 23.31 -21.15
CA GLY A 284 -5.50 23.60 -19.77
C GLY A 284 -5.52 25.05 -19.41
N LYS A 285 -6.15 25.25 -18.26
CA LYS A 285 -6.05 26.50 -17.51
C LYS A 285 -4.58 26.82 -17.13
N ASP A 286 -3.71 25.79 -17.11
CA ASP A 286 -2.29 25.97 -16.84
C ASP A 286 -1.49 26.45 -18.06
N ASN A 287 -2.17 26.76 -19.17
CA ASN A 287 -1.51 27.37 -20.36
C ASN A 287 -0.96 26.35 -21.36
N LEU A 288 -1.11 25.04 -21.08
CA LEU A 288 -0.50 24.02 -21.96
C LEU A 288 -1.47 23.48 -22.98
N LEU A 289 -0.96 23.29 -24.19
CA LEU A 289 -1.55 22.41 -25.16
C LEU A 289 -0.71 21.11 -25.12
N ASN A 290 -1.32 19.99 -24.74
CA ASN A 290 -0.62 18.68 -24.67
C ASN A 290 -1.09 17.83 -25.82
N ALA A 291 -0.17 17.27 -26.59
CA ALA A 291 -0.49 16.18 -27.54
C ALA A 291 -0.18 14.79 -27.00
N TRP A 292 -1.12 13.86 -27.22
CA TRP A 292 -1.10 12.58 -26.52
C TRP A 292 -1.32 11.47 -27.53
N ARG A 293 -0.57 10.38 -27.38
CA ARG A 293 -0.81 9.19 -28.18
C ARG A 293 -2.09 8.47 -27.73
N THR A 294 -2.91 8.01 -28.67
CA THR A 294 -4.06 7.15 -28.33
C THR A 294 -3.61 5.67 -28.21
N PRO A 295 -4.14 4.93 -27.22
CA PRO A 295 -4.98 5.35 -26.08
C PRO A 295 -4.22 5.69 -24.79
N TYR A 296 -2.96 5.26 -24.69
CA TYR A 296 -2.27 5.19 -23.42
C TYR A 296 -1.57 6.47 -23.02
N GLY A 297 -1.60 7.50 -23.90
CA GLY A 297 -1.17 8.85 -23.53
C GLY A 297 0.31 9.15 -23.42
N ALA A 298 1.13 8.64 -24.34
CA ALA A 298 2.52 9.02 -24.41
C ALA A 298 2.50 10.45 -24.89
N SER A 299 3.40 11.27 -24.35
CA SER A 299 3.39 12.71 -24.62
C SER A 299 4.20 13.00 -25.89
N ILE A 300 3.47 13.39 -26.96
CA ILE A 300 4.04 13.60 -28.27
C ILE A 300 4.69 14.99 -28.46
N PHE A 301 4.04 16.02 -27.91
CA PHE A 301 4.61 17.38 -27.86
C PHE A 301 3.82 18.16 -26.87
N GLN A 302 4.42 19.24 -26.40
CA GLN A 302 3.75 20.14 -25.48
C GLN A 302 4.09 21.53 -25.99
N SER A 303 3.11 22.42 -25.96
CA SER A 303 3.30 23.82 -26.23
C SER A 303 2.74 24.65 -25.10
N LYS A 304 3.59 25.51 -24.53
CA LYS A 304 3.22 26.36 -23.43
C LYS A 304 2.90 27.76 -23.98
N GLU A 305 1.64 28.18 -23.82
CA GLU A 305 1.13 29.44 -24.37
C GLU A 305 1.22 30.50 -23.28
N SER A 306 0.81 31.72 -23.59
CA SER A 306 0.96 32.85 -22.62
C SER A 306 -0.11 32.89 -21.55
N SER A 307 -1.18 32.11 -21.73
CA SER A 307 -2.31 32.22 -20.81
C SER A 307 -3.15 30.95 -20.91
N SER A 308 -4.20 30.85 -20.10
CA SER A 308 -5.13 29.71 -20.12
C SER A 308 -5.54 29.37 -21.54
N VAL A 309 -5.63 28.08 -21.87
CA VAL A 309 -6.08 27.69 -23.21
C VAL A 309 -7.47 27.10 -23.06
N LEU A 310 -8.47 27.84 -23.53
CA LEU A 310 -9.87 27.55 -23.27
C LEU A 310 -10.56 26.60 -24.25
N SER A 311 -10.01 26.52 -25.45
CA SER A 311 -10.71 25.84 -26.52
C SER A 311 -9.71 25.41 -27.59
N CYS A 312 -10.10 24.43 -28.39
CA CYS A 312 -9.21 24.02 -29.49
C CYS A 312 -9.99 23.42 -30.63
N ASP A 313 -9.35 23.28 -31.78
CA ASP A 313 -9.91 22.47 -32.88
C ASP A 313 -8.75 21.90 -33.67
N ILE A 314 -9.01 20.85 -34.46
CA ILE A 314 -7.99 20.31 -35.36
C ILE A 314 -8.61 20.25 -36.76
N SER A 315 -7.84 20.55 -37.80
CA SER A 315 -8.45 20.61 -39.12
C SER A 315 -8.78 19.17 -39.61
N VAL A 316 -9.62 19.07 -40.65
CA VAL A 316 -10.12 17.74 -41.13
C VAL A 316 -9.02 16.76 -41.63
N ASP A 317 -7.87 17.32 -42.02
CA ASP A 317 -6.73 16.53 -42.54
C ASP A 317 -5.62 16.40 -41.54
N ASP A 318 -5.93 16.85 -40.32
CA ASP A 318 -4.99 16.80 -39.19
C ASP A 318 -3.75 17.67 -39.38
N LYS A 319 -3.82 18.64 -40.28
CA LYS A 319 -2.63 19.45 -40.59
C LYS A 319 -2.46 20.69 -39.68
N TYR A 320 -3.57 21.21 -39.15
CA TYR A 320 -3.55 22.42 -38.29
C TYR A 320 -4.28 22.20 -36.97
N ILE A 321 -3.86 22.94 -35.94
CA ILE A 321 -4.50 22.98 -34.63
C ILE A 321 -4.73 24.47 -34.34
N VAL A 322 -5.92 24.81 -33.89
CA VAL A 322 -6.18 26.19 -33.44
C VAL A 322 -6.52 26.15 -31.97
N THR A 323 -5.98 27.09 -31.21
CA THR A 323 -6.33 27.14 -29.80
C THR A 323 -6.90 28.53 -29.48
N GLY A 324 -7.84 28.60 -28.54
CA GLY A 324 -8.37 29.92 -28.04
C GLY A 324 -7.85 30.27 -26.65
N SER A 325 -7.44 31.55 -26.47
CA SER A 325 -6.65 31.96 -25.29
C SER A 325 -7.34 32.92 -24.33
N GLY A 326 -7.00 32.78 -23.04
CA GLY A 326 -7.40 33.78 -22.04
C GLY A 326 -6.66 35.10 -22.26
N ASP A 327 -5.65 35.08 -23.16
CA ASP A 327 -4.99 36.32 -23.59
C ASP A 327 -5.62 36.96 -24.84
N LYS A 328 -6.89 36.60 -25.08
CA LYS A 328 -7.76 37.39 -25.96
C LYS A 328 -7.34 37.27 -27.43
N LYS A 329 -6.95 36.05 -27.80
CA LYS A 329 -6.44 35.73 -29.13
C LYS A 329 -6.66 34.22 -29.43
N ALA A 330 -6.52 33.84 -30.70
CA ALA A 330 -6.36 32.43 -31.02
C ALA A 330 -4.98 32.25 -31.65
N THR A 331 -4.45 31.04 -31.55
CA THR A 331 -3.18 30.66 -32.15
C THR A 331 -3.43 29.58 -33.20
N VAL A 332 -2.83 29.73 -34.37
CA VAL A 332 -2.85 28.67 -35.40
C VAL A 332 -1.49 27.98 -35.38
N TYR A 333 -1.52 26.65 -35.31
CA TYR A 333 -0.35 25.83 -35.38
C TYR A 333 -0.42 24.98 -36.67
N GLU A 334 0.73 24.77 -37.30
CA GLU A 334 0.84 23.73 -38.31
C GLU A 334 1.47 22.47 -37.65
N VAL A 335 0.82 21.32 -37.83
CA VAL A 335 1.29 20.02 -37.37
C VAL A 335 2.32 19.45 -38.35
N ILE A 336 3.54 19.23 -37.86
CA ILE A 336 4.63 18.80 -38.74
C ILE A 336 4.86 17.31 -38.52
N TYR A 337 4.85 16.57 -39.62
CA TYR A 337 4.92 15.12 -39.56
C TYR A 337 6.32 14.63 -39.99
N ASP B 1 10.87 4.91 -8.17
CA ASP B 1 10.82 5.94 -9.28
C ASP B 1 10.75 5.40 -10.72
N TYR B 2 9.65 5.72 -11.38
CA TYR B 2 9.45 5.40 -12.75
C TYR B 2 9.45 6.68 -13.58
N PHE B 3 9.88 6.56 -14.83
CA PHE B 3 10.05 7.68 -15.76
C PHE B 3 9.48 7.25 -17.08
N GLN B 4 8.99 8.23 -17.84
CA GLN B 4 8.52 7.99 -19.19
C GLN B 4 9.07 9.01 -20.16
N GLY B 5 9.34 8.56 -21.38
CA GLY B 5 9.76 9.46 -22.44
C GLY B 5 8.68 10.48 -22.77
N ALA B 6 9.13 11.64 -23.25
CA ALA B 6 8.19 12.67 -23.77
C ALA B 6 8.94 13.30 -24.91
N MET B 7 8.38 13.23 -26.13
CA MET B 7 9.13 13.65 -27.33
C MET B 7 9.23 15.16 -27.35
N GLY B 8 10.37 15.66 -27.83
CA GLY B 8 10.56 17.10 -28.01
C GLY B 8 11.15 17.30 -29.39
N SER B 9 11.55 18.52 -29.69
CA SER B 9 11.91 18.95 -30.99
C SER B 9 12.91 20.10 -30.83
N LYS B 10 13.89 20.17 -31.70
CA LYS B 10 14.86 21.27 -31.76
C LYS B 10 15.15 21.69 -33.22
N PRO B 11 15.62 22.95 -33.43
CA PRO B 11 16.19 23.24 -34.74
C PRO B 11 17.28 22.19 -35.13
N ALA B 12 17.29 21.73 -36.40
CA ALA B 12 18.27 20.71 -36.88
C ALA B 12 19.67 20.91 -36.25
N TYR B 13 20.19 19.84 -35.65
CA TYR B 13 21.46 19.88 -34.92
C TYR B 13 22.35 18.74 -35.37
N SER B 14 21.82 17.78 -36.13
CA SER B 14 22.61 16.63 -36.64
C SER B 14 22.66 16.68 -38.17
N PHE B 15 23.88 16.71 -38.71
CA PHE B 15 24.09 16.85 -40.17
C PHE B 15 24.97 15.73 -40.67
N HIS B 16 24.70 15.28 -41.89
CA HIS B 16 25.56 14.26 -42.53
C HIS B 16 26.41 14.96 -43.56
N VAL B 17 27.72 14.75 -43.55
CA VAL B 17 28.57 15.24 -44.65
C VAL B 17 29.02 14.04 -45.54
N THR B 18 28.63 14.04 -46.81
CA THR B 18 29.06 12.94 -47.73
C THR B 18 30.43 13.20 -48.38
N ALA B 19 30.95 12.21 -49.13
CA ALA B 19 32.24 12.31 -49.87
C ALA B 19 32.38 13.54 -50.80
N ASP B 20 31.28 13.94 -51.45
CA ASP B 20 31.21 15.23 -52.16
C ASP B 20 31.05 16.31 -51.07
N GLY B 21 30.93 17.59 -51.38
CA GLY B 21 30.85 18.51 -50.21
C GLY B 21 29.58 18.47 -49.31
N GLN B 22 28.57 17.72 -49.75
CA GLN B 22 27.18 17.94 -49.36
C GLN B 22 26.91 17.75 -47.86
N MET B 23 26.17 18.68 -47.30
CA MET B 23 25.81 18.71 -45.90
C MET B 23 24.32 18.89 -45.75
N GLN B 24 23.67 17.90 -45.15
CA GLN B 24 22.23 17.87 -45.06
C GLN B 24 21.81 17.42 -43.65
N PRO B 25 20.72 18.04 -43.09
CA PRO B 25 20.21 17.53 -41.81
C PRO B 25 19.78 16.09 -41.98
N VAL B 26 20.07 15.28 -40.98
CA VAL B 26 19.69 13.87 -41.00
C VAL B 26 18.18 13.66 -40.82
N PRO B 27 17.54 12.91 -41.76
CA PRO B 27 16.19 12.36 -41.53
C PRO B 27 16.34 11.13 -40.58
N PHE B 28 15.96 11.28 -39.30
CA PHE B 28 16.15 10.18 -38.32
C PHE B 28 15.27 8.99 -38.65
N PRO B 29 15.81 7.73 -38.58
CA PRO B 29 14.97 6.54 -38.75
C PRO B 29 14.06 6.33 -37.53
N PRO B 30 13.10 5.39 -37.61
CA PRO B 30 12.16 5.25 -36.48
C PRO B 30 12.78 4.77 -35.14
N ASP B 31 13.94 4.13 -35.21
CA ASP B 31 14.63 3.65 -34.02
C ASP B 31 15.77 4.59 -33.58
N ALA B 32 15.71 5.88 -33.96
CA ALA B 32 16.77 6.81 -33.63
C ALA B 32 16.79 7.16 -32.13
N LEU B 33 15.60 7.27 -31.55
CA LEU B 33 15.41 7.85 -30.21
C LEU B 33 14.76 6.86 -29.29
N ILE B 34 14.45 5.69 -29.83
CA ILE B 34 13.62 4.66 -29.22
C ILE B 34 14.14 3.25 -29.58
N GLY B 35 14.21 2.35 -28.60
CA GLY B 35 14.48 0.95 -28.92
C GLY B 35 15.21 0.18 -27.82
N PRO B 36 15.41 -1.13 -28.03
CA PRO B 36 16.11 -1.98 -27.02
C PRO B 36 17.54 -1.49 -26.80
N GLY B 37 17.90 -1.22 -25.55
CA GLY B 37 19.27 -0.66 -25.33
C GLY B 37 19.43 0.83 -25.53
N ILE B 38 18.36 1.53 -25.84
CA ILE B 38 18.41 3.00 -25.96
C ILE B 38 17.91 3.60 -24.65
N PRO B 39 18.72 4.43 -23.98
CA PRO B 39 18.19 5.06 -22.73
C PRO B 39 16.88 5.80 -22.93
N ARG B 40 16.04 5.83 -21.89
CA ARG B 40 14.87 6.69 -21.84
C ARG B 40 15.08 7.82 -20.80
N HIS B 41 15.92 7.61 -19.80
CA HIS B 41 16.16 8.65 -18.75
C HIS B 41 17.49 8.36 -18.05
N ALA B 42 18.22 9.41 -17.66
CA ALA B 42 19.41 9.24 -16.84
C ALA B 42 19.09 9.81 -15.47
N ARG B 43 18.97 8.95 -14.47
CA ARG B 43 18.61 9.41 -13.13
C ARG B 43 19.87 9.64 -12.31
N GLN B 44 20.06 10.85 -11.77
CA GLN B 44 21.19 11.12 -10.89
C GLN B 44 20.91 10.44 -9.55
N ILE B 45 21.78 9.52 -9.18
CA ILE B 45 21.55 8.77 -7.95
C ILE B 45 22.53 9.04 -6.81
N ASN B 46 23.72 9.54 -7.15
CA ASN B 46 24.76 9.77 -6.11
C ASN B 46 25.57 10.98 -6.53
N THR B 47 25.99 11.77 -5.56
CA THR B 47 27.06 12.73 -5.78
C THR B 47 28.28 12.27 -4.99
N LEU B 48 29.44 12.22 -5.64
CA LEU B 48 30.67 11.82 -4.99
C LEU B 48 31.50 13.09 -4.69
N ASN B 49 31.52 13.53 -3.43
CA ASN B 49 32.12 14.85 -3.12
C ASN B 49 33.63 14.74 -2.96
N HIS B 50 34.33 14.58 -4.09
CA HIS B 50 35.81 14.47 -4.06
C HIS B 50 36.52 15.68 -3.35
N GLY B 51 36.02 16.89 -3.60
CA GLY B 51 36.68 18.12 -3.13
C GLY B 51 37.74 18.80 -3.99
N GLU B 52 38.03 18.20 -5.14
CA GLU B 52 38.88 18.82 -6.16
C GLU B 52 38.21 18.57 -7.50
N VAL B 53 38.52 19.40 -8.50
CA VAL B 53 37.93 19.19 -9.81
C VAL B 53 38.20 17.76 -10.31
N VAL B 54 37.18 17.06 -10.76
CA VAL B 54 37.35 15.64 -11.15
C VAL B 54 37.62 15.48 -12.64
N CYS B 55 38.92 15.35 -12.98
CA CYS B 55 39.40 15.39 -14.36
C CYS B 55 39.49 14.01 -14.98
N ALA B 56 39.31 12.98 -14.17
CA ALA B 56 39.33 11.57 -14.67
C ALA B 56 38.39 10.73 -13.84
N VAL B 57 37.64 9.86 -14.51
CA VAL B 57 36.75 8.93 -13.80
C VAL B 57 36.89 7.56 -14.47
N THR B 58 36.83 6.51 -13.68
CA THR B 58 36.68 5.17 -14.21
C THR B 58 35.86 4.28 -13.25
N ILE B 59 35.30 3.17 -13.81
CA ILE B 59 34.39 2.31 -13.09
C ILE B 59 34.88 0.84 -13.21
N SER B 60 34.84 0.10 -12.10
CA SER B 60 35.27 -1.28 -12.08
C SER B 60 34.32 -2.17 -12.93
N ASN B 61 34.89 -3.30 -13.32
CA ASN B 61 34.21 -4.40 -14.02
C ASN B 61 34.49 -5.69 -13.26
N PRO B 62 33.48 -6.28 -12.62
CA PRO B 62 32.07 -5.82 -12.59
C PRO B 62 31.86 -4.49 -11.87
N THR B 63 30.74 -3.85 -12.19
CA THR B 63 30.37 -2.60 -11.56
C THR B 63 30.30 -2.72 -10.04
N ARG B 64 31.08 -1.88 -9.36
CA ARG B 64 31.16 -1.90 -7.90
C ARG B 64 31.83 -0.64 -7.38
N HIS B 65 33.06 -0.39 -7.84
CA HIS B 65 33.81 0.80 -7.40
C HIS B 65 33.97 1.82 -8.50
N VAL B 66 33.90 3.07 -8.07
CA VAL B 66 34.20 4.18 -8.96
C VAL B 66 35.48 4.84 -8.44
N TYR B 67 36.31 5.27 -9.36
CA TYR B 67 37.59 5.94 -9.12
C TYR B 67 37.46 7.32 -9.69
N THR B 68 37.74 8.32 -8.84
CA THR B 68 37.69 9.71 -9.25
C THR B 68 39.07 10.32 -9.10
N GLY B 69 39.54 10.94 -10.18
CA GLY B 69 40.87 11.54 -10.15
C GLY B 69 40.78 13.03 -9.92
N GLY B 70 41.41 13.53 -8.87
CA GLY B 70 41.37 14.95 -8.56
C GLY B 70 42.71 15.65 -8.67
N LYS B 71 43.10 16.39 -7.63
CA LYS B 71 44.44 16.99 -7.53
C LYS B 71 45.27 16.24 -6.50
N GLY B 72 46.25 15.48 -6.98
CA GLY B 72 47.12 14.73 -6.10
C GLY B 72 46.46 13.58 -5.34
N CYS B 73 45.27 13.17 -5.78
CA CYS B 73 44.48 12.16 -5.07
C CYS B 73 43.50 11.45 -6.02
N VAL B 74 43.43 10.12 -5.97
CA VAL B 74 42.34 9.36 -6.55
C VAL B 74 41.51 8.85 -5.40
N LYS B 75 40.20 9.08 -5.39
CA LYS B 75 39.33 8.50 -4.36
C LYS B 75 38.53 7.31 -4.91
N VAL B 76 38.21 6.39 -4.04
CA VAL B 76 37.53 5.15 -4.44
C VAL B 76 36.19 5.13 -3.76
N TRP B 77 35.13 4.84 -4.50
CA TRP B 77 33.76 4.92 -4.01
C TRP B 77 33.08 3.61 -4.33
N ASP B 78 32.21 3.14 -3.44
CA ASP B 78 31.51 1.87 -3.60
C ASP B 78 30.07 2.19 -3.89
N ILE B 79 29.66 2.00 -5.14
CA ILE B 79 28.30 2.33 -5.54
C ILE B 79 27.31 1.15 -5.48
N SER B 80 27.66 0.13 -4.70
CA SER B 80 26.74 -1.01 -4.49
C SER B 80 25.81 -0.82 -3.27
N HIS B 81 25.18 0.36 -3.11
CA HIS B 81 24.58 0.74 -1.83
C HIS B 81 23.59 1.92 -1.80
N PRO B 82 23.09 2.38 -2.96
CA PRO B 82 23.32 3.73 -3.50
C PRO B 82 24.64 4.46 -3.06
N GLY B 83 24.69 5.50 -2.20
CA GLY B 83 23.72 5.93 -1.21
C GLY B 83 23.92 5.29 0.15
N ASN B 84 25.14 4.94 0.61
CA ASN B 84 26.50 5.56 0.36
C ASN B 84 26.61 7.10 0.37
N LYS B 85 27.82 7.53 0.05
CA LYS B 85 28.14 8.83 -0.50
C LYS B 85 29.61 9.14 -0.09
N SER B 86 30.29 8.19 0.55
CA SER B 86 31.63 8.47 1.13
C SER B 86 32.74 7.57 0.59
N PRO B 87 33.97 8.10 0.44
CA PRO B 87 34.95 7.23 -0.22
C PRO B 87 35.43 6.10 0.69
N VAL B 88 35.69 4.95 0.09
CA VAL B 88 36.07 3.75 0.89
C VAL B 88 37.56 3.59 0.97
N SER B 89 38.26 4.30 0.08
CA SER B 89 39.71 4.36 0.11
C SER B 89 40.18 5.58 -0.69
N GLN B 90 41.46 5.91 -0.63
CA GLN B 90 42.02 6.97 -1.44
C GLN B 90 43.50 6.69 -1.72
N LEU B 91 43.97 7.18 -2.85
CA LEU B 91 45.29 6.84 -3.37
C LEU B 91 45.97 8.18 -3.47
N ASP B 92 46.86 8.46 -2.52
CA ASP B 92 47.50 9.75 -2.47
C ASP B 92 48.74 9.74 -3.35
N CYS B 93 48.78 10.69 -4.29
CA CYS B 93 49.87 10.83 -5.26
C CYS B 93 51.13 11.52 -4.67
N LEU B 94 52.31 11.17 -5.21
CA LEU B 94 53.65 11.67 -4.77
C LEU B 94 53.72 13.12 -4.21
N ASN B 95 53.47 14.12 -5.07
CA ASN B 95 53.15 15.49 -4.62
C ASN B 95 51.66 15.75 -4.89
N ARG B 96 51.00 16.29 -3.87
CA ARG B 96 49.56 16.36 -3.86
C ARG B 96 49.05 17.54 -4.65
N ASP B 97 49.86 18.11 -5.52
CA ASP B 97 49.44 19.36 -6.13
C ASP B 97 49.14 19.34 -7.61
N ASN B 98 49.35 18.18 -8.22
CA ASN B 98 49.16 18.02 -9.66
C ASN B 98 47.86 17.31 -9.99
N TYR B 99 47.12 17.85 -10.97
CA TYR B 99 45.89 17.18 -11.40
C TYR B 99 46.17 15.83 -12.03
N ILE B 100 45.34 14.86 -11.63
CA ILE B 100 45.23 13.60 -12.31
C ILE B 100 44.39 13.80 -13.61
N ARG B 101 44.93 13.29 -14.72
CA ARG B 101 44.29 13.46 -16.05
C ARG B 101 43.63 12.20 -16.58
N SER B 102 44.05 11.04 -16.05
CA SER B 102 43.57 9.74 -16.51
C SER B 102 43.82 8.65 -15.47
N CYS B 103 42.84 7.78 -15.28
CA CYS B 103 43.05 6.52 -14.56
C CYS B 103 42.30 5.37 -15.23
N LYS B 104 42.97 4.23 -15.26
CA LYS B 104 42.50 3.06 -15.97
C LYS B 104 42.85 1.84 -15.18
N LEU B 105 41.87 0.96 -15.14
CA LEU B 105 42.01 -0.34 -14.51
C LEU B 105 42.41 -1.42 -15.48
N LEU B 106 43.29 -2.31 -15.03
CA LEU B 106 43.44 -3.59 -15.71
C LEU B 106 42.13 -4.39 -15.51
N PRO B 107 41.78 -5.30 -16.46
CA PRO B 107 40.56 -6.15 -16.34
C PRO B 107 40.34 -6.92 -15.04
N ASP B 108 41.40 -7.38 -14.38
CA ASP B 108 41.28 -8.09 -13.12
C ASP B 108 40.73 -7.17 -12.00
N GLY B 109 40.72 -5.86 -12.24
CA GLY B 109 40.21 -4.90 -11.28
C GLY B 109 41.07 -4.65 -10.05
N CYS B 110 42.26 -5.24 -9.96
CA CYS B 110 43.14 -4.88 -8.84
C CYS B 110 44.47 -4.15 -9.18
N THR B 111 44.54 -3.57 -10.37
CA THR B 111 45.62 -2.64 -10.73
C THR B 111 45.01 -1.41 -11.39
N LEU B 112 45.43 -0.23 -10.93
CA LEU B 112 45.02 1.03 -11.52
C LEU B 112 46.24 1.79 -11.99
N ILE B 113 46.21 2.25 -13.23
CA ILE B 113 47.28 3.09 -13.73
C ILE B 113 46.83 4.54 -13.72
N VAL B 114 47.64 5.39 -13.10
CA VAL B 114 47.27 6.80 -12.91
C VAL B 114 48.32 7.71 -13.58
N GLY B 115 47.83 8.70 -14.35
CA GLY B 115 48.65 9.65 -15.04
C GLY B 115 48.06 11.05 -14.96
N GLY B 116 48.92 12.05 -15.05
CA GLY B 116 48.43 13.40 -15.08
C GLY B 116 49.52 14.40 -15.28
N GLU B 117 49.32 15.57 -14.68
CA GLU B 117 50.20 16.72 -14.86
C GLU B 117 51.46 16.61 -14.01
N ALA B 118 52.17 15.51 -14.20
CA ALA B 118 53.49 15.29 -13.61
C ALA B 118 54.22 14.32 -14.52
N SER B 119 55.53 14.24 -14.35
CA SER B 119 56.37 13.44 -15.22
C SER B 119 56.44 11.94 -14.82
N THR B 120 55.40 11.45 -14.15
CA THR B 120 55.36 10.09 -13.57
C THR B 120 53.98 9.40 -13.73
N LEU B 121 53.98 8.19 -14.27
CA LEU B 121 52.80 7.33 -14.24
C LEU B 121 52.88 6.40 -13.05
N SER B 122 51.81 6.35 -12.27
CA SER B 122 51.77 5.47 -11.09
C SER B 122 50.96 4.21 -11.31
N ILE B 123 51.53 3.09 -10.86
CA ILE B 123 50.84 1.82 -10.86
C ILE B 123 50.48 1.48 -9.44
N TRP B 124 49.18 1.34 -9.20
CA TRP B 124 48.64 1.08 -7.88
C TRP B 124 48.14 -0.36 -7.77
N ASP B 125 48.58 -1.06 -6.72
CA ASP B 125 48.03 -2.38 -6.39
C ASP B 125 46.79 -2.23 -5.51
N LEU B 126 45.66 -2.75 -5.98
CA LEU B 126 44.39 -2.74 -5.25
C LEU B 126 43.94 -4.20 -4.96
N ALA B 127 44.89 -5.11 -4.71
CA ALA B 127 44.58 -6.54 -4.46
C ALA B 127 43.57 -6.81 -3.31
N ALA B 128 43.75 -6.29 -2.10
CA ALA B 128 44.97 -5.69 -1.54
C ALA B 128 44.94 -5.85 -0.02
N PRO B 129 43.79 -5.58 0.67
CA PRO B 129 42.53 -4.90 0.28
C PRO B 129 42.62 -3.37 0.50
N THR B 130 43.78 -2.93 1.00
CA THR B 130 44.15 -1.51 1.10
C THR B 130 45.28 -1.19 0.08
N PRO B 131 45.10 -0.14 -0.75
CA PRO B 131 45.99 0.24 -1.86
C PRO B 131 47.46 0.50 -1.53
N ARG B 132 48.32 0.04 -2.42
CA ARG B 132 49.76 0.28 -2.33
C ARG B 132 50.29 0.68 -3.68
N ILE B 133 51.18 1.64 -3.68
CA ILE B 133 51.79 2.06 -4.92
C ILE B 133 52.91 1.06 -5.30
N LYS B 134 52.75 0.47 -6.48
CA LYS B 134 53.55 -0.66 -6.94
C LYS B 134 54.76 -0.24 -7.79
N ALA B 135 54.58 0.73 -8.69
CA ALA B 135 55.67 1.24 -9.50
C ALA B 135 55.38 2.67 -9.90
N GLU B 136 56.43 3.42 -10.20
CA GLU B 136 56.32 4.77 -10.78
C GLU B 136 57.09 4.71 -12.07
N LEU B 137 56.40 4.96 -13.19
CA LEU B 137 57.01 4.99 -14.51
C LEU B 137 57.34 6.43 -14.88
N THR B 138 58.61 6.75 -14.96
CA THR B 138 59.03 8.13 -15.20
C THR B 138 59.19 8.43 -16.68
N SER B 139 58.61 9.53 -17.12
CA SER B 139 58.81 9.97 -18.49
C SER B 139 59.61 11.28 -18.51
N SER B 140 60.12 11.63 -19.68
CA SER B 140 60.75 12.91 -19.83
C SER B 140 59.73 13.94 -20.28
N ALA B 141 58.54 13.51 -20.71
CA ALA B 141 57.49 14.50 -20.99
C ALA B 141 56.91 14.92 -19.63
N PRO B 142 56.63 16.24 -19.48
CA PRO B 142 56.12 16.81 -18.22
C PRO B 142 54.72 16.33 -17.79
N ALA B 143 53.91 15.79 -18.72
CA ALA B 143 52.51 15.44 -18.44
C ALA B 143 51.95 14.34 -19.35
N CYS B 144 51.01 13.59 -18.78
CA CYS B 144 50.19 12.64 -19.46
C CYS B 144 48.77 13.17 -19.49
N TYR B 145 48.12 13.18 -20.66
CA TYR B 145 46.74 13.66 -20.75
C TYR B 145 45.68 12.58 -20.83
N ALA B 146 46.10 11.35 -21.15
CA ALA B 146 45.19 10.25 -21.43
C ALA B 146 45.94 8.93 -21.48
N LEU B 147 45.25 7.86 -21.11
CA LEU B 147 45.81 6.48 -21.14
C LEU B 147 44.86 5.54 -21.85
N ALA B 148 45.41 4.47 -22.43
CA ALA B 148 44.61 3.34 -22.91
C ALA B 148 45.37 2.08 -22.56
N ILE B 149 44.66 1.03 -22.19
CA ILE B 149 45.26 -0.27 -21.86
C ILE B 149 44.98 -1.18 -23.06
N SER B 150 45.98 -1.93 -23.49
CA SER B 150 45.78 -2.87 -24.58
C SER B 150 44.75 -3.93 -24.16
N PRO B 151 44.00 -4.49 -25.13
CA PRO B 151 43.03 -5.52 -24.77
C PRO B 151 43.63 -6.77 -24.03
N ASP B 152 44.90 -7.07 -24.28
CA ASP B 152 45.54 -8.17 -23.58
C ASP B 152 46.14 -7.77 -22.23
N SER B 153 45.97 -6.50 -21.85
CA SER B 153 46.45 -5.98 -20.55
C SER B 153 47.97 -5.88 -20.37
N LYS B 154 48.76 -6.16 -21.40
CA LYS B 154 50.20 -6.21 -21.20
C LYS B 154 50.84 -4.83 -21.30
N VAL B 155 50.10 -3.92 -21.93
CA VAL B 155 50.66 -2.66 -22.41
C VAL B 155 49.77 -1.47 -22.04
N CYS B 156 50.39 -0.40 -21.57
CA CYS B 156 49.70 0.86 -21.35
C CYS B 156 50.21 1.88 -22.37
N PHE B 157 49.26 2.56 -23.00
CA PHE B 157 49.57 3.67 -23.91
C PHE B 157 49.35 5.01 -23.23
N SER B 158 50.39 5.85 -23.21
CA SER B 158 50.24 7.15 -22.59
C SER B 158 50.42 8.29 -23.60
N CYS B 159 49.42 9.16 -23.67
CA CYS B 159 49.43 10.40 -24.44
C CYS B 159 50.21 11.47 -23.70
N CYS B 160 51.36 11.87 -24.24
CA CYS B 160 52.24 12.82 -23.58
C CYS B 160 51.93 14.26 -24.05
N SER B 161 52.24 15.22 -23.18
CA SER B 161 52.09 16.64 -23.46
C SER B 161 52.95 17.13 -24.64
N ASP B 162 54.00 16.37 -24.97
CA ASP B 162 54.84 16.68 -26.11
C ASP B 162 54.36 16.10 -27.45
N GLY B 163 53.22 15.41 -27.45
CA GLY B 163 52.71 14.80 -28.67
C GLY B 163 53.05 13.33 -28.81
N ASN B 164 54.01 12.82 -28.04
CA ASN B 164 54.36 11.40 -28.20
C ASN B 164 53.38 10.46 -27.51
N ILE B 165 53.12 9.31 -28.12
CA ILE B 165 52.41 8.21 -27.40
C ILE B 165 53.52 7.25 -26.90
N ALA B 166 53.66 7.21 -25.57
CA ALA B 166 54.57 6.30 -24.89
C ALA B 166 53.91 4.95 -24.66
N VAL B 167 54.65 3.88 -24.97
CA VAL B 167 54.17 2.52 -24.81
C VAL B 167 54.95 1.89 -23.67
N TRP B 168 54.22 1.52 -22.62
CA TRP B 168 54.81 0.94 -21.44
C TRP B 168 54.44 -0.54 -21.33
N ASP B 169 55.45 -1.38 -21.14
CA ASP B 169 55.25 -2.77 -20.77
C ASP B 169 54.95 -2.77 -19.27
N LEU B 170 53.75 -3.24 -18.92
CA LEU B 170 53.29 -3.12 -17.53
C LEU B 170 53.97 -4.11 -16.55
N HIS B 171 54.05 -5.37 -16.94
CA HIS B 171 54.68 -6.39 -16.09
C HIS B 171 56.15 -6.09 -15.83
N ASN B 172 56.88 -5.69 -16.86
CA ASN B 172 58.28 -5.35 -16.71
C ASN B 172 58.57 -3.88 -16.36
N GLN B 173 57.56 -3.02 -16.47
CA GLN B 173 57.66 -1.64 -15.96
C GLN B 173 58.64 -0.80 -16.75
N THR B 174 58.50 -0.90 -18.06
CA THR B 174 59.50 -0.42 -18.97
C THR B 174 58.94 0.16 -20.29
N LEU B 175 59.55 1.27 -20.70
CA LEU B 175 59.16 1.96 -21.93
C LEU B 175 59.74 1.19 -23.14
N VAL B 176 58.83 0.74 -24.02
CA VAL B 176 59.20 -0.15 -25.11
C VAL B 176 59.20 0.48 -26.51
N ARG B 177 58.44 1.55 -26.70
CA ARG B 177 58.21 2.14 -28.02
C ARG B 177 57.60 3.53 -27.81
N GLN B 178 57.85 4.44 -28.76
CA GLN B 178 57.07 5.69 -28.86
C GLN B 178 56.44 5.94 -30.27
N PHE B 179 55.12 6.16 -30.31
CA PHE B 179 54.44 6.59 -31.56
C PHE B 179 54.63 8.10 -31.69
N GLN B 180 55.46 8.52 -32.63
CA GLN B 180 55.79 9.93 -32.78
C GLN B 180 55.13 10.52 -34.02
N GLY B 181 54.60 11.71 -33.86
CA GLY B 181 53.92 12.36 -34.94
C GLY B 181 53.13 13.59 -34.53
N HIS B 182 52.21 13.47 -33.56
CA HIS B 182 51.47 14.67 -33.06
C HIS B 182 52.49 15.78 -32.75
N THR B 183 52.24 17.00 -33.23
CA THR B 183 53.22 18.08 -33.13
C THR B 183 52.86 19.03 -31.99
N ASP B 184 51.94 18.58 -31.15
CA ASP B 184 51.52 19.26 -29.92
C ASP B 184 50.88 18.13 -29.12
N GLY B 185 50.46 18.39 -27.88
CA GLY B 185 50.07 17.33 -26.94
C GLY B 185 49.00 16.41 -27.51
N ALA B 186 49.11 15.13 -27.20
CA ALA B 186 48.07 14.19 -27.57
C ALA B 186 47.11 14.22 -26.38
N SER B 187 45.82 14.47 -26.64
CA SER B 187 44.88 14.68 -25.54
C SER B 187 43.99 13.48 -25.26
N CYS B 188 43.99 12.47 -26.15
CA CYS B 188 42.99 11.40 -26.11
C CYS B 188 43.37 10.28 -27.03
N ILE B 189 42.78 9.14 -26.78
CA ILE B 189 43.26 7.88 -27.31
C ILE B 189 42.18 6.78 -27.17
N ASP B 190 42.12 5.89 -28.13
CA ASP B 190 41.30 4.69 -28.03
C ASP B 190 41.91 3.63 -28.96
N ILE B 191 41.46 2.37 -28.82
CA ILE B 191 41.91 1.25 -29.64
C ILE B 191 40.70 0.73 -30.46
N SER B 192 40.95 0.32 -31.70
CA SER B 192 39.87 -0.17 -32.56
C SER B 192 39.24 -1.43 -31.90
N ASN B 193 38.03 -1.75 -32.33
CA ASN B 193 37.33 -2.92 -31.76
C ASN B 193 38.06 -4.25 -32.08
N ASP B 194 38.79 -4.30 -33.20
CA ASP B 194 39.56 -5.53 -33.46
C ASP B 194 40.90 -5.63 -32.71
N GLY B 195 41.26 -4.58 -31.98
CA GLY B 195 42.51 -4.53 -31.23
C GLY B 195 43.79 -4.20 -31.97
N THR B 196 43.69 -3.77 -33.23
CA THR B 196 44.92 -3.69 -34.06
C THR B 196 45.39 -2.27 -34.40
N LYS B 197 44.51 -1.30 -34.17
CA LYS B 197 44.78 0.08 -34.57
C LYS B 197 44.57 0.95 -33.37
N LEU B 198 45.45 1.93 -33.23
CA LEU B 198 45.37 2.93 -32.20
C LEU B 198 44.85 4.20 -32.83
N TRP B 199 43.99 4.90 -32.11
CA TRP B 199 43.50 6.17 -32.60
C TRP B 199 43.81 7.25 -31.56
N THR B 200 44.38 8.36 -31.98
CA THR B 200 44.77 9.43 -31.02
C THR B 200 44.33 10.78 -31.57
N GLY B 201 43.92 11.66 -30.66
CA GLY B 201 43.56 13.05 -30.98
C GLY B 201 44.58 14.02 -30.40
N GLY B 202 44.77 15.16 -31.07
CA GLY B 202 45.80 16.09 -30.66
C GLY B 202 45.42 17.55 -30.63
N LEU B 203 46.17 18.28 -29.83
CA LEU B 203 46.09 19.71 -29.77
C LEU B 203 46.76 20.31 -31.02
N ASP B 204 47.29 19.44 -31.88
CA ASP B 204 47.73 19.85 -33.23
C ASP B 204 46.58 19.79 -34.26
N ASN B 205 45.33 19.66 -33.80
CA ASN B 205 44.15 19.69 -34.69
C ASN B 205 44.05 18.50 -35.64
N THR B 206 44.56 17.35 -35.21
CA THR B 206 44.55 16.16 -36.03
C THR B 206 44.06 14.97 -35.22
N VAL B 207 43.44 14.01 -35.91
CA VAL B 207 43.28 12.67 -35.39
C VAL B 207 44.18 11.74 -36.25
N ARG B 208 44.86 10.81 -35.59
CA ARG B 208 45.81 9.92 -36.27
C ARG B 208 45.48 8.47 -35.96
N SER B 209 45.62 7.60 -36.96
CA SER B 209 45.58 6.19 -36.65
C SER B 209 46.97 5.56 -36.86
N TRP B 210 47.23 4.53 -36.07
CA TRP B 210 48.51 3.88 -35.94
C TRP B 210 48.27 2.36 -36.00
N ASP B 211 49.19 1.69 -36.69
CA ASP B 211 49.27 0.23 -36.69
C ASP B 211 49.98 -0.24 -35.44
N LEU B 212 49.27 -0.94 -34.57
CA LEU B 212 49.84 -1.37 -33.29
C LEU B 212 51.00 -2.36 -33.42
N ARG B 213 51.06 -3.04 -34.56
CA ARG B 213 52.11 -4.02 -34.84
C ARG B 213 53.25 -3.41 -35.68
N GLU B 214 52.94 -2.87 -36.87
CA GLU B 214 53.90 -2.09 -37.70
C GLU B 214 54.59 -1.01 -36.84
N GLY B 215 53.83 -0.43 -35.93
CA GLY B 215 54.33 0.65 -35.08
C GLY B 215 54.09 2.04 -35.63
N ARG B 216 53.74 2.21 -36.88
CA ARG B 216 53.51 3.60 -37.22
C ARG B 216 52.23 4.07 -37.95
N GLN B 217 52.25 5.34 -38.35
CA GLN B 217 51.03 6.09 -38.57
C GLN B 217 50.40 5.60 -39.84
N LEU B 218 49.07 5.44 -39.79
CA LEU B 218 48.31 5.01 -40.95
C LEU B 218 47.53 6.15 -41.54
N GLN B 219 46.52 6.63 -40.81
CA GLN B 219 45.67 7.74 -41.30
C GLN B 219 45.97 9.01 -40.53
N GLN B 220 45.62 10.12 -41.18
CA GLN B 220 45.57 11.40 -40.53
C GLN B 220 44.31 12.15 -40.96
N HIS B 221 43.64 12.79 -40.00
CA HIS B 221 42.50 13.65 -40.30
C HIS B 221 42.75 15.01 -39.70
N ASP B 222 42.71 16.03 -40.55
CA ASP B 222 43.05 17.40 -40.18
C ASP B 222 41.78 18.15 -39.91
N PHE B 223 41.76 18.85 -38.76
CA PHE B 223 40.59 19.56 -38.30
C PHE B 223 40.89 21.06 -38.11
N THR B 224 39.82 21.79 -37.97
CA THR B 224 39.82 23.24 -37.80
C THR B 224 40.05 23.74 -36.35
N SER B 225 39.86 22.86 -35.37
CA SER B 225 40.11 23.23 -33.98
C SER B 225 40.83 22.09 -33.25
N GLN B 226 41.26 22.35 -32.01
CA GLN B 226 41.91 21.29 -31.21
C GLN B 226 40.97 20.10 -30.92
N ILE B 227 41.54 18.89 -30.78
CA ILE B 227 40.78 17.70 -30.40
C ILE B 227 41.00 17.51 -28.91
N PHE B 228 39.90 17.36 -28.16
CA PHE B 228 39.95 17.16 -26.71
C PHE B 228 39.50 15.76 -26.32
N SER B 229 38.71 15.14 -27.17
CA SER B 229 38.21 13.79 -26.81
C SER B 229 37.94 12.95 -28.05
N LEU B 230 37.97 11.64 -27.85
CA LEU B 230 37.58 10.72 -28.91
C LEU B 230 37.14 9.36 -28.34
N GLY B 231 36.37 8.62 -29.13
CA GLY B 231 36.04 7.26 -28.77
C GLY B 231 35.82 6.41 -30.00
N TYR B 232 36.13 5.14 -29.88
CA TYR B 232 35.95 4.28 -31.05
C TYR B 232 34.76 3.43 -30.75
N CYS B 233 33.78 3.37 -31.66
CA CYS B 233 32.59 2.52 -31.43
C CYS B 233 32.98 1.04 -31.21
N PRO B 234 32.58 0.46 -30.06
CA PRO B 234 32.94 -0.93 -29.69
C PRO B 234 32.42 -2.00 -30.66
N THR B 235 31.35 -1.70 -31.38
CA THR B 235 30.85 -2.61 -32.42
C THR B 235 31.46 -2.33 -33.79
N GLY B 236 32.34 -1.34 -33.86
CA GLY B 236 33.10 -1.02 -35.07
C GLY B 236 32.62 0.18 -35.84
N GLU B 237 33.39 0.54 -36.89
CA GLU B 237 32.89 1.39 -38.00
C GLU B 237 32.88 2.91 -37.75
N TRP B 238 32.73 3.35 -36.48
CA TRP B 238 32.55 4.81 -36.20
C TRP B 238 33.51 5.30 -35.14
N LEU B 239 34.01 6.49 -35.37
CA LEU B 239 34.92 7.19 -34.43
C LEU B 239 34.31 8.53 -34.11
N ALA B 240 33.92 8.71 -32.84
CA ALA B 240 33.39 10.01 -32.38
C ALA B 240 34.54 10.87 -31.90
N VAL B 241 34.53 12.17 -32.28
CA VAL B 241 35.59 13.12 -31.94
C VAL B 241 34.98 14.36 -31.29
N GLY B 242 35.52 14.75 -30.13
CA GLY B 242 35.06 15.99 -29.46
C GLY B 242 36.05 17.14 -29.65
N MET B 243 35.54 18.28 -30.09
CA MET B 243 36.36 19.40 -30.49
C MET B 243 36.24 20.65 -29.66
N GLU B 244 37.32 21.40 -29.68
CA GLU B 244 37.40 22.71 -29.04
C GLU B 244 36.28 23.62 -29.53
N SER B 245 35.86 23.56 -30.78
CA SER B 245 34.74 24.45 -30.98
C SER B 245 33.64 24.06 -29.99
N SER B 246 33.00 22.95 -30.30
CA SER B 246 31.75 22.57 -29.64
C SER B 246 31.14 21.41 -30.41
N ASN B 247 31.68 21.15 -31.61
CA ASN B 247 31.20 20.07 -32.47
C ASN B 247 31.61 18.72 -31.88
N VAL B 248 30.74 17.74 -32.07
CA VAL B 248 31.07 16.35 -32.02
C VAL B 248 31.01 15.95 -33.50
N GLU B 249 32.08 15.31 -33.98
CA GLU B 249 32.10 14.73 -35.32
C GLU B 249 32.16 13.22 -35.21
N VAL B 250 31.41 12.52 -36.06
CA VAL B 250 31.38 11.06 -36.02
C VAL B 250 31.87 10.61 -37.41
N LEU B 251 33.10 10.15 -37.46
CA LEU B 251 33.80 9.81 -38.66
C LEU B 251 33.48 8.38 -38.98
N HIS B 252 33.24 8.13 -40.25
CA HIS B 252 32.98 6.79 -40.73
C HIS B 252 34.35 6.16 -40.98
N VAL B 253 34.71 5.16 -40.19
CA VAL B 253 36.07 4.60 -40.28
C VAL B 253 36.32 3.93 -41.67
N ASN B 254 37.41 4.38 -42.31
CA ASN B 254 37.91 3.89 -43.60
C ASN B 254 37.02 4.37 -44.77
N LYS B 255 36.03 5.24 -44.46
CA LYS B 255 35.06 5.71 -45.43
C LYS B 255 35.01 7.23 -45.48
N PRO B 256 34.42 7.81 -46.53
CA PRO B 256 34.69 9.25 -46.60
C PRO B 256 33.57 10.18 -46.07
N ASP B 257 32.55 9.63 -45.42
CA ASP B 257 31.49 10.46 -44.84
C ASP B 257 31.63 10.65 -43.31
N LYS B 258 30.87 11.62 -42.79
CA LYS B 258 30.84 11.88 -41.38
C LYS B 258 29.55 12.59 -40.99
N TYR B 259 29.29 12.57 -39.69
CA TYR B 259 28.24 13.37 -39.09
C TYR B 259 28.85 14.48 -38.29
N GLN B 260 28.16 15.61 -38.26
CA GLN B 260 28.52 16.73 -37.38
C GLN B 260 27.34 17.07 -36.53
N LEU B 261 27.57 17.19 -35.21
CA LEU B 261 26.49 17.26 -34.20
C LEU B 261 26.71 18.52 -33.34
N HIS B 262 25.66 19.30 -33.16
CA HIS B 262 25.78 20.64 -32.55
C HIS B 262 24.76 20.82 -31.39
N LEU B 263 25.10 20.34 -30.21
CA LEU B 263 24.30 20.66 -29.02
C LEU B 263 25.19 21.11 -27.85
N HIS B 264 26.44 21.45 -28.13
CA HIS B 264 27.29 22.04 -27.11
C HIS B 264 27.52 23.48 -27.50
N GLU B 265 27.76 24.31 -26.49
CA GLU B 265 27.99 25.74 -26.70
C GLU B 265 29.45 26.07 -26.46
N SER B 266 30.25 25.05 -26.15
CA SER B 266 31.62 25.22 -25.74
C SER B 266 32.39 23.93 -26.02
N CYS B 267 33.68 23.92 -25.69
CA CYS B 267 34.55 22.73 -25.90
C CYS B 267 33.93 21.42 -25.43
N VAL B 268 34.11 20.36 -26.22
CA VAL B 268 33.65 19.03 -25.89
C VAL B 268 34.81 18.37 -25.16
N LEU B 269 34.70 18.30 -23.83
CA LEU B 269 35.82 17.85 -23.00
C LEU B 269 36.06 16.36 -22.96
N SER B 270 34.99 15.55 -23.05
CA SER B 270 35.10 14.08 -22.90
C SER B 270 33.97 13.40 -23.64
N LEU B 271 34.13 12.12 -23.89
CA LEU B 271 33.21 11.40 -24.71
C LEU B 271 33.36 9.94 -24.39
N LYS B 272 32.27 9.18 -24.45
CA LYS B 272 32.35 7.75 -24.18
C LYS B 272 31.19 7.01 -24.83
N PHE B 273 31.54 5.93 -25.56
CA PHE B 273 30.57 5.02 -26.13
C PHE B 273 30.00 4.07 -25.09
N ALA B 274 28.70 3.79 -25.20
CA ALA B 274 28.14 2.66 -24.52
C ALA B 274 28.81 1.38 -25.07
N TYR B 275 28.97 0.39 -24.22
CA TYR B 275 29.61 -0.85 -24.61
C TYR B 275 28.77 -1.61 -25.66
N CYS B 276 27.44 -1.42 -25.66
CA CYS B 276 26.65 -1.98 -26.78
C CYS B 276 26.91 -1.23 -28.10
N GLY B 277 27.60 -0.09 -28.03
CA GLY B 277 27.90 0.74 -29.19
C GLY B 277 26.78 1.59 -29.81
N LYS B 278 25.53 1.38 -29.38
CA LYS B 278 24.34 1.95 -30.06
C LYS B 278 24.10 3.45 -29.73
N TRP B 279 24.77 3.91 -28.67
CA TRP B 279 24.72 5.31 -28.25
C TRP B 279 26.04 5.66 -27.53
N PHE B 280 26.25 6.96 -27.35
CA PHE B 280 27.41 7.48 -26.67
C PHE B 280 27.09 8.79 -25.98
N VAL B 281 27.97 9.20 -25.06
CA VAL B 281 27.82 10.53 -24.42
C VAL B 281 28.97 11.42 -24.75
N SER B 282 28.71 12.72 -24.72
CA SER B 282 29.77 13.73 -24.71
C SER B 282 29.50 14.69 -23.56
N THR B 283 30.56 15.35 -23.11
CA THR B 283 30.46 16.29 -22.00
C THR B 283 31.12 17.60 -22.36
N GLY B 284 30.60 18.67 -21.80
CA GLY B 284 31.03 19.98 -22.26
C GLY B 284 31.48 20.91 -21.13
N LYS B 285 32.38 21.80 -21.48
CA LYS B 285 32.65 22.99 -20.68
C LYS B 285 31.37 23.77 -20.39
N ASP B 286 30.37 23.59 -21.25
CA ASP B 286 29.05 24.24 -21.11
C ASP B 286 28.12 23.61 -20.08
N ASN B 287 28.64 22.63 -19.32
CA ASN B 287 27.90 22.00 -18.20
C ASN B 287 26.97 20.85 -18.62
N LEU B 288 26.91 20.56 -19.92
CA LEU B 288 26.04 19.51 -20.44
C LEU B 288 26.69 18.14 -20.54
N LEU B 289 25.86 17.15 -20.19
CA LEU B 289 26.03 15.79 -20.59
C LEU B 289 24.99 15.49 -21.66
N ASN B 290 25.45 15.18 -22.86
CA ASN B 290 24.58 14.92 -24.02
C ASN B 290 24.72 13.47 -24.40
N ALA B 291 23.59 12.80 -24.61
CA ALA B 291 23.57 11.41 -25.06
C ALA B 291 23.06 11.36 -26.51
N TRP B 292 23.74 10.54 -27.32
CA TRP B 292 23.64 10.62 -28.77
C TRP B 292 23.47 9.21 -29.33
N ARG B 293 22.63 9.07 -30.35
CA ARG B 293 22.45 7.80 -31.05
C ARG B 293 23.62 7.59 -32.00
N THR B 294 24.15 6.36 -31.99
CA THR B 294 25.17 5.99 -32.99
C THR B 294 24.53 5.64 -34.33
N PRO B 295 25.11 6.11 -35.45
CA PRO B 295 26.24 7.09 -35.66
C PRO B 295 25.77 8.51 -35.88
N TYR B 296 24.47 8.67 -36.19
CA TYR B 296 23.95 9.90 -36.81
C TYR B 296 23.56 10.91 -35.77
N GLY B 297 23.66 10.52 -34.49
CA GLY B 297 23.60 11.53 -33.43
C GLY B 297 22.24 12.16 -33.15
N ALA B 298 21.15 11.38 -33.19
CA ALA B 298 19.87 11.87 -32.63
C ALA B 298 20.04 12.06 -31.10
N SER B 299 19.47 13.14 -30.54
CA SER B 299 19.65 13.48 -29.13
C SER B 299 18.75 12.65 -28.21
N ILE B 300 19.34 11.66 -27.55
CA ILE B 300 18.61 10.73 -26.66
C ILE B 300 18.21 11.36 -25.30
N PHE B 301 19.12 12.14 -24.69
CA PHE B 301 18.81 12.94 -23.51
C PHE B 301 19.87 14.04 -23.38
N GLN B 302 19.58 15.07 -22.56
CA GLN B 302 20.59 16.03 -22.19
C GLN B 302 20.43 16.25 -20.70
N SER B 303 21.55 16.42 -20.02
CA SER B 303 21.52 16.70 -18.56
C SER B 303 22.40 17.87 -18.30
N LYS B 304 21.84 18.90 -17.70
CA LYS B 304 22.59 20.11 -17.45
C LYS B 304 23.08 20.05 -16.01
N GLU B 305 24.40 20.00 -15.81
CA GLU B 305 24.95 19.91 -14.47
C GLU B 305 25.28 21.31 -13.91
N SER B 306 25.74 21.39 -12.65
CA SER B 306 25.98 22.68 -12.00
C SER B 306 27.22 23.40 -12.57
N SER B 307 28.14 22.63 -13.19
CA SER B 307 29.41 23.20 -13.62
C SER B 307 29.91 22.46 -14.83
N SER B 308 31.09 22.85 -15.28
CA SER B 308 31.80 22.24 -16.39
C SER B 308 31.91 20.72 -16.14
N VAL B 309 31.72 19.90 -17.18
CA VAL B 309 31.80 18.45 -17.08
C VAL B 309 33.06 18.01 -17.84
N LEU B 310 34.07 17.63 -17.07
CA LEU B 310 35.43 17.41 -17.59
C LEU B 310 35.75 15.98 -18.06
N SER B 311 34.98 15.03 -17.57
CA SER B 311 35.28 13.61 -17.67
C SER B 311 34.03 12.78 -17.56
N CYS B 312 34.09 11.57 -18.11
CA CYS B 312 33.00 10.63 -17.98
C CYS B 312 33.49 9.17 -18.16
N ASP B 313 32.63 8.24 -17.74
CA ASP B 313 32.79 6.83 -18.04
C ASP B 313 31.40 6.24 -18.03
N ILE B 314 31.28 5.15 -18.76
CA ILE B 314 30.07 4.33 -18.76
C ILE B 314 30.53 2.93 -18.31
N SER B 315 29.77 2.32 -17.40
CA SER B 315 30.07 0.99 -16.87
C SER B 315 29.95 -0.08 -18.00
N VAL B 316 30.70 -1.15 -17.85
CA VAL B 316 30.78 -2.21 -18.86
C VAL B 316 29.40 -2.83 -19.15
N ASP B 317 28.49 -2.75 -18.17
CA ASP B 317 27.10 -3.25 -18.31
C ASP B 317 26.10 -2.21 -18.85
N ASP B 318 26.61 -1.02 -19.21
CA ASP B 318 25.78 0.10 -19.67
C ASP B 318 24.68 0.57 -18.73
N LYS B 319 24.77 0.15 -17.47
CA LYS B 319 23.78 0.52 -16.43
C LYS B 319 24.04 1.92 -15.81
N TYR B 320 25.29 2.37 -15.81
CA TYR B 320 25.66 3.62 -15.09
C TYR B 320 26.52 4.54 -15.91
N ILE B 321 26.34 5.84 -15.69
CA ILE B 321 27.22 6.84 -16.24
C ILE B 321 27.83 7.65 -15.10
N VAL B 322 29.13 7.87 -15.16
CA VAL B 322 29.77 8.74 -14.16
C VAL B 322 30.39 9.93 -14.82
N THR B 323 30.11 11.14 -14.30
CA THR B 323 30.72 12.34 -14.87
C THR B 323 31.53 13.06 -13.79
N GLY B 324 32.60 13.73 -14.21
CA GLY B 324 33.45 14.46 -13.27
C GLY B 324 33.23 15.94 -13.54
N SER B 325 33.21 16.75 -12.45
CA SER B 325 32.70 18.14 -12.48
C SER B 325 33.72 19.19 -12.03
N GLY B 326 33.57 20.40 -12.60
CA GLY B 326 34.34 21.58 -12.17
C GLY B 326 33.84 22.03 -10.80
N ASP B 327 32.71 21.49 -10.34
CA ASP B 327 32.23 21.79 -8.99
C ASP B 327 32.82 20.87 -7.91
N LYS B 328 33.90 20.17 -8.24
CA LYS B 328 34.69 19.40 -7.28
C LYS B 328 33.95 18.16 -6.77
N LYS B 329 33.29 17.47 -7.71
CA LYS B 329 32.45 16.29 -7.42
C LYS B 329 32.39 15.41 -8.67
N ALA B 330 31.88 14.20 -8.51
CA ALA B 330 31.44 13.37 -9.60
C ALA B 330 29.97 13.09 -9.36
N THR B 331 29.24 12.77 -10.43
CA THR B 331 27.83 12.39 -10.37
C THR B 331 27.66 10.98 -10.90
N VAL B 332 26.88 10.17 -10.19
CA VAL B 332 26.60 8.83 -10.66
C VAL B 332 25.18 8.90 -11.19
N TYR B 333 25.00 8.48 -12.44
CA TYR B 333 23.68 8.37 -13.05
C TYR B 333 23.32 6.91 -13.27
N GLU B 334 22.09 6.53 -12.92
CA GLU B 334 21.57 5.22 -13.33
C GLU B 334 20.85 5.41 -14.69
N VAL B 335 21.25 4.63 -15.69
CA VAL B 335 20.64 4.69 -17.03
C VAL B 335 19.31 3.91 -16.95
N ILE B 336 18.22 4.61 -17.21
CA ILE B 336 16.90 3.95 -17.19
C ILE B 336 16.53 3.56 -18.64
N TYR B 337 16.32 2.28 -18.86
CA TYR B 337 15.88 1.69 -20.14
C TYR B 337 14.38 1.46 -20.14
N ASP C 1 -8.07 -12.25 9.90
CA ASP C 1 -7.10 -11.30 9.24
C ASP C 1 -6.93 -9.92 9.93
N TYR C 2 -7.73 -8.91 9.57
CA TYR C 2 -7.63 -7.49 10.11
C TYR C 2 -7.82 -7.27 11.64
N PHE C 3 -8.85 -7.90 12.21
CA PHE C 3 -8.83 -8.30 13.62
C PHE C 3 -8.55 -9.79 13.73
N GLN C 4 -7.79 -10.19 14.74
CA GLN C 4 -7.52 -11.61 14.95
C GLN C 4 -8.12 -12.12 16.25
N GLY C 5 -8.65 -13.34 16.22
CA GLY C 5 -8.99 -14.03 17.48
C GLY C 5 -7.86 -14.04 18.50
N ALA C 6 -8.20 -13.88 19.79
CA ALA C 6 -7.29 -14.14 20.91
C ALA C 6 -8.09 -14.82 22.02
N MET C 7 -7.61 -15.97 22.52
CA MET C 7 -8.38 -16.66 23.55
C MET C 7 -8.25 -15.96 24.90
N GLY C 8 -9.41 -15.80 25.58
CA GLY C 8 -9.47 -15.32 26.98
C GLY C 8 -10.10 -16.44 27.81
N SER C 9 -10.20 -16.22 29.12
CA SER C 9 -10.80 -17.19 29.99
C SER C 9 -11.37 -16.48 31.20
N LYS C 10 -12.27 -17.17 31.90
CA LYS C 10 -13.00 -16.60 33.04
C LYS C 10 -13.23 -17.73 34.03
N PRO C 11 -13.41 -17.40 35.34
CA PRO C 11 -13.97 -18.40 36.27
C PRO C 11 -15.26 -18.95 35.66
N ALA C 12 -15.46 -20.28 35.76
CA ALA C 12 -16.61 -20.93 35.11
C ALA C 12 -17.90 -20.12 35.28
N TYR C 13 -18.59 -19.90 34.16
CA TYR C 13 -19.76 -19.03 34.12
C TYR C 13 -20.95 -19.80 33.50
N SER C 14 -20.67 -20.93 32.85
CA SER C 14 -21.73 -21.72 32.25
C SER C 14 -21.88 -23.11 32.91
N PHE C 15 -23.10 -23.44 33.35
CA PHE C 15 -23.33 -24.67 34.15
C PHE C 15 -24.48 -25.49 33.60
N HIS C 16 -24.33 -26.81 33.68
CA HIS C 16 -25.41 -27.70 33.29
C HIS C 16 -26.06 -28.17 34.57
N VAL C 17 -27.38 -28.08 34.60
CA VAL C 17 -28.16 -28.38 35.79
C VAL C 17 -29.08 -29.60 35.48
N THR C 18 -28.83 -30.72 36.16
CA THR C 18 -29.53 -31.98 35.91
C THR C 18 -30.86 -32.03 36.65
N ALA C 19 -31.66 -33.05 36.40
CA ALA C 19 -32.98 -33.20 37.08
C ALA C 19 -32.94 -32.85 38.58
N ASP C 20 -31.97 -33.42 39.29
CA ASP C 20 -31.82 -33.25 40.73
C ASP C 20 -31.18 -31.91 41.14
N GLY C 21 -30.78 -31.81 42.41
CA GLY C 21 -29.87 -30.75 42.83
C GLY C 21 -28.42 -31.04 42.40
N GLN C 22 -28.05 -30.65 41.17
CA GLN C 22 -26.69 -30.91 40.63
C GLN C 22 -26.27 -29.97 39.48
N MET C 23 -25.19 -29.24 39.75
CA MET C 23 -24.72 -28.15 38.91
C MET C 23 -23.28 -28.43 38.54
N GLN C 24 -23.00 -28.50 37.25
CA GLN C 24 -21.68 -28.87 36.80
C GLN C 24 -21.17 -27.90 35.70
N PRO C 25 -19.94 -27.31 35.86
CA PRO C 25 -19.42 -26.47 34.76
C PRO C 25 -19.41 -27.23 33.43
N VAL C 26 -19.74 -26.56 32.34
CA VAL C 26 -19.84 -27.26 31.07
C VAL C 26 -18.45 -27.44 30.45
N PRO C 27 -18.10 -28.67 30.02
CA PRO C 27 -16.93 -28.86 29.13
C PRO C 27 -17.26 -28.47 27.68
N PHE C 28 -16.67 -27.39 27.18
CA PHE C 28 -17.05 -26.89 25.85
C PHE C 28 -16.52 -27.85 24.79
N PRO C 29 -17.40 -28.31 23.88
CA PRO C 29 -16.95 -29.10 22.74
C PRO C 29 -16.09 -28.26 21.79
N PRO C 30 -15.41 -28.94 20.82
CA PRO C 30 -14.46 -28.19 19.95
C PRO C 30 -15.07 -27.03 19.14
N ASP C 31 -16.34 -27.15 18.75
CA ASP C 31 -16.96 -26.08 17.95
C ASP C 31 -17.74 -25.05 18.81
N ALA C 32 -17.42 -24.97 20.09
CA ALA C 32 -18.08 -23.98 20.97
C ALA C 32 -17.79 -22.52 20.61
N LEU C 33 -16.57 -22.21 20.18
CA LEU C 33 -16.17 -20.78 20.11
C LEU C 33 -15.72 -20.40 18.72
N ILE C 34 -15.82 -21.39 17.83
CA ILE C 34 -15.26 -21.32 16.49
C ILE C 34 -15.98 -22.32 15.61
N GLY C 35 -16.31 -21.93 14.40
CA GLY C 35 -17.08 -22.83 13.55
C GLY C 35 -17.88 -22.06 12.53
N PRO C 36 -18.29 -22.74 11.45
CA PRO C 36 -19.12 -22.12 10.43
C PRO C 36 -20.40 -21.53 11.03
N GLY C 37 -20.71 -20.29 10.72
CA GLY C 37 -21.90 -19.69 11.31
C GLY C 37 -21.64 -19.11 12.71
N ILE C 38 -20.41 -19.25 13.23
CA ILE C 38 -20.11 -18.73 14.56
C ILE C 38 -19.31 -17.46 14.42
N PRO C 39 -19.82 -16.35 15.00
CA PRO C 39 -19.08 -15.09 14.88
C PRO C 39 -17.66 -15.13 15.44
N ARG C 40 -16.79 -14.35 14.83
CA ARG C 40 -15.46 -14.11 15.35
C ARG C 40 -15.46 -12.88 16.25
N HIS C 41 -16.23 -11.86 15.86
CA HIS C 41 -16.41 -10.70 16.68
C HIS C 41 -17.48 -9.80 16.10
N ALA C 42 -17.70 -8.67 16.74
CA ALA C 42 -18.69 -7.72 16.29
C ALA C 42 -18.08 -6.32 16.25
N ARG C 43 -18.34 -5.59 15.17
CA ARG C 43 -17.75 -4.27 14.94
C ARG C 43 -18.85 -3.22 14.92
N GLN C 44 -18.68 -2.17 15.72
CA GLN C 44 -19.66 -1.09 15.74
C GLN C 44 -19.51 -0.27 14.45
N ILE C 45 -20.61 -0.04 13.74
CA ILE C 45 -20.55 0.65 12.44
C ILE C 45 -21.48 1.88 12.34
N ASN C 46 -22.45 2.02 13.25
CA ASN C 46 -23.29 3.23 13.34
C ASN C 46 -23.74 3.46 14.79
N THR C 47 -24.08 4.74 15.03
CA THR C 47 -24.81 5.18 16.21
C THR C 47 -26.01 5.96 15.73
N LEU C 48 -27.18 5.60 16.23
CA LEU C 48 -28.44 6.24 15.84
C LEU C 48 -28.91 7.10 17.03
N ASN C 49 -28.71 8.40 16.93
CA ASN C 49 -28.94 9.34 18.01
C ASN C 49 -30.42 9.71 18.20
N HIS C 50 -31.20 8.73 18.70
CA HIS C 50 -32.63 8.91 18.94
C HIS C 50 -32.93 10.10 19.88
N GLY C 51 -32.19 10.18 20.96
CA GLY C 51 -32.35 11.30 21.90
C GLY C 51 -33.31 11.00 23.06
N GLU C 52 -33.86 9.79 23.03
CA GLU C 52 -34.62 9.24 24.17
C GLU C 52 -34.15 7.81 24.30
N VAL C 53 -34.32 7.24 25.50
CA VAL C 53 -33.97 5.86 25.81
C VAL C 53 -34.63 4.94 24.77
N VAL C 54 -33.84 4.05 24.15
CA VAL C 54 -34.36 3.17 23.07
C VAL C 54 -34.78 1.82 23.66
N CYS C 55 -36.08 1.68 23.88
CA CYS C 55 -36.66 0.52 24.53
C CYS C 55 -37.06 -0.57 23.57
N ALA C 56 -36.99 -0.26 22.28
CA ALA C 56 -37.35 -1.21 21.27
C ALA C 56 -36.57 -0.90 20.00
N VAL C 57 -36.11 -1.95 19.32
CA VAL C 57 -35.32 -1.81 18.06
C VAL C 57 -35.67 -2.95 17.11
N THR C 58 -35.82 -2.63 15.82
CA THR C 58 -35.96 -3.65 14.77
C THR C 58 -35.24 -3.26 13.48
N ILE C 59 -34.75 -4.23 12.74
CA ILE C 59 -34.01 -3.98 11.52
C ILE C 59 -34.85 -4.50 10.36
N SER C 60 -34.88 -3.74 9.25
CA SER C 60 -35.70 -4.14 8.11
C SER C 60 -35.09 -5.36 7.41
N ASN C 61 -35.89 -5.99 6.54
CA ASN C 61 -35.38 -6.96 5.57
C ASN C 61 -35.74 -6.57 4.11
N PRO C 62 -34.76 -6.25 3.24
CA PRO C 62 -33.31 -6.27 3.42
C PRO C 62 -32.90 -5.20 4.41
N THR C 63 -31.76 -5.43 5.04
CA THR C 63 -31.22 -4.53 6.03
C THR C 63 -30.87 -3.23 5.32
N ARG C 64 -31.70 -2.22 5.50
CA ARG C 64 -31.31 -0.88 5.07
C ARG C 64 -31.85 0.14 6.03
N HIS C 65 -32.97 -0.14 6.69
CA HIS C 65 -33.48 0.73 7.72
C HIS C 65 -33.47 0.07 9.04
N VAL C 66 -33.39 0.91 10.07
CA VAL C 66 -33.49 0.51 11.44
C VAL C 66 -34.60 1.36 12.09
N TYR C 67 -35.40 0.74 12.95
CA TYR C 67 -36.53 1.39 13.64
C TYR C 67 -36.18 1.42 15.13
N THR C 68 -36.18 2.60 15.74
CA THR C 68 -35.86 2.77 17.16
C THR C 68 -37.08 3.35 17.85
N GLY C 69 -37.54 2.70 18.91
CA GLY C 69 -38.72 3.15 19.63
C GLY C 69 -38.22 3.82 20.89
N GLY C 70 -38.64 5.08 21.11
CA GLY C 70 -38.27 5.83 22.27
C GLY C 70 -39.53 6.32 22.97
N LYS C 71 -39.59 7.64 23.18
CA LYS C 71 -40.65 8.24 23.99
C LYS C 71 -41.60 8.83 23.00
N GLY C 72 -42.75 8.22 22.80
CA GLY C 72 -43.76 8.77 21.94
C GLY C 72 -43.64 8.41 20.48
N CYS C 73 -42.42 8.18 20.00
CA CYS C 73 -42.25 7.96 18.53
C CYS C 73 -41.27 6.85 18.20
N VAL C 74 -41.38 6.35 16.96
CA VAL C 74 -40.39 5.46 16.36
C VAL C 74 -39.64 6.31 15.32
N LYS C 75 -38.31 6.28 15.38
CA LYS C 75 -37.53 6.92 14.33
C LYS C 75 -37.02 5.88 13.33
N VAL C 76 -36.97 6.25 12.06
CA VAL C 76 -36.51 5.32 11.01
C VAL C 76 -35.24 5.87 10.43
N TRP C 77 -34.21 5.00 10.33
CA TRP C 77 -32.86 5.40 10.02
C TRP C 77 -32.40 4.61 8.80
N ASP C 78 -31.87 5.31 7.80
CA ASP C 78 -31.29 4.62 6.66
C ASP C 78 -29.81 4.35 6.95
N ILE C 79 -29.49 3.10 7.30
CA ILE C 79 -28.12 2.71 7.56
C ILE C 79 -27.36 2.25 6.33
N SER C 80 -28.06 2.25 5.20
CA SER C 80 -27.43 1.92 3.95
C SER C 80 -26.71 3.15 3.40
N HIS C 81 -27.01 4.33 3.96
CA HIS C 81 -26.23 5.56 3.74
C HIS C 81 -25.48 5.98 5.01
N PRO C 82 -24.20 5.55 5.13
CA PRO C 82 -23.47 5.67 6.42
C PRO C 82 -23.30 7.12 6.99
N GLY C 83 -23.32 8.14 6.11
CA GLY C 83 -23.19 9.56 6.51
C GLY C 83 -24.40 10.24 7.18
N ASN C 84 -25.59 9.64 7.05
CA ASN C 84 -26.79 10.14 7.72
C ASN C 84 -26.62 10.24 9.24
N LYS C 85 -26.96 11.42 9.76
CA LYS C 85 -26.89 11.68 11.21
C LYS C 85 -28.31 11.77 11.79
N SER C 86 -29.32 11.77 10.91
CA SER C 86 -30.67 11.92 11.38
C SER C 86 -31.68 10.93 10.73
N PRO C 87 -32.86 10.72 11.36
CA PRO C 87 -33.82 9.78 10.81
C PRO C 87 -34.31 10.25 9.45
N VAL C 88 -34.74 9.29 8.63
CA VAL C 88 -35.38 9.58 7.35
C VAL C 88 -36.89 9.76 7.56
N SER C 89 -37.47 9.15 8.59
CA SER C 89 -38.90 9.34 8.97
C SER C 89 -39.06 9.22 10.47
N GLN C 90 -40.19 9.72 10.95
CA GLN C 90 -40.55 9.65 12.36
C GLN C 90 -42.04 9.30 12.49
N LEU C 91 -42.33 8.22 13.22
CA LEU C 91 -43.68 7.70 13.42
C LEU C 91 -44.21 8.17 14.79
N ASP C 92 -45.10 9.15 14.83
CA ASP C 92 -45.65 9.58 16.13
C ASP C 92 -46.78 8.65 16.56
N CYS C 93 -46.55 7.88 17.64
CA CYS C 93 -47.35 6.70 17.99
C CYS C 93 -48.18 6.89 19.25
N LEU C 94 -47.52 7.30 20.33
CA LEU C 94 -48.18 7.41 21.64
C LEU C 94 -48.02 8.83 22.11
N ASN C 95 -48.67 9.14 23.22
CA ASN C 95 -48.37 10.34 23.97
C ASN C 95 -46.85 10.48 24.08
N ARG C 96 -46.35 11.69 23.82
CA ARG C 96 -44.94 11.88 23.68
C ARG C 96 -44.20 11.74 25.00
N ASP C 97 -44.94 11.56 26.09
CA ASP C 97 -44.33 11.21 27.37
C ASP C 97 -44.33 9.70 27.64
N ASN C 98 -44.99 8.93 26.77
CA ASN C 98 -45.05 7.45 26.91
C ASN C 98 -44.08 6.66 26.03
N TYR C 99 -43.33 5.75 26.67
CA TYR C 99 -42.43 4.86 25.96
C TYR C 99 -43.10 3.80 25.08
N ILE C 100 -42.56 3.69 23.88
CA ILE C 100 -42.70 2.53 23.01
C ILE C 100 -41.98 1.37 23.68
N ARG C 101 -42.60 0.19 23.68
CA ARG C 101 -42.02 -0.95 24.33
C ARG C 101 -41.67 -2.07 23.36
N SER C 102 -42.31 -2.08 22.19
CA SER C 102 -42.08 -3.14 21.22
C SER C 102 -42.44 -2.61 19.83
N CYS C 103 -41.63 -3.00 18.84
CA CYS C 103 -42.00 -2.75 17.45
C CYS C 103 -41.57 -3.90 16.53
N LYS C 104 -42.51 -4.34 15.69
CA LYS C 104 -42.35 -5.56 14.91
C LYS C 104 -42.78 -5.31 13.47
N LEU C 105 -41.92 -5.69 12.53
CA LEU C 105 -42.28 -5.66 11.12
C LEU C 105 -42.95 -6.97 10.75
N LEU C 106 -43.98 -6.89 9.92
CA LEU C 106 -44.56 -8.09 9.29
C LEU C 106 -43.50 -8.64 8.35
N PRO C 107 -43.47 -9.98 8.18
CA PRO C 107 -42.42 -10.68 7.40
C PRO C 107 -42.14 -10.05 6.04
N ASP C 108 -43.08 -9.29 5.48
CA ASP C 108 -42.92 -8.76 4.16
C ASP C 108 -42.46 -7.29 4.09
N GLY C 109 -42.27 -6.69 5.29
CA GLY C 109 -41.66 -5.38 5.45
C GLY C 109 -42.52 -4.19 5.07
N CYS C 110 -43.79 -4.41 4.72
CA CYS C 110 -44.65 -3.27 4.38
C CYS C 110 -45.44 -2.70 5.56
N THR C 111 -45.39 -3.37 6.71
CA THR C 111 -46.18 -2.98 7.89
C THR C 111 -45.34 -3.08 9.19
N LEU C 112 -45.48 -2.07 10.04
CA LEU C 112 -44.89 -2.06 11.36
C LEU C 112 -46.00 -1.96 12.40
N ILE C 113 -45.92 -2.82 13.40
CA ILE C 113 -46.81 -2.76 14.53
C ILE C 113 -46.03 -2.27 15.77
N VAL C 114 -46.62 -1.29 16.48
CA VAL C 114 -45.96 -0.61 17.60
C VAL C 114 -46.85 -0.69 18.84
N GLY C 115 -46.28 -1.14 19.96
CA GLY C 115 -47.02 -1.14 21.21
C GLY C 115 -46.16 -0.51 22.31
N GLY C 116 -46.79 0.00 23.36
CA GLY C 116 -46.03 0.50 24.50
C GLY C 116 -46.90 0.91 25.66
N GLU C 117 -46.49 1.95 26.36
CA GLU C 117 -47.15 2.36 27.58
C GLU C 117 -48.43 3.17 27.30
N ALA C 118 -49.38 2.51 26.63
CA ALA C 118 -50.66 3.06 26.23
C ALA C 118 -51.56 1.88 25.80
N SER C 119 -52.87 2.16 25.71
CA SER C 119 -53.89 1.16 25.36
C SER C 119 -53.90 0.83 23.87
N THR C 120 -53.29 1.66 23.05
CA THR C 120 -53.37 1.41 21.62
C THR C 120 -52.12 0.82 20.96
N LEU C 121 -52.35 -0.16 20.09
CA LEU C 121 -51.30 -0.64 19.21
C LEU C 121 -51.53 0.03 17.86
N SER C 122 -50.49 0.63 17.30
CA SER C 122 -50.64 1.29 16.00
C SER C 122 -50.00 0.45 14.92
N ILE C 123 -50.71 0.38 13.79
CA ILE C 123 -50.28 -0.39 12.65
C ILE C 123 -49.94 0.63 11.55
N TRP C 124 -48.69 0.59 11.08
CA TRP C 124 -48.15 1.55 10.12
C TRP C 124 -47.95 0.99 8.72
N ASP C 125 -48.48 1.69 7.73
CA ASP C 125 -48.21 1.37 6.34
C ASP C 125 -46.86 1.95 5.93
N LEU C 126 -45.89 1.09 5.65
CA LEU C 126 -44.54 1.53 5.29
C LEU C 126 -44.32 1.64 3.77
N ALA C 127 -45.13 0.89 2.99
CA ALA C 127 -45.11 0.85 1.51
C ALA C 127 -45.24 2.24 0.87
N ALA C 128 -44.24 2.58 0.05
CA ALA C 128 -44.04 3.95 -0.46
C ALA C 128 -44.25 5.01 0.65
N PRO C 129 -43.15 5.37 1.37
CA PRO C 129 -43.18 6.49 2.35
C PRO C 129 -43.37 7.83 1.61
N THR C 130 -43.95 8.88 2.22
CA THR C 130 -44.48 8.96 3.61
C THR C 130 -45.06 7.65 4.23
N PRO C 131 -44.59 7.25 5.44
CA PRO C 131 -45.31 6.21 6.20
C PRO C 131 -46.52 6.78 6.95
N ARG C 132 -47.65 6.07 6.87
CA ARG C 132 -48.89 6.50 7.51
C ARG C 132 -49.48 5.38 8.34
N ILE C 133 -50.13 5.80 9.41
CA ILE C 133 -50.88 4.94 10.29
C ILE C 133 -52.12 4.43 9.56
N LYS C 134 -52.19 3.12 9.36
CA LYS C 134 -53.32 2.53 8.64
C LYS C 134 -54.43 1.91 9.51
N ALA C 135 -54.09 1.48 10.73
CA ALA C 135 -55.07 1.03 11.69
C ALA C 135 -54.50 1.10 13.11
N GLU C 136 -55.41 0.97 14.09
CA GLU C 136 -55.04 0.96 15.50
C GLU C 136 -55.81 -0.09 16.27
N LEU C 137 -55.13 -0.93 17.04
CA LEU C 137 -55.83 -1.90 17.89
C LEU C 137 -55.93 -1.33 19.30
N THR C 138 -57.16 -1.23 19.80
CA THR C 138 -57.37 -0.64 21.13
C THR C 138 -57.66 -1.76 22.11
N SER C 139 -56.75 -1.91 23.06
CA SER C 139 -56.95 -2.88 24.10
C SER C 139 -57.56 -2.20 25.32
N SER C 140 -58.05 -3.00 26.25
CA SER C 140 -58.52 -2.50 27.53
C SER C 140 -57.41 -2.69 28.59
N ALA C 141 -56.29 -3.26 28.17
CA ALA C 141 -55.07 -3.29 28.97
C ALA C 141 -54.33 -1.94 28.94
N PRO C 142 -53.81 -1.50 30.10
CA PRO C 142 -53.13 -0.22 30.20
C PRO C 142 -51.84 -0.09 29.34
N ALA C 143 -51.13 -1.20 29.13
CA ALA C 143 -49.85 -1.15 28.44
C ALA C 143 -49.54 -2.44 27.70
N CYS C 144 -48.77 -2.29 26.63
CA CYS C 144 -48.15 -3.43 25.98
C CYS C 144 -46.63 -3.47 26.29
N TYR C 145 -46.14 -4.63 26.68
CA TYR C 145 -44.72 -4.77 27.03
C TYR C 145 -43.94 -5.49 25.91
N ALA C 146 -44.63 -6.23 25.04
CA ALA C 146 -43.96 -7.04 24.01
C ALA C 146 -44.98 -7.48 22.96
N LEU C 147 -44.48 -7.66 21.74
CA LEU C 147 -45.28 -8.17 20.64
C LEU C 147 -44.60 -9.32 19.93
N ALA C 148 -45.40 -10.18 19.32
CA ALA C 148 -44.90 -11.22 18.39
C ALA C 148 -45.91 -11.39 17.28
N ILE C 149 -45.43 -11.59 16.04
CA ILE C 149 -46.33 -11.79 14.90
C ILE C 149 -46.33 -13.27 14.55
N SER C 150 -47.48 -13.83 14.16
CA SER C 150 -47.54 -15.22 13.72
C SER C 150 -46.78 -15.42 12.41
N PRO C 151 -46.20 -16.62 12.24
CA PRO C 151 -45.35 -16.75 11.04
C PRO C 151 -46.13 -16.65 9.70
N ASP C 152 -47.45 -16.82 9.75
CA ASP C 152 -48.30 -16.62 8.56
C ASP C 152 -48.80 -15.18 8.46
N SER C 153 -48.34 -14.30 9.35
CA SER C 153 -48.64 -12.86 9.30
C SER C 153 -50.08 -12.48 9.63
N LYS C 154 -50.88 -13.45 10.05
CA LYS C 154 -52.29 -13.17 10.23
C LYS C 154 -52.66 -12.56 11.59
N VAL C 155 -51.82 -12.76 12.59
CA VAL C 155 -52.19 -12.48 13.97
C VAL C 155 -51.02 -11.77 14.67
N CYS C 156 -51.36 -10.84 15.57
CA CYS C 156 -50.40 -10.24 16.46
C CYS C 156 -50.74 -10.64 17.91
N PHE C 157 -49.72 -11.11 18.62
CA PHE C 157 -49.80 -11.39 20.04
C PHE C 157 -49.24 -10.19 20.82
N SER C 158 -49.98 -9.72 21.83
CA SER C 158 -49.51 -8.60 22.62
C SER C 158 -49.46 -9.01 24.10
N CYS C 159 -48.31 -8.85 24.72
CA CYS C 159 -48.15 -9.10 26.18
C CYS C 159 -48.60 -7.84 26.94
N CYS C 160 -49.68 -7.97 27.71
CA CYS C 160 -50.28 -6.85 28.45
C CYS C 160 -49.73 -6.72 29.85
N SER C 161 -49.76 -5.48 30.37
CA SER C 161 -49.26 -5.16 31.72
C SER C 161 -50.05 -5.86 32.84
N ASP C 162 -51.24 -6.33 32.47
CA ASP C 162 -52.07 -7.03 33.43
C ASP C 162 -51.86 -8.55 33.38
N GLY C 163 -50.88 -9.03 32.61
CA GLY C 163 -50.60 -10.45 32.51
C GLY C 163 -51.20 -11.18 31.30
N ASN C 164 -52.29 -10.66 30.75
CA ASN C 164 -52.95 -11.30 29.61
C ASN C 164 -52.10 -11.18 28.35
N ILE C 165 -52.25 -12.19 27.48
CA ILE C 165 -51.68 -12.16 26.12
C ILE C 165 -52.86 -11.99 25.19
N ALA C 166 -52.91 -10.84 24.53
CA ALA C 166 -53.92 -10.59 23.51
C ALA C 166 -53.53 -11.13 22.14
N VAL C 167 -54.53 -11.70 21.49
CA VAL C 167 -54.41 -12.24 20.14
C VAL C 167 -55.30 -11.46 19.16
N TRP C 168 -54.67 -10.68 18.28
CA TRP C 168 -55.34 -9.78 17.37
C TRP C 168 -55.37 -10.40 15.95
N ASP C 169 -56.55 -10.51 15.38
CA ASP C 169 -56.72 -10.81 13.98
C ASP C 169 -56.40 -9.49 13.26
N LEU C 170 -55.26 -9.42 12.58
CA LEU C 170 -54.82 -8.15 11.94
C LEU C 170 -55.76 -7.61 10.83
N HIS C 171 -56.29 -8.52 10.00
CA HIS C 171 -57.24 -8.16 8.93
C HIS C 171 -58.46 -7.32 9.37
N ASN C 172 -59.13 -7.70 10.45
CA ASN C 172 -60.33 -6.97 10.86
C ASN C 172 -60.21 -6.32 12.24
N GLN C 173 -58.98 -6.17 12.71
CA GLN C 173 -58.70 -5.56 14.00
C GLN C 173 -59.64 -6.01 15.12
N THR C 174 -59.69 -7.32 15.29
CA THR C 174 -60.56 -7.92 16.28
C THR C 174 -59.71 -8.76 17.21
N LEU C 175 -59.93 -8.64 18.53
CA LEU C 175 -59.26 -9.45 19.52
C LEU C 175 -59.96 -10.80 19.47
N VAL C 176 -59.25 -11.84 19.05
CA VAL C 176 -59.90 -13.13 18.84
C VAL C 176 -59.73 -14.09 20.02
N ARG C 177 -58.69 -13.87 20.82
CA ARG C 177 -58.41 -14.71 21.99
C ARG C 177 -57.58 -13.95 23.01
N GLN C 178 -57.73 -14.33 24.27
CA GLN C 178 -56.92 -13.80 25.34
C GLN C 178 -56.40 -14.97 26.18
N PHE C 179 -55.07 -15.10 26.33
CA PHE C 179 -54.48 -16.16 27.12
C PHE C 179 -54.32 -15.63 28.54
N GLN C 180 -54.97 -16.31 29.48
CA GLN C 180 -55.06 -15.80 30.83
C GLN C 180 -54.36 -16.73 31.75
N GLY C 181 -53.58 -16.14 32.65
CA GLY C 181 -52.76 -16.93 33.57
C GLY C 181 -51.76 -16.11 34.34
N HIS C 182 -50.87 -15.39 33.61
CA HIS C 182 -49.87 -14.58 34.27
C HIS C 182 -50.60 -13.66 35.27
N THR C 183 -50.07 -13.59 36.51
CA THR C 183 -50.68 -12.77 37.56
C THR C 183 -49.98 -11.43 37.79
N ASP C 184 -49.06 -11.11 36.87
CA ASP C 184 -48.43 -9.77 36.81
C ASP C 184 -48.12 -9.67 35.31
N GLY C 185 -47.54 -8.55 34.91
CA GLY C 185 -47.25 -8.26 33.52
C GLY C 185 -46.50 -9.35 32.78
N ALA C 186 -46.96 -9.60 31.56
CA ALA C 186 -46.24 -10.48 30.68
C ALA C 186 -45.21 -9.57 29.99
N SER C 187 -43.94 -9.86 30.21
CA SER C 187 -42.84 -8.99 29.80
C SER C 187 -42.19 -9.36 28.44
N CYS C 188 -42.48 -10.55 27.94
CA CYS C 188 -41.78 -11.13 26.78
C CYS C 188 -42.49 -12.35 26.22
N ILE C 189 -42.11 -12.73 25.01
CA ILE C 189 -42.91 -13.68 24.23
C ILE C 189 -42.11 -14.22 23.03
N ASP C 190 -42.39 -15.47 22.64
CA ASP C 190 -41.87 -16.00 21.38
C ASP C 190 -42.74 -17.18 21.00
N ILE C 191 -42.55 -17.69 19.79
CA ILE C 191 -43.34 -18.77 19.23
C ILE C 191 -42.38 -19.96 19.00
N SER C 192 -42.84 -21.19 19.27
CA SER C 192 -42.02 -22.39 19.02
C SER C 192 -41.60 -22.52 17.53
N ASN C 193 -40.54 -23.29 17.27
CA ASN C 193 -40.08 -23.39 15.88
C ASN C 193 -41.11 -24.08 14.96
N ASP C 194 -41.97 -24.95 15.49
CA ASP C 194 -43.04 -25.54 14.64
C ASP C 194 -44.30 -24.66 14.55
N GLY C 195 -44.29 -23.50 15.20
CA GLY C 195 -45.38 -22.53 15.13
C GLY C 195 -46.67 -22.88 15.86
N THR C 196 -46.62 -23.88 16.74
CA THR C 196 -47.82 -24.41 17.40
C THR C 196 -47.98 -24.03 18.86
N LYS C 197 -46.87 -23.56 19.46
CA LYS C 197 -46.85 -23.14 20.86
C LYS C 197 -46.35 -21.72 21.05
N LEU C 198 -46.95 -21.08 22.05
CA LEU C 198 -46.55 -19.76 22.49
C LEU C 198 -45.83 -19.90 23.80
N TRP C 199 -44.76 -19.13 23.99
CA TRP C 199 -44.00 -19.17 25.25
C TRP C 199 -43.91 -17.72 25.77
N THR C 200 -44.29 -17.48 27.01
CA THR C 200 -44.31 -16.11 27.51
C THR C 200 -43.62 -16.04 28.87
N GLY C 201 -43.04 -14.90 29.18
CA GLY C 201 -42.37 -14.73 30.41
C GLY C 201 -43.04 -13.65 31.22
N GLY C 202 -42.97 -13.82 32.53
CA GLY C 202 -43.79 -13.03 33.44
C GLY C 202 -43.04 -12.29 34.54
N LEU C 203 -43.62 -11.16 34.93
CA LEU C 203 -43.21 -10.45 36.13
C LEU C 203 -43.78 -11.14 37.39
N ASP C 204 -44.50 -12.24 37.15
CA ASP C 204 -44.96 -13.10 38.25
C ASP C 204 -43.99 -14.29 38.47
N ASN C 205 -42.78 -14.16 37.90
CA ASN C 205 -41.68 -15.14 37.97
C ASN C 205 -42.01 -16.46 37.28
N THR C 206 -42.86 -16.43 36.25
CA THR C 206 -43.14 -17.68 35.52
C THR C 206 -42.83 -17.56 34.06
N VAL C 207 -42.52 -18.71 33.46
CA VAL C 207 -42.61 -18.91 32.01
C VAL C 207 -43.72 -19.92 31.76
N ARG C 208 -44.56 -19.66 30.78
CA ARG C 208 -45.74 -20.45 30.46
C ARG C 208 -45.71 -20.78 28.96
N SER C 209 -46.00 -22.05 28.63
CA SER C 209 -46.31 -22.42 27.25
C SER C 209 -47.83 -22.50 27.09
N TRP C 210 -48.29 -22.18 25.86
CA TRP C 210 -49.72 -22.13 25.56
C TRP C 210 -49.90 -22.89 24.26
N ASP C 211 -50.98 -23.66 24.17
CA ASP C 211 -51.35 -24.24 22.88
C ASP C 211 -52.05 -23.21 21.98
N LEU C 212 -51.48 -22.92 20.82
CA LEU C 212 -52.09 -21.91 19.92
C LEU C 212 -53.41 -22.33 19.28
N ARG C 213 -53.58 -23.62 19.02
CA ARG C 213 -54.84 -24.11 18.46
C ARG C 213 -55.94 -24.17 19.53
N GLU C 214 -55.64 -24.76 20.68
CA GLU C 214 -56.65 -25.00 21.73
C GLU C 214 -56.86 -23.79 22.69
N GLY C 215 -55.83 -22.98 22.91
CA GLY C 215 -55.92 -21.83 23.78
C GLY C 215 -55.56 -22.04 25.24
N ARG C 216 -55.18 -23.27 25.63
CA ARG C 216 -54.96 -23.56 27.04
C ARG C 216 -53.47 -23.47 27.43
N GLN C 217 -53.21 -23.13 28.68
CA GLN C 217 -51.83 -23.13 29.18
C GLN C 217 -51.41 -24.60 29.23
N LEU C 218 -50.18 -24.88 28.84
CA LEU C 218 -49.66 -26.24 28.82
C LEU C 218 -48.64 -26.51 29.94
N GLN C 219 -47.52 -25.78 29.94
CA GLN C 219 -46.45 -25.87 30.98
C GLN C 219 -46.35 -24.54 31.76
N GLN C 220 -45.85 -24.63 32.99
CA GLN C 220 -45.51 -23.48 33.84
C GLN C 220 -44.20 -23.74 34.56
N HIS C 221 -43.23 -22.83 34.38
CA HIS C 221 -41.96 -22.88 35.08
C HIS C 221 -41.90 -21.72 36.03
N ASP C 222 -41.60 -22.04 37.28
CA ASP C 222 -41.57 -21.07 38.38
C ASP C 222 -40.13 -20.79 38.72
N PHE C 223 -39.77 -19.51 38.82
CA PHE C 223 -38.36 -19.15 39.06
C PHE C 223 -38.31 -18.32 40.32
N THR C 224 -37.11 -17.98 40.74
CA THR C 224 -36.93 -17.24 41.99
C THR C 224 -36.91 -15.71 41.77
N SER C 225 -36.99 -15.27 40.50
CA SER C 225 -36.98 -13.84 40.18
C SER C 225 -37.82 -13.60 38.94
N GLN C 226 -38.08 -12.33 38.62
CA GLN C 226 -38.86 -11.96 37.45
C GLN C 226 -38.13 -12.25 36.13
N ILE C 227 -38.91 -12.63 35.13
CA ILE C 227 -38.46 -12.82 33.78
C ILE C 227 -38.67 -11.52 32.98
N PHE C 228 -37.60 -11.06 32.32
CA PHE C 228 -37.65 -9.86 31.46
C PHE C 228 -37.58 -10.15 29.95
N SER C 229 -37.03 -11.30 29.58
CA SER C 229 -36.82 -11.61 28.17
C SER C 229 -36.72 -13.11 27.92
N LEU C 230 -37.09 -13.51 26.71
CA LEU C 230 -37.02 -14.91 26.33
C LEU C 230 -36.89 -15.08 24.80
N GLY C 231 -36.42 -16.26 24.41
CA GLY C 231 -36.29 -16.55 23.00
C GLY C 231 -36.32 -18.04 22.78
N TYR C 232 -36.97 -18.45 21.69
CA TYR C 232 -37.06 -19.87 21.36
C TYR C 232 -36.06 -20.15 20.24
N CYS C 233 -35.17 -21.12 20.49
CA CYS C 233 -34.20 -21.52 19.47
C CYS C 233 -34.91 -21.91 18.18
N PRO C 234 -34.59 -21.21 17.08
CA PRO C 234 -35.28 -21.51 15.82
C PRO C 234 -35.13 -22.94 15.27
N THR C 235 -34.17 -23.71 15.78
CA THR C 235 -33.97 -25.11 15.33
C THR C 235 -34.56 -26.07 16.37
N GLY C 236 -35.17 -25.47 17.41
CA GLY C 236 -35.88 -26.21 18.43
C GLY C 236 -35.11 -26.54 19.69
N GLU C 237 -35.80 -27.20 20.63
CA GLU C 237 -35.20 -27.86 21.75
C GLU C 237 -34.89 -26.99 22.96
N TRP C 238 -34.60 -25.70 22.75
CA TRP C 238 -34.06 -24.87 23.81
C TRP C 238 -34.78 -23.56 23.88
N LEU C 239 -35.03 -23.13 25.10
CA LEU C 239 -35.61 -21.82 25.32
C LEU C 239 -34.70 -21.03 26.25
N ALA C 240 -34.22 -19.88 25.77
CA ALA C 240 -33.37 -18.98 26.60
C ALA C 240 -34.26 -17.97 27.32
N VAL C 241 -33.98 -17.75 28.59
CA VAL C 241 -34.77 -16.85 29.42
C VAL C 241 -33.84 -15.92 30.18
N GLY C 242 -34.13 -14.62 30.12
CA GLY C 242 -33.29 -13.61 30.71
C GLY C 242 -33.98 -13.18 31.99
N MET C 243 -33.25 -13.30 33.09
CA MET C 243 -33.79 -13.13 34.45
C MET C 243 -33.35 -11.85 35.10
N GLU C 244 -34.23 -11.33 35.93
CA GLU C 244 -33.89 -10.26 36.86
C GLU C 244 -32.67 -10.62 37.73
N SER C 245 -32.49 -11.91 38.04
CA SER C 245 -31.40 -12.36 38.89
C SER C 245 -30.00 -12.16 38.27
N SER C 246 -29.97 -11.85 36.96
CA SER C 246 -28.74 -11.73 36.12
C SER C 246 -28.40 -13.01 35.38
N ASN C 247 -29.04 -14.14 35.73
CA ASN C 247 -28.89 -15.37 34.99
C ASN C 247 -29.58 -15.31 33.64
N VAL C 248 -28.97 -15.99 32.68
CA VAL C 248 -29.69 -16.52 31.54
C VAL C 248 -29.92 -18.02 31.81
N GLU C 249 -31.17 -18.45 31.73
CA GLU C 249 -31.46 -19.87 31.90
C GLU C 249 -31.84 -20.44 30.55
N VAL C 250 -31.14 -21.51 30.11
CA VAL C 250 -31.46 -22.14 28.85
C VAL C 250 -32.15 -23.46 29.14
N LEU C 251 -33.48 -23.45 29.00
CA LEU C 251 -34.31 -24.61 29.33
C LEU C 251 -34.35 -25.59 28.16
N HIS C 252 -34.21 -26.88 28.50
CA HIS C 252 -34.32 -27.97 27.54
C HIS C 252 -35.82 -28.23 27.41
N VAL C 253 -36.40 -27.95 26.25
CA VAL C 253 -37.84 -27.89 26.14
C VAL C 253 -38.46 -29.28 26.43
N ASN C 254 -39.37 -29.34 27.39
CA ASN C 254 -40.04 -30.59 27.79
C ASN C 254 -39.18 -31.52 28.68
N LYS C 255 -37.90 -31.19 28.84
CA LYS C 255 -36.97 -32.04 29.60
C LYS C 255 -36.59 -31.42 30.98
N PRO C 256 -36.16 -32.26 31.95
CA PRO C 256 -35.85 -31.70 33.28
C PRO C 256 -34.53 -30.91 33.38
N ASP C 257 -33.63 -31.03 32.41
CA ASP C 257 -32.33 -30.34 32.50
C ASP C 257 -32.25 -28.93 31.84
N LYS C 258 -31.20 -28.18 32.15
CA LYS C 258 -31.06 -26.80 31.67
C LYS C 258 -29.62 -26.35 31.81
N TYR C 259 -29.28 -25.27 31.11
CA TYR C 259 -28.06 -24.50 31.43
C TYR C 259 -28.37 -23.19 32.14
N GLN C 260 -27.42 -22.77 33.00
CA GLN C 260 -27.43 -21.46 33.66
C GLN C 260 -26.13 -20.78 33.33
N LEU C 261 -26.29 -19.54 32.86
CA LEU C 261 -25.21 -18.73 32.32
C LEU C 261 -25.07 -17.45 33.12
N HIS C 262 -23.85 -17.14 33.52
CA HIS C 262 -23.61 -16.06 34.47
C HIS C 262 -22.55 -15.08 33.96
N LEU C 263 -22.95 -14.16 33.08
CA LEU C 263 -22.00 -13.15 32.60
C LEU C 263 -22.66 -11.73 32.63
N HIS C 264 -23.71 -11.60 33.42
CA HIS C 264 -24.29 -10.29 33.67
C HIS C 264 -24.22 -10.03 35.14
N GLU C 265 -24.12 -8.76 35.49
CA GLU C 265 -24.14 -8.34 36.88
C GLU C 265 -25.50 -7.82 37.35
N SER C 266 -26.44 -7.67 36.41
CA SER C 266 -27.80 -7.21 36.78
C SER C 266 -28.86 -7.84 35.87
N CYS C 267 -30.07 -7.30 35.87
CA CYS C 267 -31.15 -7.88 35.05
C CYS C 267 -30.74 -8.08 33.61
N VAL C 268 -31.15 -9.23 33.03
CA VAL C 268 -31.06 -9.44 31.60
C VAL C 268 -32.33 -8.92 30.90
N LEU C 269 -32.18 -7.75 30.27
CA LEU C 269 -33.32 -6.97 29.77
C LEU C 269 -33.91 -7.46 28.46
N SER C 270 -33.05 -8.04 27.60
CA SER C 270 -33.44 -8.52 26.28
C SER C 270 -32.55 -9.64 25.77
N LEU C 271 -33.11 -10.44 24.91
CA LEU C 271 -32.30 -11.41 24.22
C LEU C 271 -32.88 -11.84 22.88
N LYS C 272 -32.04 -12.44 22.05
CA LYS C 272 -32.45 -12.81 20.69
C LYS C 272 -31.53 -13.87 20.11
N PHE C 273 -32.13 -14.92 19.54
CA PHE C 273 -31.41 -15.96 18.83
C PHE C 273 -31.02 -15.45 17.47
N ALA C 274 -29.83 -15.86 17.01
CA ALA C 274 -29.52 -15.77 15.57
C ALA C 274 -30.54 -16.65 14.85
N TYR C 275 -30.86 -16.27 13.62
CA TYR C 275 -31.74 -17.04 12.76
C TYR C 275 -31.24 -18.47 12.51
N CYS C 276 -29.92 -18.71 12.43
CA CYS C 276 -29.43 -20.10 12.31
C CYS C 276 -29.60 -20.86 13.64
N GLY C 277 -29.85 -20.12 14.73
CA GLY C 277 -30.01 -20.69 16.05
C GLY C 277 -28.77 -21.20 16.78
N LYS C 278 -27.59 -21.09 16.15
CA LYS C 278 -26.34 -21.62 16.71
C LYS C 278 -25.74 -20.74 17.80
N TRP C 279 -26.18 -19.48 17.85
CA TRP C 279 -25.74 -18.54 18.87
C TRP C 279 -26.92 -17.59 19.18
N PHE C 280 -26.84 -16.90 20.33
CA PHE C 280 -27.78 -15.85 20.68
C PHE C 280 -27.05 -14.75 21.44
N VAL C 281 -27.76 -13.64 21.64
CA VAL C 281 -27.19 -12.51 22.40
C VAL C 281 -28.11 -12.18 23.55
N SER C 282 -27.54 -11.69 24.65
CA SER C 282 -28.37 -11.16 25.73
C SER C 282 -27.84 -9.77 26.06
N THR C 283 -28.70 -8.92 26.63
CA THR C 283 -28.30 -7.57 27.00
C THR C 283 -28.67 -7.28 28.46
N GLY C 284 -27.91 -6.41 29.10
CA GLY C 284 -28.11 -6.16 30.51
C GLY C 284 -28.18 -4.71 30.89
N LYS C 285 -28.85 -4.52 32.03
CA LYS C 285 -28.80 -3.29 32.81
C LYS C 285 -27.33 -2.95 33.13
N ASP C 286 -26.47 -3.98 33.15
CA ASP C 286 -25.03 -3.80 33.41
C ASP C 286 -24.20 -3.29 32.19
N ASN C 287 -24.85 -2.87 31.10
CA ASN C 287 -24.18 -2.30 29.90
C ASN C 287 -23.63 -3.32 28.89
N LEU C 288 -23.83 -4.63 29.15
CA LEU C 288 -23.21 -5.64 28.31
C LEU C 288 -24.14 -6.18 27.30
N LEU C 289 -23.58 -6.33 26.10
CA LEU C 289 -24.10 -7.21 25.08
C LEU C 289 -23.18 -8.44 25.11
N ASN C 290 -23.76 -9.59 25.43
CA ASN C 290 -23.09 -10.89 25.48
C ASN C 290 -23.56 -11.75 24.29
N ALA C 291 -22.62 -12.34 23.55
CA ALA C 291 -22.91 -13.39 22.54
C ALA C 291 -22.55 -14.78 23.06
N TRP C 292 -23.50 -15.70 22.89
CA TRP C 292 -23.47 -16.98 23.59
C TRP C 292 -23.69 -18.11 22.59
N ARG C 293 -22.93 -19.19 22.76
CA ARG C 293 -23.14 -20.39 21.92
C ARG C 293 -24.37 -21.16 22.40
N THR C 294 -25.24 -21.58 21.47
CA THR C 294 -26.35 -22.50 21.78
C THR C 294 -25.90 -23.96 21.91
N PRO C 295 -26.47 -24.71 22.90
CA PRO C 295 -27.32 -24.30 24.06
C PRO C 295 -26.55 -23.98 25.35
N TYR C 296 -25.29 -24.40 25.43
CA TYR C 296 -24.57 -24.44 26.69
C TYR C 296 -23.88 -23.14 27.03
N GLY C 297 -23.99 -22.14 26.15
CA GLY C 297 -23.55 -20.78 26.46
C GLY C 297 -22.07 -20.49 26.60
N ALA C 298 -21.24 -20.98 25.67
CA ALA C 298 -19.86 -20.53 25.62
C ALA C 298 -19.89 -19.07 25.22
N SER C 299 -19.05 -18.26 25.83
CA SER C 299 -18.98 -16.82 25.52
C SER C 299 -18.18 -16.56 24.24
N ILE C 300 -18.89 -16.15 23.18
CA ILE C 300 -18.33 -15.94 21.86
C ILE C 300 -17.74 -14.53 21.72
N PHE C 301 -18.47 -13.52 22.23
CA PHE C 301 -17.92 -12.16 22.37
C PHE C 301 -18.69 -11.40 23.39
N GLN C 302 -18.14 -10.28 23.84
CA GLN C 302 -18.85 -9.40 24.74
C GLN C 302 -18.54 -7.98 24.26
N SER C 303 -19.53 -7.10 24.33
CA SER C 303 -19.34 -5.70 24.04
C SER C 303 -19.88 -4.93 25.22
N LYS C 304 -19.03 -4.09 25.80
CA LYS C 304 -19.37 -3.22 26.90
C LYS C 304 -19.72 -1.85 26.37
N GLU C 305 -21.00 -1.50 26.46
CA GLU C 305 -21.51 -0.23 25.99
C GLU C 305 -21.52 0.79 27.14
N SER C 306 -21.99 2.00 26.86
CA SER C 306 -21.77 3.13 27.76
C SER C 306 -22.86 3.20 28.82
N SER C 307 -23.94 2.47 28.61
CA SER C 307 -25.10 2.54 29.48
C SER C 307 -25.88 1.23 29.40
N SER C 308 -26.96 1.11 30.15
CA SER C 308 -27.86 -0.07 30.06
C SER C 308 -28.26 -0.37 28.65
N VAL C 309 -28.37 -1.67 28.36
CA VAL C 309 -28.76 -2.12 27.02
C VAL C 309 -30.16 -2.71 27.18
N LEU C 310 -31.14 -1.99 26.67
CA LEU C 310 -32.54 -2.32 26.95
C LEU C 310 -33.20 -3.24 25.92
N SER C 311 -32.71 -3.20 24.71
CA SER C 311 -33.35 -3.93 23.60
C SER C 311 -32.28 -4.33 22.57
N CYS C 312 -32.59 -5.31 21.73
CA CYS C 312 -31.66 -5.69 20.66
C CYS C 312 -32.48 -6.31 19.54
N ASP C 313 -31.89 -6.42 18.37
CA ASP C 313 -32.44 -7.26 17.32
C ASP C 313 -31.25 -7.80 16.52
N ILE C 314 -31.49 -8.84 15.70
CA ILE C 314 -30.46 -9.38 14.79
C ILE C 314 -31.10 -9.48 13.43
N SER C 315 -30.36 -9.09 12.41
CA SER C 315 -30.96 -9.14 11.07
C SER C 315 -31.19 -10.60 10.59
N VAL C 316 -31.98 -10.72 9.53
CA VAL C 316 -32.45 -12.03 9.03
C VAL C 316 -31.37 -12.97 8.48
N ASP C 317 -30.23 -12.41 8.08
CA ASP C 317 -29.08 -13.15 7.56
C ASP C 317 -27.96 -13.18 8.60
N ASP C 318 -28.32 -12.82 9.83
CA ASP C 318 -27.39 -12.79 10.96
C ASP C 318 -26.14 -11.94 10.77
N LYS C 319 -26.22 -10.88 9.95
CA LYS C 319 -25.03 -10.07 9.63
C LYS C 319 -24.87 -8.86 10.55
N TYR C 320 -25.99 -8.40 11.13
CA TYR C 320 -26.05 -7.18 11.98
C TYR C 320 -26.79 -7.40 13.27
N ILE C 321 -26.37 -6.70 14.31
CA ILE C 321 -27.06 -6.65 15.60
C ILE C 321 -27.31 -5.16 15.86
N VAL C 322 -28.50 -4.82 16.30
CA VAL C 322 -28.76 -3.47 16.81
C VAL C 322 -29.11 -3.56 18.28
N THR C 323 -28.65 -2.60 19.08
CA THR C 323 -29.01 -2.55 20.49
C THR C 323 -29.56 -1.16 20.81
N GLY C 324 -30.52 -1.08 21.74
CA GLY C 324 -31.07 0.24 22.16
C GLY C 324 -30.54 0.57 23.54
N SER C 325 -30.20 1.84 23.76
CA SER C 325 -29.40 2.22 24.92
C SER C 325 -30.10 3.17 25.91
N GLY C 326 -29.72 3.02 27.18
CA GLY C 326 -30.09 3.95 28.25
C GLY C 326 -29.42 5.29 28.01
N ASP C 327 -28.41 5.32 27.13
CA ASP C 327 -27.78 6.58 26.73
C ASP C 327 -28.47 7.21 25.52
N LYS C 328 -29.73 6.84 25.26
CA LYS C 328 -30.62 7.61 24.37
C LYS C 328 -30.15 7.52 22.90
N LYS C 329 -29.71 6.32 22.51
CA LYS C 329 -29.19 6.03 21.18
C LYS C 329 -29.40 4.53 20.88
N ALA C 330 -29.27 4.15 19.63
CA ALA C 330 -29.08 2.77 19.26
C ALA C 330 -27.73 2.59 18.61
N THR C 331 -27.18 1.37 18.71
CA THR C 331 -25.89 1.03 18.12
C THR C 331 -26.12 -0.06 17.07
N VAL C 332 -25.50 0.10 15.89
CA VAL C 332 -25.49 -0.97 14.86
C VAL C 332 -24.11 -1.64 14.90
N TYR C 333 -24.11 -2.97 15.00
CA TYR C 333 -22.91 -3.80 14.89
C TYR C 333 -22.99 -4.62 13.60
N GLU C 334 -21.86 -4.80 12.91
CA GLU C 334 -21.70 -5.84 11.88
C GLU C 334 -21.07 -7.03 12.56
N VAL C 335 -21.65 -8.22 12.34
CA VAL C 335 -21.16 -9.49 12.87
C VAL C 335 -20.10 -10.06 11.91
N ILE C 336 -18.89 -10.34 12.43
CA ILE C 336 -17.77 -10.71 11.54
C ILE C 336 -17.52 -12.20 11.72
N TYR C 337 -17.49 -12.90 10.61
CA TYR C 337 -17.40 -14.33 10.65
C TYR C 337 -16.05 -14.80 10.14
N ASP D 1 -11.25 -24.76 41.81
CA ASP D 1 -11.55 -23.70 40.79
C ASP D 1 -11.63 -24.21 39.34
N TYR D 2 -12.73 -23.84 38.66
CA TYR D 2 -12.94 -24.20 37.28
C TYR D 2 -12.99 -22.95 36.44
N PHE D 3 -12.56 -23.09 35.18
CA PHE D 3 -12.39 -22.00 34.25
C PHE D 3 -12.95 -22.40 32.92
N GLN D 4 -13.41 -21.38 32.17
CA GLN D 4 -13.92 -21.62 30.83
C GLN D 4 -13.36 -20.63 29.84
N GLY D 5 -13.15 -21.08 28.61
CA GLY D 5 -12.69 -20.15 27.61
C GLY D 5 -13.78 -19.13 27.32
N ALA D 6 -13.34 -17.97 26.85
CA ALA D 6 -14.24 -16.90 26.34
C ALA D 6 -13.47 -16.23 25.23
N MET D 7 -13.99 -16.28 24.01
CA MET D 7 -13.25 -15.79 22.83
C MET D 7 -13.15 -14.28 22.82
N GLY D 8 -12.00 -13.75 22.40
CA GLY D 8 -11.82 -12.31 22.22
C GLY D 8 -11.26 -11.99 20.84
N SER D 9 -10.83 -10.74 20.67
CA SER D 9 -10.47 -10.25 19.35
C SER D 9 -9.53 -9.08 19.61
N LYS D 10 -8.53 -8.91 18.76
CA LYS D 10 -7.55 -7.81 18.86
C LYS D 10 -7.24 -7.32 17.44
N PRO D 11 -6.82 -6.03 17.29
CA PRO D 11 -6.17 -5.68 16.01
C PRO D 11 -5.06 -6.70 15.68
N ALA D 12 -4.95 -7.03 14.40
CA ALA D 12 -3.99 -8.00 13.92
C ALA D 12 -2.63 -7.78 14.57
N TYR D 13 -2.14 -8.85 15.20
CA TYR D 13 -0.88 -8.85 15.91
C TYR D 13 0.07 -9.92 15.41
N SER D 14 -0.41 -10.76 14.48
CA SER D 14 0.35 -11.93 14.00
C SER D 14 0.43 -11.84 12.47
N PHE D 15 1.65 -11.81 11.96
CA PHE D 15 1.91 -11.58 10.52
C PHE D 15 2.84 -12.63 9.98
N HIS D 16 2.51 -13.13 8.80
CA HIS D 16 3.40 -13.95 8.00
C HIS D 16 4.24 -13.06 7.04
N VAL D 17 5.56 -13.27 7.09
CA VAL D 17 6.50 -12.48 6.27
C VAL D 17 7.19 -13.39 5.21
N THR D 18 7.17 -12.99 3.93
CA THR D 18 7.93 -13.73 2.91
C THR D 18 9.30 -13.08 2.61
N ALA D 19 10.12 -13.78 1.80
CA ALA D 19 11.40 -13.26 1.30
C ALA D 19 11.22 -11.82 0.77
N ASP D 20 10.08 -11.60 0.08
CA ASP D 20 9.64 -10.30 -0.46
C ASP D 20 9.80 -9.14 0.55
N GLY D 21 9.57 -9.45 1.83
CA GLY D 21 9.48 -8.44 2.90
C GLY D 21 8.01 -8.09 3.10
N GLN D 22 7.17 -8.58 2.17
CA GLN D 22 5.69 -8.60 2.29
C GLN D 22 5.24 -9.24 3.62
N MET D 23 4.52 -8.45 4.42
CA MET D 23 3.85 -8.94 5.63
C MET D 23 2.35 -9.02 5.39
N GLN D 24 1.75 -10.16 5.74
CA GLN D 24 0.31 -10.37 5.65
C GLN D 24 -0.24 -10.86 6.99
N PRO D 25 -1.35 -10.27 7.48
CA PRO D 25 -1.92 -10.79 8.73
C PRO D 25 -2.30 -12.25 8.52
N VAL D 26 -1.98 -13.09 9.49
CA VAL D 26 -2.29 -14.54 9.42
C VAL D 26 -3.79 -14.80 9.54
N PRO D 27 -4.34 -15.59 8.59
CA PRO D 27 -5.69 -16.10 8.76
C PRO D 27 -5.60 -17.41 9.58
N PHE D 28 -6.07 -17.39 10.82
CA PHE D 28 -5.86 -18.53 11.73
C PHE D 28 -6.73 -19.71 11.32
N PRO D 29 -6.18 -20.94 11.35
CA PRO D 29 -6.98 -22.11 11.08
C PRO D 29 -7.88 -22.47 12.29
N PRO D 30 -8.80 -23.43 12.13
CA PRO D 30 -9.76 -23.70 13.21
C PRO D 30 -9.16 -24.18 14.54
N ASP D 31 -7.98 -24.80 14.49
CA ASP D 31 -7.34 -25.36 15.68
C ASP D 31 -6.28 -24.43 16.23
N ALA D 32 -6.36 -23.14 15.87
CA ALA D 32 -5.38 -22.15 16.35
C ALA D 32 -5.43 -21.94 17.86
N LEU D 33 -6.66 -21.93 18.41
CA LEU D 33 -6.91 -21.46 19.79
C LEU D 33 -7.59 -22.51 20.66
N ILE D 34 -7.90 -23.63 20.05
CA ILE D 34 -8.74 -24.70 20.61
C ILE D 34 -8.16 -26.02 20.17
N GLY D 35 -8.06 -27.00 21.05
CA GLY D 35 -7.47 -28.30 20.69
C GLY D 35 -6.88 -29.11 21.83
N PRO D 36 -6.76 -30.45 21.64
CA PRO D 36 -6.03 -31.30 22.61
C PRO D 36 -4.62 -30.75 22.86
N GLY D 37 -4.27 -30.48 24.11
CA GLY D 37 -2.92 -30.00 24.43
C GLY D 37 -2.75 -28.49 24.26
N ILE D 38 -3.84 -27.79 23.97
CA ILE D 38 -3.85 -26.31 23.89
C ILE D 38 -4.41 -25.80 25.23
N PRO D 39 -3.62 -24.99 25.96
CA PRO D 39 -4.17 -24.44 27.22
C PRO D 39 -5.50 -23.68 27.05
N ARG D 40 -6.34 -23.68 28.10
CA ARG D 40 -7.51 -22.82 28.13
C ARG D 40 -7.25 -21.65 29.08
N HIS D 41 -6.43 -21.89 30.12
CA HIS D 41 -6.23 -20.92 31.21
C HIS D 41 -4.93 -21.25 31.95
N ALA D 42 -4.23 -20.24 32.46
CA ALA D 42 -3.07 -20.45 33.31
C ALA D 42 -3.41 -19.93 34.70
N ARG D 43 -3.48 -20.82 35.67
CA ARG D 43 -3.85 -20.40 37.00
C ARG D 43 -2.63 -20.17 37.89
N GLN D 44 -2.43 -18.95 38.40
CA GLN D 44 -1.36 -18.73 39.38
C GLN D 44 -1.62 -19.54 40.66
N ILE D 45 -0.71 -20.44 40.99
CA ILE D 45 -0.92 -21.31 42.14
C ILE D 45 0.03 -21.05 43.32
N ASN D 46 1.22 -20.52 43.04
CA ASN D 46 2.28 -20.31 44.03
C ASN D 46 3.00 -19.00 43.71
N THR D 47 3.36 -18.26 44.75
CA THR D 47 4.32 -17.17 44.64
C THR D 47 5.50 -17.63 45.46
N LEU D 48 6.68 -17.58 44.86
CA LEU D 48 7.93 -18.00 45.48
C LEU D 48 8.74 -16.73 45.76
N ASN D 49 8.71 -16.32 47.02
CA ASN D 49 9.30 -15.05 47.45
C ASN D 49 10.79 -15.17 47.68
N HIS D 50 11.53 -15.25 46.56
CA HIS D 50 13.00 -15.35 46.57
C HIS D 50 13.72 -14.16 47.27
N GLY D 51 13.35 -12.94 46.95
CA GLY D 51 13.99 -11.77 47.62
C GLY D 51 15.05 -11.04 46.83
N GLU D 52 15.32 -11.59 45.65
CA GLU D 52 16.20 -10.99 44.66
C GLU D 52 15.56 -11.24 43.28
N VAL D 53 15.82 -10.34 42.34
CA VAL D 53 15.32 -10.49 40.98
C VAL D 53 15.62 -11.92 40.48
N VAL D 54 14.60 -12.61 39.99
CA VAL D 54 14.77 -14.01 39.57
C VAL D 54 15.05 -14.11 38.07
N CYS D 55 16.34 -14.21 37.74
CA CYS D 55 16.87 -14.17 36.36
C CYS D 55 16.89 -15.53 35.70
N ALA D 56 16.68 -16.57 36.49
CA ALA D 56 16.73 -17.92 35.97
C ALA D 56 15.79 -18.78 36.76
N VAL D 57 15.06 -19.67 36.07
CA VAL D 57 14.25 -20.65 36.77
C VAL D 57 14.32 -22.02 36.07
N THR D 58 14.22 -23.08 36.84
CA THR D 58 14.11 -24.42 36.26
C THR D 58 13.24 -25.29 37.19
N ILE D 59 12.65 -26.33 36.61
CA ILE D 59 11.71 -27.19 37.29
C ILE D 59 12.26 -28.64 37.12
N SER D 60 12.16 -29.42 38.19
CA SER D 60 12.58 -30.80 38.15
C SER D 60 11.65 -31.65 37.25
N ASN D 61 12.22 -32.76 36.80
CA ASN D 61 11.55 -33.86 36.15
C ASN D 61 11.83 -35.15 36.90
N PRO D 62 10.81 -35.80 37.50
CA PRO D 62 9.38 -35.38 37.57
C PRO D 62 9.16 -34.09 38.39
N THR D 63 8.00 -33.47 38.18
CA THR D 63 7.70 -32.16 38.72
C THR D 63 7.53 -32.26 40.22
N ARG D 64 8.34 -31.52 40.96
CA ARG D 64 8.32 -31.54 42.43
C ARG D 64 9.00 -30.28 42.99
N HIS D 65 10.23 -30.05 42.57
CA HIS D 65 11.01 -28.89 43.04
C HIS D 65 11.18 -27.86 41.96
N VAL D 66 11.14 -26.60 42.35
CA VAL D 66 11.48 -25.49 41.46
C VAL D 66 12.77 -24.83 41.95
N TYR D 67 13.62 -24.43 41.01
CA TYR D 67 14.90 -23.76 41.33
C TYR D 67 14.79 -22.34 40.85
N THR D 68 15.03 -21.40 41.76
CA THR D 68 15.03 -20.01 41.37
C THR D 68 16.45 -19.46 41.50
N GLY D 69 16.93 -18.80 40.46
CA GLY D 69 18.25 -18.16 40.48
C GLY D 69 18.16 -16.66 40.71
N GLY D 70 18.76 -16.20 41.79
CA GLY D 70 18.70 -14.79 42.13
C GLY D 70 20.03 -14.09 42.04
N LYS D 71 20.40 -13.39 43.12
CA LYS D 71 21.68 -12.73 43.25
C LYS D 71 22.37 -13.39 44.39
N GLY D 72 23.35 -14.22 44.05
CA GLY D 72 24.15 -14.89 45.05
C GLY D 72 23.58 -16.21 45.58
N CYS D 73 22.40 -16.63 45.10
CA CYS D 73 21.65 -17.72 45.76
C CYS D 73 20.67 -18.38 44.78
N VAL D 74 20.60 -19.72 44.77
CA VAL D 74 19.51 -20.47 44.12
C VAL D 74 18.67 -21.04 45.20
N LYS D 75 17.37 -20.79 45.16
CA LYS D 75 16.52 -21.36 46.16
C LYS D 75 15.76 -22.55 45.58
N VAL D 76 15.47 -23.51 46.45
CA VAL D 76 14.79 -24.74 46.03
C VAL D 76 13.44 -24.77 46.75
N TRP D 77 12.37 -24.99 45.99
CA TRP D 77 11.01 -24.86 46.48
C TRP D 77 10.27 -26.18 46.21
N ASP D 78 9.48 -26.67 47.18
CA ASP D 78 8.69 -27.87 46.95
C ASP D 78 7.26 -27.49 46.64
N ILE D 79 6.89 -27.65 45.37
CA ILE D 79 5.58 -27.23 44.88
C ILE D 79 4.53 -28.34 44.91
N SER D 80 4.90 -29.51 45.42
CA SER D 80 3.92 -30.58 45.64
C SER D 80 2.93 -30.20 46.74
N HIS D 81 1.97 -29.32 46.35
CA HIS D 81 0.99 -28.56 47.18
C HIS D 81 0.96 -27.04 46.84
N PRO D 82 -0.25 -26.44 46.69
CA PRO D 82 -0.25 -25.00 46.47
C PRO D 82 0.07 -24.15 47.72
N GLY D 83 -0.14 -22.84 47.59
CA GLY D 83 0.17 -21.87 48.63
C GLY D 83 1.55 -21.27 48.43
N ASN D 84 2.16 -20.81 49.52
CA ASN D 84 3.53 -20.27 49.42
C ASN D 84 4.60 -21.04 50.21
N LYS D 85 5.82 -20.58 50.06
CA LYS D 85 6.96 -21.35 50.49
C LYS D 85 7.69 -20.37 51.40
N SER D 86 8.75 -20.71 52.14
CA SER D 86 9.85 -21.63 51.79
C SER D 86 11.05 -20.81 51.37
N PRO D 87 11.96 -21.39 50.64
CA PRO D 87 12.30 -22.65 50.06
C PRO D 87 12.51 -23.78 51.07
N VAL D 88 12.68 -24.98 50.54
CA VAL D 88 13.06 -26.09 51.40
C VAL D 88 14.58 -26.14 51.54
N SER D 89 15.30 -25.48 50.61
CA SER D 89 16.75 -25.48 50.63
C SER D 89 17.29 -24.31 49.82
N GLN D 90 18.58 -24.07 49.89
CA GLN D 90 19.14 -22.95 49.14
C GLN D 90 20.61 -23.24 48.91
N LEU D 91 21.12 -22.71 47.80
CA LEU D 91 22.48 -22.94 47.35
C LEU D 91 23.14 -21.58 47.33
N ASP D 92 24.01 -21.33 48.29
CA ASP D 92 24.64 -20.03 48.41
C ASP D 92 25.91 -19.95 47.58
N CYS D 93 25.97 -18.96 46.71
CA CYS D 93 27.15 -18.73 45.87
C CYS D 93 28.20 -17.94 46.64
N LEU D 94 29.45 -18.09 46.22
CA LEU D 94 30.61 -17.46 46.86
C LEU D 94 30.51 -15.94 46.92
N ASN D 95 30.22 -15.30 45.79
CA ASN D 95 29.91 -13.86 45.76
C ASN D 95 28.39 -13.61 45.74
N ARG D 96 27.89 -13.14 46.86
CA ARG D 96 26.47 -12.86 47.07
C ARG D 96 26.02 -11.60 46.33
N ASP D 97 26.94 -10.97 45.61
CA ASP D 97 26.56 -9.83 44.78
C ASP D 97 26.40 -10.17 43.31
N ASN D 98 26.75 -11.37 42.89
CA ASN D 98 26.66 -11.72 41.46
C ASN D 98 25.35 -12.43 41.05
N TYR D 99 24.67 -11.92 40.01
CA TYR D 99 23.41 -12.55 39.54
C TYR D 99 23.64 -13.87 38.85
N ILE D 100 22.76 -14.82 39.14
CA ILE D 100 22.69 -16.05 38.42
C ILE D 100 21.92 -15.77 37.12
N ARG D 101 22.43 -16.32 36.01
CA ARG D 101 21.80 -16.08 34.71
C ARG D 101 21.15 -17.32 34.13
N SER D 102 21.55 -18.48 34.66
CA SER D 102 21.02 -19.73 34.15
C SER D 102 21.22 -20.85 35.14
N CYS D 103 20.25 -21.75 35.27
CA CYS D 103 20.51 -23.02 36.00
C CYS D 103 19.77 -24.15 35.37
N LYS D 104 20.46 -25.29 35.23
CA LYS D 104 19.89 -26.42 34.53
C LYS D 104 20.17 -27.69 35.31
N LEU D 105 19.14 -28.53 35.39
CA LEU D 105 19.23 -29.86 35.94
C LEU D 105 19.60 -30.93 34.93
N LEU D 106 20.39 -31.89 35.40
CA LEU D 106 20.58 -33.16 34.70
C LEU D 106 19.31 -34.04 34.84
N PRO D 107 18.99 -34.87 33.83
CA PRO D 107 17.86 -35.83 33.87
C PRO D 107 17.54 -36.57 35.20
N ASP D 108 18.56 -36.94 35.96
CA ASP D 108 18.34 -37.61 37.26
C ASP D 108 18.09 -36.63 38.43
N GLY D 109 17.78 -35.37 38.10
CA GLY D 109 17.47 -34.36 39.10
C GLY D 109 18.33 -34.27 40.35
N CYS D 110 19.53 -34.88 40.33
CA CYS D 110 20.51 -34.81 41.45
C CYS D 110 21.66 -33.84 41.23
N THR D 111 21.71 -33.24 40.05
CA THR D 111 22.80 -32.32 39.72
C THR D 111 22.24 -31.05 39.06
N LEU D 112 22.66 -29.90 39.59
CA LEU D 112 22.29 -28.62 39.03
C LEU D 112 23.53 -27.88 38.56
N ILE D 113 23.47 -27.35 37.35
CA ILE D 113 24.55 -26.53 36.84
C ILE D 113 24.14 -25.08 36.88
N VAL D 114 24.98 -24.23 37.46
CA VAL D 114 24.63 -22.83 37.70
C VAL D 114 25.69 -21.93 37.07
N GLY D 115 25.22 -20.98 36.23
CA GLY D 115 26.06 -19.97 35.61
C GLY D 115 25.53 -18.55 35.87
N GLY D 116 26.43 -17.57 35.82
CA GLY D 116 26.00 -16.17 35.82
C GLY D 116 27.11 -15.16 35.69
N GLU D 117 26.93 -14.01 36.36
CA GLU D 117 27.85 -12.89 36.26
C GLU D 117 29.09 -13.18 37.09
N ALA D 118 29.76 -14.28 36.77
CA ALA D 118 30.97 -14.73 37.47
C ALA D 118 31.70 -15.69 36.54
N SER D 119 33.01 -15.84 36.77
CA SER D 119 33.90 -16.57 35.88
C SER D 119 33.71 -18.09 35.94
N THR D 120 33.03 -18.56 36.98
CA THR D 120 32.84 -20.00 37.26
C THR D 120 31.41 -20.55 37.02
N LEU D 121 31.32 -21.74 36.43
CA LEU D 121 30.09 -22.53 36.44
C LEU D 121 30.16 -23.46 37.64
N SER D 122 29.09 -23.48 38.46
CA SER D 122 29.02 -24.32 39.65
C SER D 122 28.18 -25.57 39.45
N ILE D 123 28.78 -26.73 39.70
CA ILE D 123 28.05 -27.97 39.66
C ILE D 123 27.68 -28.37 41.09
N TRP D 124 26.39 -28.53 41.33
CA TRP D 124 25.88 -28.76 42.67
C TRP D 124 25.36 -30.16 42.76
N ASP D 125 25.81 -30.92 43.77
CA ASP D 125 25.26 -32.25 44.06
C ASP D 125 23.97 -32.12 44.91
N LEU D 126 22.84 -32.66 44.44
CA LEU D 126 21.51 -32.37 45.07
C LEU D 126 21.03 -33.01 46.43
N ALA D 127 21.25 -34.28 46.75
CA ALA D 127 21.14 -35.48 45.91
C ALA D 127 20.33 -36.55 46.69
N ALA D 128 20.65 -36.93 47.96
CA ALA D 128 21.64 -36.38 48.94
C ALA D 128 21.19 -35.13 49.74
N PRO D 129 20.34 -35.32 50.79
CA PRO D 129 19.45 -34.32 51.40
C PRO D 129 19.22 -32.90 50.82
N THR D 130 19.90 -31.77 51.16
CA THR D 130 21.28 -31.40 51.67
C THR D 130 22.45 -31.07 50.65
N PRO D 131 22.24 -30.05 49.78
CA PRO D 131 23.15 -29.64 48.68
C PRO D 131 24.61 -29.37 49.05
N ARG D 132 25.52 -29.70 48.11
CA ARG D 132 26.98 -29.49 48.19
C ARG D 132 27.59 -29.18 46.79
N ILE D 133 28.46 -28.16 46.71
CA ILE D 133 29.19 -27.89 45.45
C ILE D 133 30.19 -28.99 45.16
N LYS D 134 29.90 -29.70 44.07
CA LYS D 134 30.66 -30.82 43.51
C LYS D 134 31.91 -30.32 42.79
N ALA D 135 31.71 -29.37 41.88
CA ALA D 135 32.79 -28.84 41.07
C ALA D 135 32.54 -27.40 40.66
N GLU D 136 33.62 -26.70 40.33
CA GLU D 136 33.55 -25.39 39.73
C GLU D 136 34.38 -25.41 38.47
N LEU D 137 33.81 -24.92 37.38
CA LEU D 137 34.41 -24.93 36.04
C LEU D 137 34.76 -23.51 35.64
N THR D 138 36.05 -23.21 35.63
CA THR D 138 36.48 -21.83 35.45
C THR D 138 36.61 -21.44 33.97
N SER D 139 36.03 -20.28 33.63
CA SER D 139 36.11 -19.70 32.29
C SER D 139 37.11 -18.55 32.31
N SER D 140 37.67 -18.25 31.14
CA SER D 140 38.33 -16.97 30.95
C SER D 140 37.32 -15.82 30.77
N ALA D 141 36.12 -16.08 30.23
CA ALA D 141 35.10 -15.02 30.12
C ALA D 141 34.53 -14.62 31.48
N PRO D 142 34.28 -13.31 31.70
CA PRO D 142 33.72 -12.78 32.97
C PRO D 142 32.34 -13.30 33.40
N ALA D 143 31.55 -13.84 32.47
CA ALA D 143 30.14 -14.16 32.78
C ALA D 143 29.52 -15.20 31.84
N CYS D 144 28.54 -15.94 32.35
CA CYS D 144 27.76 -16.86 31.52
C CYS D 144 26.31 -16.33 31.43
N TYR D 145 25.76 -16.34 30.21
CA TYR D 145 24.43 -15.74 30.03
C TYR D 145 23.33 -16.77 29.82
N ALA D 146 23.73 -17.98 29.43
CA ALA D 146 22.80 -19.07 29.16
C ALA D 146 23.53 -20.41 29.09
N LEU D 147 22.81 -21.47 29.46
CA LEU D 147 23.31 -22.85 29.40
C LEU D 147 22.37 -23.78 28.67
N ALA D 148 22.94 -24.81 28.02
CA ALA D 148 22.12 -25.92 27.51
C ALA D 148 22.85 -27.19 27.85
N ILE D 149 22.09 -28.28 28.04
CA ILE D 149 22.64 -29.59 28.33
C ILE D 149 22.36 -30.50 27.11
N SER D 150 23.38 -31.27 26.67
CA SER D 150 23.20 -32.19 25.54
C SER D 150 22.10 -33.22 25.87
N PRO D 151 21.43 -33.77 24.85
CA PRO D 151 20.42 -34.78 25.22
C PRO D 151 20.95 -36.06 25.92
N ASP D 152 22.25 -36.33 25.86
CA ASP D 152 22.76 -37.53 26.55
C ASP D 152 23.27 -37.18 27.94
N SER D 153 23.18 -35.88 28.27
CA SER D 153 23.60 -35.34 29.57
C SER D 153 25.12 -35.32 29.86
N LYS D 154 25.93 -35.60 28.84
CA LYS D 154 27.36 -35.66 29.03
C LYS D 154 28.04 -34.30 28.85
N VAL D 155 27.33 -33.34 28.28
CA VAL D 155 27.93 -32.07 27.87
C VAL D 155 27.06 -30.87 28.27
N CYS D 156 27.71 -29.82 28.74
CA CYS D 156 27.05 -28.54 28.94
C CYS D 156 27.64 -27.51 27.98
N PHE D 157 26.75 -26.74 27.35
CA PHE D 157 27.14 -25.63 26.50
C PHE D 157 26.88 -24.35 27.28
N SER D 158 27.91 -23.51 27.41
CA SER D 158 27.79 -22.22 28.12
C SER D 158 27.96 -21.01 27.17
N CYS D 159 26.99 -20.12 27.16
CA CYS D 159 27.04 -18.87 26.41
C CYS D 159 27.89 -17.88 27.16
N CYS D 160 29.11 -17.68 26.69
CA CYS D 160 30.04 -16.77 27.36
C CYS D 160 29.81 -15.29 26.98
N SER D 161 30.12 -14.39 27.91
CA SER D 161 29.96 -12.96 27.70
C SER D 161 30.95 -12.37 26.69
N ASP D 162 32.01 -13.12 26.37
CA ASP D 162 32.92 -12.78 25.23
C ASP D 162 32.39 -13.30 23.87
N GLY D 163 31.21 -13.95 23.88
CA GLY D 163 30.57 -14.42 22.66
C GLY D 163 30.85 -15.87 22.31
N ASN D 164 31.83 -16.48 22.97
CA ASN D 164 32.13 -17.91 22.70
C ASN D 164 31.07 -18.85 23.34
N ILE D 165 30.76 -19.96 22.66
CA ILE D 165 30.04 -21.02 23.31
C ILE D 165 31.09 -22.02 23.80
N ALA D 166 31.24 -22.12 25.12
CA ALA D 166 32.08 -23.12 25.78
C ALA D 166 31.34 -24.46 25.94
N VAL D 167 32.01 -25.52 25.51
CA VAL D 167 31.53 -26.90 25.64
C VAL D 167 32.29 -27.62 26.77
N TRP D 168 31.56 -27.97 27.82
CA TRP D 168 32.14 -28.66 28.95
C TRP D 168 31.76 -30.15 29.00
N ASP D 169 32.76 -31.01 29.23
CA ASP D 169 32.54 -32.42 29.56
C ASP D 169 32.23 -32.49 31.04
N LEU D 170 31.01 -32.91 31.37
CA LEU D 170 30.53 -32.86 32.79
C LEU D 170 31.21 -33.84 33.76
N HIS D 171 31.18 -35.12 33.43
CA HIS D 171 31.88 -36.15 34.21
C HIS D 171 33.38 -35.81 34.46
N ASN D 172 34.09 -35.39 33.41
CA ASN D 172 35.51 -35.07 33.53
C ASN D 172 35.84 -33.61 33.88
N GLN D 173 34.82 -32.75 33.91
CA GLN D 173 34.94 -31.36 34.40
C GLN D 173 35.96 -30.59 33.60
N THR D 174 35.81 -30.68 32.28
CA THR D 174 36.86 -30.24 31.40
C THR D 174 36.31 -29.57 30.13
N LEU D 175 36.98 -28.49 29.71
CA LEU D 175 36.57 -27.76 28.53
C LEU D 175 37.10 -28.51 27.30
N VAL D 176 36.17 -28.93 26.45
CA VAL D 176 36.49 -29.77 25.31
C VAL D 176 36.53 -29.05 23.93
N ARG D 177 35.81 -27.94 23.76
CA ARG D 177 35.88 -27.13 22.56
C ARG D 177 35.10 -25.82 22.73
N GLN D 178 35.28 -24.89 21.79
CA GLN D 178 34.56 -23.61 21.79
C GLN D 178 33.96 -23.33 20.40
N PHE D 179 32.70 -22.87 20.35
CA PHE D 179 32.09 -22.36 19.11
C PHE D 179 32.32 -20.86 19.08
N GLN D 180 33.11 -20.41 18.12
CA GLN D 180 33.55 -19.02 18.09
C GLN D 180 32.91 -18.32 16.89
N GLY D 181 32.42 -17.12 17.12
CA GLY D 181 31.70 -16.40 16.06
C GLY D 181 30.98 -15.16 16.59
N HIS D 182 30.10 -15.35 17.59
CA HIS D 182 29.40 -14.19 18.21
C HIS D 182 30.39 -13.11 18.70
N THR D 183 29.99 -11.85 18.55
CA THR D 183 30.86 -10.74 18.99
C THR D 183 30.59 -10.03 20.36
N ASP D 184 29.39 -9.78 20.84
CA ASP D 184 29.47 -9.65 22.34
C ASP D 184 28.97 -10.95 22.93
N GLY D 185 28.48 -10.90 24.16
CA GLY D 185 27.92 -12.08 24.77
C GLY D 185 26.97 -12.79 23.83
N ALA D 186 27.01 -14.10 23.87
CA ALA D 186 25.94 -14.95 23.41
C ALA D 186 24.89 -14.92 24.57
N SER D 187 23.60 -14.77 24.25
CA SER D 187 22.58 -14.52 25.28
C SER D 187 21.60 -15.67 25.52
N CYS D 188 21.57 -16.62 24.59
CA CYS D 188 20.56 -17.66 24.61
C CYS D 188 20.99 -18.73 23.63
N ILE D 189 20.43 -19.93 23.81
CA ILE D 189 20.91 -21.15 23.19
C ILE D 189 19.83 -22.26 23.24
N ASP D 190 19.79 -23.09 22.21
CA ASP D 190 18.99 -24.28 22.24
C ASP D 190 19.60 -25.26 21.22
N ILE D 191 19.11 -26.49 21.26
CA ILE D 191 19.60 -27.56 20.38
C ILE D 191 18.43 -28.05 19.51
N SER D 192 18.72 -28.28 18.22
CA SER D 192 17.70 -28.77 17.27
C SER D 192 17.07 -30.07 17.78
N ASN D 193 15.88 -30.43 17.27
CA ASN D 193 15.17 -31.61 17.82
C ASN D 193 15.79 -32.96 17.41
N ASP D 194 16.60 -32.97 16.35
CA ASP D 194 17.34 -34.20 15.98
C ASP D 194 18.63 -34.31 16.76
N GLY D 195 18.93 -33.25 17.53
CA GLY D 195 20.11 -33.21 18.42
C GLY D 195 21.45 -32.99 17.75
N THR D 196 21.42 -32.62 16.48
CA THR D 196 22.68 -32.47 15.71
C THR D 196 23.13 -31.02 15.48
N LYS D 197 22.22 -30.05 15.71
CA LYS D 197 22.50 -28.63 15.46
C LYS D 197 22.38 -27.84 16.76
N LEU D 198 23.31 -26.91 16.96
CA LEU D 198 23.20 -25.94 18.05
C LEU D 198 22.69 -24.65 17.46
N TRP D 199 21.76 -23.99 18.16
CA TRP D 199 21.30 -22.64 17.80
C TRP D 199 21.58 -21.65 18.90
N THR D 200 22.05 -20.45 18.55
CA THR D 200 22.44 -19.44 19.53
C THR D 200 22.04 -18.04 19.09
N GLY D 201 21.74 -17.20 20.09
CA GLY D 201 21.40 -15.82 19.86
C GLY D 201 22.43 -14.91 20.53
N GLY D 202 22.60 -13.75 19.94
CA GLY D 202 23.61 -12.80 20.39
C GLY D 202 23.18 -11.40 20.68
N LEU D 203 23.91 -10.80 21.59
CA LEU D 203 23.87 -9.34 21.81
C LEU D 203 24.40 -8.60 20.56
N ASP D 204 25.20 -9.31 19.76
CA ASP D 204 25.60 -8.85 18.43
C ASP D 204 24.47 -8.81 17.37
N ASN D 205 23.23 -9.06 17.79
CA ASN D 205 22.06 -8.98 16.86
C ASN D 205 21.99 -10.11 15.82
N THR D 206 22.67 -11.22 16.10
CA THR D 206 22.60 -12.36 15.20
C THR D 206 22.03 -13.58 15.88
N VAL D 207 21.44 -14.45 15.04
CA VAL D 207 21.17 -15.82 15.42
C VAL D 207 22.07 -16.69 14.52
N ARG D 208 22.70 -17.69 15.12
CA ARG D 208 23.59 -18.58 14.38
C ARG D 208 23.23 -20.01 14.63
N SER D 209 23.64 -20.84 13.69
CA SER D 209 23.41 -22.27 13.68
C SER D 209 24.78 -22.92 13.61
N TRP D 210 24.97 -24.04 14.32
CA TRP D 210 26.27 -24.69 14.39
C TRP D 210 26.13 -26.21 14.22
N ASP D 211 27.08 -26.80 13.53
CA ASP D 211 27.15 -28.26 13.45
C ASP D 211 27.77 -28.85 14.73
N LEU D 212 27.03 -29.68 15.45
CA LEU D 212 27.59 -30.37 16.64
C LEU D 212 28.54 -31.55 16.31
N ARG D 213 28.73 -31.84 15.03
CA ARG D 213 29.73 -32.84 14.61
C ARG D 213 30.98 -32.10 14.15
N GLU D 214 30.85 -31.31 13.07
CA GLU D 214 31.91 -30.46 12.52
C GLU D 214 32.50 -29.49 13.56
N GLY D 215 31.64 -28.68 14.18
CA GLY D 215 32.05 -27.56 15.07
C GLY D 215 31.98 -26.23 14.34
N ARG D 216 31.45 -26.27 13.13
CA ARG D 216 31.45 -25.14 12.23
C ARG D 216 30.11 -24.40 12.31
N GLN D 217 30.16 -23.08 12.13
CA GLN D 217 28.95 -22.31 11.99
C GLN D 217 28.32 -22.63 10.63
N LEU D 218 27.02 -22.91 10.64
CA LEU D 218 26.30 -23.18 9.40
C LEU D 218 25.59 -21.94 8.88
N GLN D 219 24.58 -21.48 9.63
CA GLN D 219 23.77 -20.36 9.20
C GLN D 219 24.02 -19.16 10.09
N GLN D 220 23.63 -18.00 9.55
CA GLN D 220 23.59 -16.77 10.29
C GLN D 220 22.36 -15.98 9.89
N HIS D 221 21.62 -15.48 10.89
CA HIS D 221 20.51 -14.55 10.66
C HIS D 221 20.78 -13.20 11.34
N ASP D 222 20.78 -12.13 10.56
CA ASP D 222 21.09 -10.83 11.11
C ASP D 222 19.81 -10.05 11.39
N PHE D 223 19.67 -9.56 12.62
CA PHE D 223 18.51 -8.79 13.02
C PHE D 223 18.93 -7.36 13.25
N THR D 224 17.96 -6.50 13.48
CA THR D 224 18.24 -5.08 13.71
C THR D 224 18.16 -4.68 15.21
N SER D 225 18.02 -5.68 16.09
CA SER D 225 18.13 -5.43 17.52
C SER D 225 18.74 -6.64 18.25
N GLN D 226 19.19 -6.46 19.51
CA GLN D 226 19.74 -7.56 20.32
C GLN D 226 18.77 -8.73 20.48
N ILE D 227 19.32 -9.95 20.44
CA ILE D 227 18.55 -11.18 20.73
C ILE D 227 18.71 -11.52 22.21
N PHE D 228 17.57 -11.68 22.90
CA PHE D 228 17.57 -12.04 24.32
C PHE D 228 17.17 -13.48 24.59
N SER D 229 16.39 -14.07 23.69
CA SER D 229 15.86 -15.42 23.92
C SER D 229 15.62 -16.16 22.61
N LEU D 230 15.59 -17.47 22.71
CA LEU D 230 15.38 -18.33 21.59
C LEU D 230 14.88 -19.71 22.07
N GLY D 231 14.16 -20.39 21.18
CA GLY D 231 13.65 -21.73 21.46
C GLY D 231 13.48 -22.44 20.14
N TYR D 232 13.85 -23.72 20.12
CA TYR D 232 13.74 -24.56 18.92
C TYR D 232 12.54 -25.44 19.15
N CYS D 233 11.58 -25.42 18.23
CA CYS D 233 10.39 -26.26 18.39
C CYS D 233 10.75 -27.75 18.53
N PRO D 234 10.29 -28.43 19.61
CA PRO D 234 10.68 -29.83 19.87
C PRO D 234 10.20 -30.84 18.84
N THR D 235 9.24 -30.45 18.01
CA THR D 235 8.79 -31.28 16.85
C THR D 235 9.41 -30.76 15.52
N GLY D 236 10.40 -29.85 15.63
CA GLY D 236 11.14 -29.33 14.48
C GLY D 236 10.55 -28.12 13.77
N GLU D 237 11.26 -27.69 12.72
CA GLU D 237 10.80 -26.75 11.70
C GLU D 237 10.82 -25.25 12.07
N TRP D 238 10.71 -24.94 13.36
CA TRP D 238 10.48 -23.57 13.79
C TRP D 238 11.41 -23.15 14.91
N LEU D 239 11.86 -21.91 14.84
CA LEU D 239 12.72 -21.36 15.84
C LEU D 239 12.15 -19.98 16.21
N ALA D 240 11.72 -19.87 17.47
CA ALA D 240 11.22 -18.63 18.05
C ALA D 240 12.38 -17.82 18.63
N VAL D 241 12.36 -16.53 18.34
CA VAL D 241 13.42 -15.60 18.73
C VAL D 241 12.75 -14.37 19.35
N GLY D 242 13.25 -14.01 20.53
CA GLY D 242 12.70 -12.94 21.32
C GLY D 242 13.71 -11.81 21.26
N MET D 243 13.21 -10.65 20.84
CA MET D 243 14.08 -9.53 20.51
C MET D 243 13.96 -8.31 21.40
N GLU D 244 15.06 -7.58 21.50
CA GLU D 244 15.02 -6.29 22.22
C GLU D 244 13.91 -5.32 21.71
N SER D 245 13.61 -5.42 20.41
CA SER D 245 12.66 -4.56 19.70
C SER D 245 11.22 -4.75 20.19
N SER D 246 10.97 -5.86 20.89
CA SER D 246 9.64 -6.26 21.36
C SER D 246 9.01 -7.40 20.53
N ASN D 247 9.53 -7.64 19.33
CA ASN D 247 8.97 -8.68 18.44
C ASN D 247 9.36 -10.08 18.91
N VAL D 248 8.46 -11.02 18.72
CA VAL D 248 8.80 -12.44 18.69
C VAL D 248 8.77 -12.83 17.20
N GLU D 249 9.87 -13.40 16.74
CA GLU D 249 9.95 -13.85 15.36
C GLU D 249 9.98 -15.37 15.39
N VAL D 250 9.13 -16.01 14.62
CA VAL D 250 9.21 -17.44 14.47
C VAL D 250 9.78 -17.74 13.08
N LEU D 251 11.05 -18.18 13.09
CA LEU D 251 11.80 -18.43 11.86
C LEU D 251 11.52 -19.85 11.38
N HIS D 252 11.27 -19.99 10.09
CA HIS D 252 11.10 -21.29 9.45
C HIS D 252 12.48 -21.87 9.17
N VAL D 253 12.88 -22.91 9.90
CA VAL D 253 14.23 -23.47 9.73
C VAL D 253 14.49 -23.93 8.28
N ASN D 254 15.57 -23.38 7.71
CA ASN D 254 16.07 -23.74 6.38
C ASN D 254 15.19 -23.20 5.22
N LYS D 255 14.24 -22.33 5.59
CA LYS D 255 13.22 -21.79 4.70
C LYS D 255 13.23 -20.26 4.76
N PRO D 256 12.66 -19.61 3.75
CA PRO D 256 12.82 -18.14 3.61
C PRO D 256 11.83 -17.27 4.38
N ASP D 257 10.76 -17.87 4.88
CA ASP D 257 9.63 -17.14 5.48
C ASP D 257 9.68 -17.18 7.02
N LYS D 258 8.87 -16.36 7.68
CA LYS D 258 8.81 -16.32 9.14
C LYS D 258 7.49 -15.67 9.54
N TYR D 259 7.16 -15.80 10.82
CA TYR D 259 6.08 -15.04 11.45
C TYR D 259 6.69 -13.97 12.36
N GLN D 260 6.02 -12.82 12.44
CA GLN D 260 6.36 -11.80 13.41
C GLN D 260 5.13 -11.51 14.28
N LEU D 261 5.33 -11.54 15.59
CA LEU D 261 4.24 -11.48 16.55
C LEU D 261 4.46 -10.26 17.42
N HIS D 262 3.38 -9.49 17.57
CA HIS D 262 3.42 -8.18 18.20
C HIS D 262 2.43 -8.04 19.37
N LEU D 263 2.74 -8.65 20.51
CA LEU D 263 1.92 -8.41 21.72
C LEU D 263 2.78 -7.97 22.93
N HIS D 264 4.03 -7.56 22.67
CA HIS D 264 4.89 -7.01 23.74
C HIS D 264 5.16 -5.54 23.41
N GLU D 265 5.22 -4.71 24.47
CA GLU D 265 5.52 -3.27 24.34
C GLU D 265 6.98 -2.98 24.67
N SER D 266 7.71 -4.01 25.07
CA SER D 266 9.08 -3.88 25.48
C SER D 266 9.90 -5.14 25.11
N CYS D 267 11.15 -5.21 25.54
CA CYS D 267 12.07 -6.34 25.30
C CYS D 267 11.41 -7.67 25.62
N VAL D 268 11.59 -8.64 24.73
CA VAL D 268 11.22 -10.02 24.99
C VAL D 268 12.38 -10.71 25.67
N LEU D 269 12.25 -10.96 26.98
CA LEU D 269 13.38 -11.37 27.80
C LEU D 269 13.67 -12.85 27.82
N SER D 270 12.61 -13.65 27.66
CA SER D 270 12.73 -15.12 27.71
C SER D 270 11.61 -15.73 26.90
N LEU D 271 11.78 -17.01 26.56
CA LEU D 271 10.86 -17.73 25.70
C LEU D 271 11.04 -19.19 25.96
N LYS D 272 9.97 -19.97 25.86
CA LYS D 272 10.11 -21.42 26.00
C LYS D 272 9.00 -22.19 25.30
N PHE D 273 9.36 -23.22 24.53
CA PHE D 273 8.33 -24.10 23.96
C PHE D 273 7.75 -25.05 24.96
N ALA D 274 6.46 -25.36 24.82
CA ALA D 274 5.93 -26.58 25.43
C ALA D 274 6.63 -27.79 24.85
N TYR D 275 6.76 -28.83 25.67
CA TYR D 275 7.44 -30.06 25.24
C TYR D 275 6.70 -30.73 24.10
N CYS D 276 5.36 -30.58 24.05
CA CYS D 276 4.56 -31.08 22.90
C CYS D 276 4.79 -30.25 21.64
N GLY D 277 5.43 -29.08 21.80
CA GLY D 277 5.83 -28.19 20.68
C GLY D 277 4.67 -27.38 20.03
N LYS D 278 3.43 -27.58 20.51
CA LYS D 278 2.22 -26.97 19.89
C LYS D 278 1.97 -25.51 20.27
N TRP D 279 2.69 -25.04 21.28
CA TRP D 279 2.54 -23.68 21.78
C TRP D 279 3.83 -23.38 22.54
N PHE D 280 4.02 -22.10 22.87
CA PHE D 280 5.17 -21.67 23.61
C PHE D 280 4.77 -20.37 24.29
N VAL D 281 5.65 -19.91 25.19
CA VAL D 281 5.43 -18.67 25.87
C VAL D 281 6.58 -17.74 25.66
N SER D 282 6.31 -16.45 25.81
CA SER D 282 7.36 -15.44 25.82
C SER D 282 7.10 -14.55 26.99
N THR D 283 8.18 -13.93 27.47
CA THR D 283 8.07 -13.04 28.63
C THR D 283 8.65 -11.69 28.32
N GLY D 284 8.02 -10.65 28.83
CA GLY D 284 8.51 -9.30 28.54
C GLY D 284 8.90 -8.46 29.74
N LYS D 285 9.81 -7.53 29.45
CA LYS D 285 10.09 -6.41 30.33
C LYS D 285 8.82 -5.58 30.53
N ASP D 286 7.85 -5.75 29.66
CA ASP D 286 6.52 -5.09 29.81
C ASP D 286 5.56 -5.81 30.81
N ASN D 287 6.05 -6.83 31.50
CA ASN D 287 5.31 -7.49 32.60
C ASN D 287 4.43 -8.62 32.08
N LEU D 288 4.52 -8.92 30.79
CA LEU D 288 3.59 -9.88 30.22
C LEU D 288 4.21 -11.25 30.04
N LEU D 289 3.42 -12.26 30.41
CA LEU D 289 3.61 -13.65 29.98
C LEU D 289 2.58 -13.89 28.88
N ASN D 290 3.06 -14.07 27.64
CA ASN D 290 2.21 -14.30 26.48
C ASN D 290 2.32 -15.75 25.99
N ALA D 291 1.19 -16.42 25.78
CA ALA D 291 1.17 -17.77 25.20
C ALA D 291 0.74 -17.77 23.74
N TRP D 292 1.45 -18.55 22.93
CA TRP D 292 1.37 -18.50 21.47
C TRP D 292 1.23 -19.87 20.86
N ARG D 293 0.33 -20.00 19.88
CA ARG D 293 0.25 -21.20 19.04
C ARG D 293 1.42 -21.32 18.05
N THR D 294 1.99 -22.51 17.99
CA THR D 294 3.06 -22.81 17.07
C THR D 294 2.42 -23.17 15.70
N PRO D 295 2.96 -22.61 14.60
CA PRO D 295 4.02 -21.60 14.41
C PRO D 295 3.58 -20.14 14.21
N TYR D 296 2.30 -19.93 13.87
CA TYR D 296 1.81 -18.64 13.41
C TYR D 296 1.45 -17.67 14.54
N GLY D 297 1.54 -18.12 15.78
CA GLY D 297 1.40 -17.20 16.92
C GLY D 297 0.00 -16.63 17.19
N ALA D 298 -1.05 -17.42 17.00
CA ALA D 298 -2.35 -17.08 17.61
C ALA D 298 -2.16 -16.95 19.14
N SER D 299 -2.82 -15.96 19.74
CA SER D 299 -2.68 -15.67 21.18
C SER D 299 -3.60 -16.54 22.03
N ILE D 300 -2.99 -17.49 22.74
CA ILE D 300 -3.70 -18.50 23.52
C ILE D 300 -4.10 -17.98 24.91
N PHE D 301 -3.22 -17.21 25.53
CA PHE D 301 -3.59 -16.45 26.76
C PHE D 301 -2.55 -15.36 26.93
N GLN D 302 -2.83 -14.40 27.82
CA GLN D 302 -1.85 -13.46 28.26
C GLN D 302 -2.06 -13.35 29.77
N SER D 303 -0.97 -13.20 30.51
CA SER D 303 -1.07 -12.91 31.94
C SER D 303 -0.19 -11.72 32.23
N LYS D 304 -0.77 -10.71 32.84
CA LYS D 304 -0.01 -9.52 33.17
C LYS D 304 0.47 -9.61 34.62
N GLU D 305 1.78 -9.68 34.83
CA GLU D 305 2.30 -9.79 36.19
C GLU D 305 2.61 -8.40 36.77
N SER D 306 2.98 -8.36 38.06
CA SER D 306 3.31 -7.11 38.72
C SER D 306 4.56 -6.34 38.22
N SER D 307 5.51 -7.04 37.60
CA SER D 307 6.78 -6.40 37.23
C SER D 307 7.30 -7.09 35.98
N SER D 308 8.47 -6.64 35.53
CA SER D 308 9.29 -7.27 34.47
C SER D 308 9.35 -8.83 34.58
N VAL D 309 9.16 -9.58 33.50
CA VAL D 309 9.21 -11.05 33.61
C VAL D 309 10.49 -11.43 32.87
N LEU D 310 11.51 -11.82 33.63
CA LEU D 310 12.90 -12.06 33.13
C LEU D 310 13.27 -13.44 32.61
N SER D 311 12.52 -14.46 33.09
CA SER D 311 12.83 -15.86 32.86
C SER D 311 11.54 -16.69 32.93
N CYS D 312 11.60 -17.86 32.32
CA CYS D 312 10.49 -18.82 32.44
C CYS D 312 11.04 -20.27 32.28
N ASP D 313 10.22 -21.24 32.69
CA ASP D 313 10.38 -22.65 32.31
C ASP D 313 9.00 -23.26 32.12
N ILE D 314 8.92 -24.33 31.34
CA ILE D 314 7.71 -25.16 31.32
C ILE D 314 8.14 -26.55 31.80
N SER D 315 7.33 -27.19 32.67
CA SER D 315 7.68 -28.54 33.13
C SER D 315 7.59 -29.54 31.96
N VAL D 316 8.25 -30.69 32.10
CA VAL D 316 8.33 -31.67 31.02
C VAL D 316 6.98 -32.28 30.70
N ASP D 317 6.08 -32.22 31.68
CA ASP D 317 4.73 -32.72 31.51
C ASP D 317 3.76 -31.68 30.94
N ASP D 318 4.26 -30.47 30.73
CA ASP D 318 3.48 -29.35 30.11
C ASP D 318 2.36 -28.86 31.02
N LYS D 319 2.45 -29.22 32.30
CA LYS D 319 1.40 -28.87 33.27
C LYS D 319 1.66 -27.59 34.07
N TYR D 320 2.91 -27.13 34.09
CA TYR D 320 3.27 -25.94 34.88
C TYR D 320 4.15 -25.02 34.12
N ILE D 321 3.95 -23.74 34.40
CA ILE D 321 4.86 -22.71 33.94
C ILE D 321 5.37 -21.98 35.16
N VAL D 322 6.66 -21.68 35.18
CA VAL D 322 7.20 -20.84 36.24
C VAL D 322 7.83 -19.65 35.53
N THR D 323 7.62 -18.46 36.06
CA THR D 323 8.27 -17.26 35.55
C THR D 323 9.03 -16.59 36.68
N GLY D 324 10.15 -15.93 36.33
CA GLY D 324 10.94 -15.13 37.26
C GLY D 324 10.68 -13.65 37.11
N SER D 325 10.64 -12.94 38.24
CA SER D 325 10.15 -11.55 38.25
C SER D 325 11.16 -10.48 38.69
N GLY D 326 11.02 -9.28 38.10
CA GLY D 326 11.67 -8.06 38.64
C GLY D 326 11.17 -7.71 40.03
N ASP D 327 10.04 -8.27 40.46
CA ASP D 327 9.55 -7.97 41.79
C ASP D 327 10.16 -8.95 42.80
N LYS D 328 11.25 -9.61 42.43
CA LYS D 328 12.05 -10.42 43.39
C LYS D 328 11.27 -11.64 43.89
N LYS D 329 10.59 -12.30 42.95
CA LYS D 329 9.77 -13.50 43.20
C LYS D 329 9.75 -14.33 41.90
N ALA D 330 9.21 -15.54 42.00
CA ALA D 330 8.80 -16.35 40.85
C ALA D 330 7.34 -16.72 41.08
N THR D 331 6.65 -17.03 39.97
CA THR D 331 5.23 -17.38 39.98
C THR D 331 5.11 -18.78 39.38
N VAL D 332 4.33 -19.64 40.05
CA VAL D 332 4.05 -20.91 39.48
C VAL D 332 2.61 -20.84 38.95
N TYR D 333 2.44 -21.27 37.71
CA TYR D 333 1.12 -21.34 37.08
C TYR D 333 0.80 -22.82 36.80
N GLU D 334 -0.40 -23.24 37.14
CA GLU D 334 -0.94 -24.49 36.65
C GLU D 334 -1.62 -24.27 35.30
N VAL D 335 -1.19 -25.03 34.28
CA VAL D 335 -1.78 -24.96 32.96
C VAL D 335 -3.09 -25.74 32.93
N ILE D 336 -4.19 -25.03 32.72
CA ILE D 336 -5.52 -25.64 32.67
C ILE D 336 -5.90 -25.98 31.22
N TYR D 337 -6.06 -27.27 30.93
CA TYR D 337 -6.46 -27.74 29.61
C TYR D 337 -7.94 -27.99 29.57
N MET E 1 -22.52 24.84 -12.13
CA MET E 1 -22.66 25.88 -13.21
C MET E 1 -21.48 26.86 -13.28
N PHE E 2 -20.96 27.04 -14.49
CA PHE E 2 -19.76 27.85 -14.75
C PHE E 2 -19.94 28.82 -15.93
N SER E 3 -19.88 30.12 -15.61
CA SER E 3 -19.69 31.15 -16.62
C SER E 3 -18.19 31.28 -16.92
N ILE E 4 -17.85 31.88 -18.06
CA ILE E 4 -16.45 32.13 -18.41
C ILE E 4 -15.73 33.05 -17.36
N ASP E 5 -16.41 34.05 -16.84
CA ASP E 5 -15.81 34.87 -15.76
C ASP E 5 -15.40 34.04 -14.53
N ASN E 6 -16.23 33.05 -14.13
CA ASN E 6 -15.88 32.11 -13.05
C ASN E 6 -14.62 31.31 -13.36
N ILE E 7 -14.52 30.86 -14.62
CA ILE E 7 -13.47 29.97 -15.12
C ILE E 7 -12.14 30.72 -15.13
N LEU E 8 -12.19 31.99 -15.53
CA LEU E 8 -11.03 32.88 -15.66
C LEU E 8 -10.63 33.50 -14.33
N ALA E 9 -11.55 34.24 -13.71
CA ALA E 9 -11.33 34.88 -12.40
C ALA E 9 -11.84 33.99 -11.25
N MET F 1 -45.08 -5.33 37.86
CA MET F 1 -45.27 -4.31 36.79
C MET F 1 -44.17 -3.26 36.81
N PHE F 2 -43.65 -2.95 35.61
CA PHE F 2 -42.45 -2.15 35.42
C PHE F 2 -42.63 -1.19 34.22
N SER F 3 -42.62 0.10 34.50
CA SER F 3 -42.54 1.09 33.44
C SER F 3 -41.04 1.35 33.14
N ILE F 4 -40.74 1.97 32.00
CA ILE F 4 -39.34 2.23 31.65
C ILE F 4 -38.63 3.09 32.70
N ASP F 5 -39.30 4.13 33.19
CA ASP F 5 -38.71 4.97 34.25
C ASP F 5 -38.30 4.20 35.54
N ASN F 6 -38.99 3.09 35.86
CA ASN F 6 -38.56 2.18 36.95
C ASN F 6 -37.29 1.38 36.64
N ILE F 7 -37.23 0.88 35.40
CA ILE F 7 -36.09 0.08 34.90
C ILE F 7 -34.80 0.92 34.90
N LEU F 8 -35.00 2.24 34.89
CA LEU F 8 -33.97 3.21 34.52
C LEU F 8 -33.46 3.97 35.75
N ALA F 9 -34.38 4.66 36.43
CA ALA F 9 -34.08 5.47 37.62
C ALA F 9 -34.91 5.02 38.83
#